data_6Q6E
#
_entry.id   6Q6E
#
_entity_poly.entity_id   1
_entity_poly.type   'polypeptide(L)'
_entity_poly.pdbx_seq_one_letter_code
;GHMRAVTPMKRVPILANFEEWMKMATDNKINAANSWNFALIDYFHDMSLLKEGDSVNFQKASCTLDGCVKIYTSRVDSVA
TETGKLLSGLADSRDSKKKDREDGGGSGGSLRKKINPKVMNMIDSVEKKEMSLKHMMKTVLKDKHKIEETIATLDEYKRK
ASGGSAGTRMFEDRKEKALKTMAKKDLKLQEITELLRDEIEPKLEKLRQEKRAFLDFQQTQ
;
_entity_poly.pdbx_strand_id   A
#
# COMPACT_ATOMS: atom_id res chain seq x y z
N GLY A 1 29.34 5.79 27.21
CA GLY A 1 30.01 7.00 26.68
C GLY A 1 31.48 6.77 26.39
N HIS A 2 31.75 6.23 25.21
CA HIS A 2 33.13 5.97 24.80
C HIS A 2 33.44 6.63 23.47
N MET A 3 34.66 7.10 23.32
CA MET A 3 35.12 7.66 22.06
C MET A 3 35.52 6.53 21.11
N ARG A 4 36.03 5.45 21.69
CA ARG A 4 36.41 4.28 20.92
C ARG A 4 35.28 3.26 20.94
N ALA A 5 34.70 3.02 19.77
CA ALA A 5 33.59 2.09 19.66
C ALA A 5 34.02 0.87 18.84
N VAL A 6 33.08 -0.05 18.62
CA VAL A 6 33.37 -1.24 17.85
C VAL A 6 33.51 -0.90 16.36
N THR A 7 34.28 -1.71 15.65
CA THR A 7 34.52 -1.50 14.23
C THR A 7 33.24 -1.65 13.41
N PRO A 8 33.13 -0.92 12.29
CA PRO A 8 31.95 -0.93 11.43
C PRO A 8 31.89 -2.15 10.51
N MET A 9 32.54 -3.22 10.93
CA MET A 9 32.61 -4.44 10.14
C MET A 9 31.23 -5.06 9.95
N LYS A 10 31.08 -5.78 8.84
CA LYS A 10 29.86 -6.52 8.53
C LYS A 10 28.69 -5.58 8.21
N ARG A 11 28.36 -5.48 6.94
CA ARG A 11 27.22 -4.68 6.50
C ARG A 11 26.22 -5.56 5.76
N VAL A 12 25.01 -5.06 5.59
CA VAL A 12 24.00 -5.75 4.81
C VAL A 12 24.09 -5.31 3.36
N PRO A 13 24.55 -6.21 2.48
CA PRO A 13 24.72 -5.92 1.05
C PRO A 13 23.40 -5.53 0.38
N ILE A 14 23.46 -4.54 -0.50
CA ILE A 14 22.29 -4.11 -1.26
C ILE A 14 21.76 -5.28 -2.08
N LEU A 15 22.68 -6.09 -2.61
CA LEU A 15 22.31 -7.29 -3.35
C LEU A 15 21.50 -8.22 -2.47
N ALA A 16 21.91 -8.36 -1.22
CA ALA A 16 21.24 -9.24 -0.27
C ALA A 16 19.87 -8.70 0.11
N ASN A 17 19.76 -7.38 0.20
CA ASN A 17 18.49 -6.73 0.52
C ASN A 17 17.50 -6.96 -0.61
N PHE A 18 18.01 -7.00 -1.83
CA PHE A 18 17.18 -7.28 -2.99
C PHE A 18 16.73 -8.73 -2.97
N GLU A 19 17.65 -9.62 -2.58
CA GLU A 19 17.37 -11.05 -2.54
C GLU A 19 16.24 -11.39 -1.57
N GLU A 20 16.30 -10.81 -0.37
CA GLU A 20 15.27 -11.06 0.63
C GLU A 20 13.92 -10.54 0.14
N TRP A 21 13.93 -9.36 -0.48
CA TRP A 21 12.71 -8.78 -1.04
C TRP A 21 12.11 -9.69 -2.09
N MET A 22 12.96 -10.28 -2.92
CA MET A 22 12.50 -11.18 -3.95
C MET A 22 11.85 -12.42 -3.34
N LYS A 23 12.50 -12.99 -2.33
CA LYS A 23 12.00 -14.18 -1.67
C LYS A 23 10.63 -13.91 -1.05
N MET A 24 10.48 -12.73 -0.45
CA MET A 24 9.22 -12.31 0.14
C MET A 24 8.12 -12.24 -0.92
N ALA A 25 8.42 -11.56 -2.02
CA ALA A 25 7.44 -11.32 -3.08
C ALA A 25 7.08 -12.60 -3.84
N THR A 26 8.09 -13.35 -4.25
CA THR A 26 7.88 -14.51 -5.12
C THR A 26 7.10 -15.62 -4.43
N ASP A 27 7.40 -15.85 -3.17
CA ASP A 27 6.83 -16.97 -2.44
C ASP A 27 5.55 -16.58 -1.72
N ASN A 28 5.08 -15.35 -1.96
CA ASN A 28 3.93 -14.79 -1.25
C ASN A 28 4.20 -14.77 0.23
N LYS A 29 5.48 -14.70 0.58
CA LYS A 29 5.94 -14.71 1.95
C LYS A 29 5.70 -13.35 2.58
N ILE A 30 5.64 -12.32 1.73
CA ILE A 30 5.42 -10.95 2.16
C ILE A 30 3.97 -10.76 2.66
N ASN A 31 3.81 -10.74 3.99
CA ASN A 31 2.50 -10.54 4.60
C ASN A 31 2.02 -9.11 4.35
N ALA A 32 0.74 -8.87 4.58
CA ALA A 32 0.13 -7.59 4.24
C ALA A 32 0.62 -6.45 5.13
N ALA A 33 0.65 -6.67 6.43
CA ALA A 33 1.05 -5.63 7.37
C ALA A 33 2.46 -5.13 7.09
N ASN A 34 3.30 -6.04 6.61
CA ASN A 34 4.68 -5.72 6.31
C ASN A 34 4.94 -5.75 4.81
N SER A 35 3.87 -5.72 4.01
CA SER A 35 4.04 -5.58 2.57
C SER A 35 4.48 -4.15 2.28
N TRP A 36 4.37 -3.33 3.30
CA TRP A 36 4.81 -1.96 3.24
C TRP A 36 6.29 -1.88 3.56
N ASN A 37 6.89 -0.78 3.13
CA ASN A 37 8.34 -0.58 3.18
C ASN A 37 9.05 -1.50 2.17
N PHE A 38 8.26 -2.28 1.45
CA PHE A 38 8.78 -3.10 0.37
C PHE A 38 8.35 -2.52 -0.97
N ALA A 39 9.25 -1.82 -1.64
CA ALA A 39 8.95 -1.33 -2.98
C ALA A 39 10.12 -1.64 -3.91
N LEU A 40 9.85 -2.43 -4.93
CA LEU A 40 10.86 -2.81 -5.91
C LEU A 40 11.22 -1.62 -6.78
N ILE A 41 10.36 -0.62 -6.78
CA ILE A 41 10.57 0.61 -7.53
C ILE A 41 11.88 1.29 -7.15
N ASP A 42 12.30 1.08 -5.90
CA ASP A 42 13.57 1.63 -5.41
C ASP A 42 14.71 1.23 -6.34
N TYR A 43 14.75 -0.03 -6.70
CA TYR A 43 15.76 -0.56 -7.61
C TYR A 43 15.37 -0.32 -9.06
N PHE A 44 14.06 -0.30 -9.31
CA PHE A 44 13.52 -0.25 -10.65
C PHE A 44 13.74 1.14 -11.26
N HIS A 45 13.43 2.17 -10.49
CA HIS A 45 13.55 3.55 -10.95
C HIS A 45 15.00 3.92 -11.16
N ASP A 46 15.81 3.71 -10.12
CA ASP A 46 17.24 3.98 -10.20
C ASP A 46 17.97 2.69 -10.53
N MET A 47 18.27 2.50 -11.80
CA MET A 47 18.90 1.28 -12.28
C MET A 47 20.33 1.17 -11.76
N SER A 48 20.45 0.64 -10.57
CA SER A 48 21.76 0.44 -9.95
C SER A 48 22.09 -1.04 -9.88
N LEU A 49 21.37 -1.74 -9.01
CA LEU A 49 21.59 -3.17 -8.79
C LEU A 49 21.21 -3.98 -10.03
N LEU A 50 20.08 -3.66 -10.62
CA LEU A 50 19.56 -4.45 -11.73
C LEU A 50 20.15 -4.02 -13.08
N LYS A 51 21.03 -3.03 -13.06
CA LYS A 51 21.68 -2.60 -14.29
C LYS A 51 23.11 -3.12 -14.32
N GLU A 52 23.46 -3.82 -15.38
CA GLU A 52 24.77 -4.41 -15.51
C GLU A 52 25.65 -3.54 -16.39
N GLY A 53 26.36 -2.62 -15.76
CA GLY A 53 27.20 -1.70 -16.51
C GLY A 53 26.43 -0.47 -16.97
N ASP A 54 26.60 -0.13 -18.23
CA ASP A 54 25.94 1.05 -18.81
C ASP A 54 24.58 0.68 -19.38
N SER A 55 24.26 -0.60 -19.36
CA SER A 55 23.04 -1.09 -19.93
C SER A 55 22.37 -2.06 -18.97
N VAL A 56 21.08 -2.28 -19.16
CA VAL A 56 20.37 -3.22 -18.34
C VAL A 56 20.02 -4.44 -19.14
N ASN A 57 20.36 -5.57 -18.57
CA ASN A 57 19.97 -6.83 -19.12
C ASN A 57 18.49 -6.97 -18.87
N PHE A 58 17.72 -7.13 -19.92
CA PHE A 58 16.28 -7.23 -19.79
C PHE A 58 15.88 -8.50 -19.06
N GLN A 59 16.90 -9.23 -18.61
CA GLN A 59 16.68 -10.38 -17.77
C GLN A 59 16.28 -9.87 -16.38
N LYS A 60 17.07 -8.92 -15.90
CA LYS A 60 16.78 -8.22 -14.67
C LYS A 60 15.45 -7.48 -14.81
N ALA A 61 15.30 -6.79 -15.93
CA ALA A 61 14.11 -5.99 -16.17
C ALA A 61 12.84 -6.83 -16.15
N SER A 62 12.87 -7.96 -16.85
CA SER A 62 11.69 -8.83 -16.93
C SER A 62 11.38 -9.44 -15.57
N CYS A 63 12.41 -9.95 -14.90
CA CYS A 63 12.24 -10.59 -13.60
C CYS A 63 11.72 -9.60 -12.56
N THR A 64 12.33 -8.42 -12.54
CA THR A 64 11.96 -7.40 -11.56
C THR A 64 10.59 -6.80 -11.87
N LEU A 65 10.29 -6.61 -13.16
CA LEU A 65 8.98 -6.09 -13.55
C LEU A 65 7.87 -7.07 -13.17
N ASP A 66 8.10 -8.35 -13.48
CA ASP A 66 7.13 -9.39 -13.15
C ASP A 66 6.85 -9.41 -11.65
N GLY A 67 7.92 -9.44 -10.86
CA GLY A 67 7.78 -9.44 -9.41
C GLY A 67 7.19 -8.15 -8.89
N CYS A 68 7.51 -7.04 -9.56
CA CYS A 68 6.99 -5.73 -9.18
C CYS A 68 5.48 -5.71 -9.30
N VAL A 69 4.95 -6.25 -10.41
CA VAL A 69 3.51 -6.32 -10.59
C VAL A 69 2.87 -7.16 -9.49
N LYS A 70 3.57 -8.23 -9.10
CA LYS A 70 3.08 -9.12 -8.05
C LYS A 70 2.99 -8.39 -6.71
N ILE A 71 4.07 -7.72 -6.32
CA ILE A 71 4.10 -7.04 -5.02
C ILE A 71 3.23 -5.78 -5.04
N TYR A 72 3.21 -5.10 -6.18
CA TYR A 72 2.39 -3.90 -6.36
C TYR A 72 0.92 -4.19 -6.09
N THR A 73 0.43 -5.27 -6.68
CA THR A 73 -0.96 -5.64 -6.53
C THR A 73 -1.24 -6.26 -5.16
N SER A 74 -0.20 -6.84 -4.56
CA SER A 74 -0.32 -7.36 -3.21
C SER A 74 -0.44 -6.20 -2.21
N ARG A 75 0.29 -5.12 -2.48
CA ARG A 75 0.28 -3.95 -1.62
C ARG A 75 -1.10 -3.28 -1.59
N VAL A 76 -1.70 -3.08 -2.77
CA VAL A 76 -3.03 -2.48 -2.83
C VAL A 76 -4.03 -3.39 -2.12
N ASP A 77 -3.82 -4.70 -2.24
CA ASP A 77 -4.64 -5.67 -1.53
C ASP A 77 -4.50 -5.48 -0.01
N SER A 78 -3.29 -5.14 0.42
CA SER A 78 -3.02 -4.89 1.83
C SER A 78 -3.77 -3.64 2.33
N VAL A 79 -3.98 -2.68 1.44
CA VAL A 79 -4.74 -1.49 1.79
C VAL A 79 -6.16 -1.89 2.15
N ALA A 80 -6.78 -2.68 1.28
CA ALA A 80 -8.13 -3.19 1.52
C ALA A 80 -8.14 -4.09 2.75
N THR A 81 -7.06 -4.83 2.95
CA THR A 81 -6.93 -5.70 4.12
C THR A 81 -6.97 -4.88 5.42
N GLU A 82 -6.19 -3.81 5.45
CA GLU A 82 -6.15 -2.93 6.61
C GLU A 82 -7.47 -2.20 6.77
N THR A 83 -8.09 -1.87 5.64
CA THR A 83 -9.43 -1.29 5.65
C THR A 83 -10.41 -2.22 6.37
N GLY A 84 -10.28 -3.52 6.12
CA GLY A 84 -11.11 -4.50 6.77
C GLY A 84 -10.87 -4.56 8.26
N LYS A 85 -9.65 -4.24 8.68
CA LYS A 85 -9.30 -4.22 10.10
C LYS A 85 -9.94 -3.01 10.77
N LEU A 86 -10.06 -1.93 10.03
CA LEU A 86 -10.74 -0.73 10.52
C LEU A 86 -12.23 -1.02 10.71
N LEU A 87 -12.80 -1.69 9.72
CA LEU A 87 -14.22 -2.09 9.79
C LEU A 87 -14.43 -3.10 10.91
N SER A 88 -13.45 -3.97 11.09
CA SER A 88 -13.47 -4.94 12.18
C SER A 88 -13.57 -4.24 13.53
N GLY A 89 -12.73 -3.23 13.72
CA GLY A 89 -12.75 -2.48 14.97
C GLY A 89 -14.06 -1.76 15.20
N LEU A 90 -14.68 -1.31 14.11
CA LEU A 90 -15.97 -0.65 14.19
C LEU A 90 -17.05 -1.63 14.65
N ALA A 91 -17.17 -2.74 13.92
CA ALA A 91 -18.19 -3.75 14.20
C ALA A 91 -18.02 -4.33 15.59
N ASP A 92 -16.78 -4.39 16.06
CA ASP A 92 -16.48 -4.87 17.40
C ASP A 92 -17.20 -4.05 18.47
N SER A 93 -17.26 -2.74 18.24
CA SER A 93 -17.89 -1.83 19.19
C SER A 93 -19.38 -1.66 18.88
N ARG A 94 -19.86 -2.40 17.89
CA ARG A 94 -21.27 -2.31 17.48
C ARG A 94 -22.05 -3.49 18.02
N ASP A 95 -21.39 -4.37 18.75
CA ASP A 95 -22.03 -5.57 19.27
C ASP A 95 -22.74 -5.26 20.58
N SER A 96 -23.95 -5.79 20.71
CA SER A 96 -24.72 -5.64 21.94
C SER A 96 -25.35 -6.99 22.32
N LYS A 97 -24.83 -8.05 21.72
CA LYS A 97 -25.35 -9.39 21.94
C LYS A 97 -24.82 -9.97 23.24
N LYS A 98 -23.65 -9.50 23.66
CA LYS A 98 -23.05 -9.96 24.89
C LYS A 98 -23.79 -9.32 26.07
N LYS A 99 -24.09 -10.13 27.09
CA LYS A 99 -24.77 -9.62 28.28
C LYS A 99 -23.90 -8.60 28.98
N ASP A 100 -24.52 -7.62 29.60
CA ASP A 100 -23.79 -6.57 30.31
C ASP A 100 -22.99 -7.15 31.46
N ARG A 101 -21.68 -7.11 31.32
CA ARG A 101 -20.79 -7.60 32.35
C ARG A 101 -20.60 -6.52 33.40
N GLU A 102 -20.46 -5.29 32.93
CA GLU A 102 -20.28 -4.14 33.79
C GLU A 102 -21.25 -3.04 33.38
N ASP A 103 -21.97 -2.50 34.36
CA ASP A 103 -22.94 -1.44 34.10
C ASP A 103 -22.22 -0.12 33.84
N GLY A 104 -21.38 0.28 34.77
CA GLY A 104 -20.62 1.51 34.61
C GLY A 104 -21.14 2.62 35.49
N GLY A 105 -22.32 2.42 36.06
CA GLY A 105 -22.87 3.40 36.96
C GLY A 105 -22.44 3.16 38.39
N GLY A 106 -23.08 2.20 39.04
CA GLY A 106 -22.77 1.89 40.41
C GLY A 106 -23.37 2.89 41.37
N SER A 107 -22.53 3.72 41.96
CA SER A 107 -22.99 4.77 42.84
C SER A 107 -23.61 5.90 42.04
N GLY A 108 -24.90 6.13 42.26
CA GLY A 108 -25.61 7.16 41.53
C GLY A 108 -25.25 8.56 41.97
N GLY A 109 -25.85 9.56 41.33
CA GLY A 109 -25.57 10.93 41.67
C GLY A 109 -24.31 11.44 41.00
N SER A 110 -23.86 10.73 39.97
CA SER A 110 -22.70 11.13 39.23
C SER A 110 -23.04 12.25 38.26
N LEU A 111 -22.52 13.43 38.53
CA LEU A 111 -22.85 14.62 37.74
C LEU A 111 -22.00 14.68 36.48
N ARG A 112 -22.63 14.36 35.36
CA ARG A 112 -21.95 14.38 34.08
C ARG A 112 -22.02 15.78 33.47
N LYS A 113 -21.01 16.14 32.71
CA LYS A 113 -20.95 17.46 32.11
C LYS A 113 -21.59 17.46 30.73
N LYS A 114 -21.72 18.63 30.16
CA LYS A 114 -22.28 18.81 28.82
C LYS A 114 -21.33 18.26 27.75
N ILE A 115 -21.66 18.50 26.49
CA ILE A 115 -20.82 18.11 25.38
C ILE A 115 -19.43 18.74 25.50
N ASN A 116 -18.47 17.97 25.96
CA ASN A 116 -17.11 18.44 26.11
C ASN A 116 -16.37 18.37 24.79
N PRO A 117 -15.54 19.39 24.50
CA PRO A 117 -14.83 19.50 23.23
C PRO A 117 -13.98 18.26 22.91
N LYS A 118 -13.48 17.59 23.95
CA LYS A 118 -12.65 16.41 23.77
C LYS A 118 -13.37 15.30 23.04
N VAL A 119 -14.70 15.35 23.03
CA VAL A 119 -15.52 14.38 22.32
C VAL A 119 -15.20 14.40 20.82
N MET A 120 -15.13 15.59 20.25
CA MET A 120 -14.83 15.75 18.83
C MET A 120 -13.38 15.36 18.55
N ASN A 121 -12.51 15.62 19.52
CA ASN A 121 -11.08 15.36 19.38
C ASN A 121 -10.79 13.87 19.28
N MET A 122 -11.68 13.05 19.81
CA MET A 122 -11.56 11.61 19.68
C MET A 122 -11.70 11.21 18.21
N ILE A 123 -12.61 11.90 17.52
CA ILE A 123 -12.81 11.68 16.10
C ILE A 123 -11.62 12.20 15.29
N ASP A 124 -10.94 13.21 15.82
CA ASP A 124 -9.73 13.75 15.20
C ASP A 124 -8.72 12.64 14.93
N SER A 125 -8.67 11.66 15.82
CA SER A 125 -7.79 10.50 15.65
C SER A 125 -8.28 9.65 14.48
N VAL A 126 -9.59 9.62 14.28
CA VAL A 126 -10.20 8.89 13.19
C VAL A 126 -9.78 9.51 11.85
N GLU A 127 -9.75 10.85 11.80
CA GLU A 127 -9.32 11.57 10.60
C GLU A 127 -7.92 11.13 10.18
N LYS A 128 -7.07 10.90 11.16
CA LYS A 128 -5.69 10.51 10.90
C LYS A 128 -5.63 9.18 10.16
N LYS A 129 -6.52 8.27 10.53
CA LYS A 129 -6.60 6.96 9.90
C LYS A 129 -7.07 7.10 8.46
N GLU A 130 -8.12 7.89 8.28
CA GLU A 130 -8.71 8.14 6.95
C GLU A 130 -7.64 8.68 6.01
N MET A 131 -6.94 9.71 6.46
CA MET A 131 -5.90 10.34 5.66
C MET A 131 -4.77 9.36 5.33
N SER A 132 -4.45 8.50 6.28
CA SER A 132 -3.40 7.50 6.06
C SER A 132 -3.83 6.47 5.03
N LEU A 133 -5.12 6.14 5.02
CA LEU A 133 -5.67 5.22 4.02
C LEU A 133 -5.64 5.87 2.64
N LYS A 134 -5.99 7.15 2.58
CA LYS A 134 -5.91 7.91 1.34
C LYS A 134 -4.46 7.96 0.85
N HIS A 135 -3.56 8.31 1.76
CA HIS A 135 -2.14 8.37 1.46
C HIS A 135 -1.60 7.00 1.07
N MET A 136 -2.19 5.95 1.64
CA MET A 136 -1.81 4.59 1.32
C MET A 136 -2.03 4.31 -0.16
N MET A 137 -3.25 4.58 -0.61
CA MET A 137 -3.60 4.38 -2.01
C MET A 137 -2.82 5.34 -2.89
N LYS A 138 -2.60 6.55 -2.39
CA LYS A 138 -1.80 7.54 -3.08
C LYS A 138 -0.39 7.01 -3.33
N THR A 139 0.15 6.30 -2.34
CA THR A 139 1.45 5.69 -2.46
C THR A 139 1.44 4.58 -3.52
N VAL A 140 0.39 3.76 -3.49
CA VAL A 140 0.24 2.69 -4.48
C VAL A 140 0.18 3.26 -5.89
N LEU A 141 -0.63 4.30 -6.07
CA LEU A 141 -0.76 4.95 -7.37
C LEU A 141 0.54 5.61 -7.77
N LYS A 142 1.26 6.14 -6.78
CA LYS A 142 2.55 6.76 -7.00
C LYS A 142 3.54 5.75 -7.57
N ASP A 143 3.55 4.55 -7.01
CA ASP A 143 4.36 3.45 -7.52
C ASP A 143 4.00 3.15 -8.97
N LYS A 144 2.71 3.16 -9.27
CA LYS A 144 2.21 2.92 -10.62
C LYS A 144 2.84 3.88 -11.62
N HIS A 145 2.85 5.16 -11.29
CA HIS A 145 3.43 6.17 -12.16
C HIS A 145 4.92 5.90 -12.35
N LYS A 146 5.56 5.46 -11.27
CA LYS A 146 6.99 5.16 -11.29
C LYS A 146 7.27 3.95 -12.19
N ILE A 147 6.37 2.96 -12.15
CA ILE A 147 6.47 1.80 -13.04
C ILE A 147 6.43 2.25 -14.49
N GLU A 148 5.46 3.11 -14.80
CA GLU A 148 5.28 3.64 -16.13
C GLU A 148 6.54 4.35 -16.63
N GLU A 149 7.12 5.17 -15.77
CA GLU A 149 8.35 5.88 -16.10
C GLU A 149 9.48 4.89 -16.41
N THR A 150 9.59 3.87 -15.58
CA THR A 150 10.68 2.92 -15.70
C THR A 150 10.54 2.03 -16.93
N ILE A 151 9.33 1.54 -17.19
CA ILE A 151 9.10 0.70 -18.35
C ILE A 151 9.37 1.48 -19.63
N ALA A 152 9.07 2.77 -19.60
CA ALA A 152 9.41 3.66 -20.71
C ALA A 152 10.92 3.74 -20.89
N THR A 153 11.64 3.87 -19.79
CA THR A 153 13.11 3.90 -19.81
C THR A 153 13.66 2.59 -20.38
N LEU A 154 13.11 1.47 -19.92
CA LEU A 154 13.50 0.17 -20.41
C LEU A 154 13.13 0.01 -21.88
N ASP A 155 12.04 0.64 -22.28
CA ASP A 155 11.59 0.60 -23.66
C ASP A 155 12.56 1.38 -24.54
N GLU A 156 13.16 2.43 -23.96
CA GLU A 156 14.21 3.19 -24.63
C GLU A 156 15.43 2.31 -24.86
N TYR A 157 15.81 1.55 -23.83
CA TYR A 157 16.90 0.59 -23.95
C TYR A 157 16.60 -0.43 -25.05
N LYS A 158 15.34 -0.87 -25.10
CA LYS A 158 14.91 -1.82 -26.12
C LYS A 158 14.85 -1.16 -27.50
N ARG A 159 14.79 0.16 -27.51
CA ARG A 159 14.76 0.91 -28.77
C ARG A 159 16.17 1.14 -29.29
N LYS A 160 17.09 1.41 -28.37
CA LYS A 160 18.49 1.63 -28.72
C LYS A 160 19.18 0.31 -29.05
N ALA A 161 18.91 -0.71 -28.25
CA ALA A 161 19.52 -2.02 -28.45
C ALA A 161 18.80 -2.80 -29.54
N SER A 162 19.55 -3.39 -30.44
CA SER A 162 18.99 -4.16 -31.53
C SER A 162 18.62 -5.57 -31.06
N GLY A 163 19.33 -6.05 -30.05
CA GLY A 163 19.05 -7.35 -29.50
C GLY A 163 20.28 -8.22 -29.41
N GLY A 164 21.38 -7.63 -28.97
CA GLY A 164 22.61 -8.38 -28.79
C GLY A 164 22.58 -9.21 -27.53
N SER A 165 22.97 -8.60 -26.42
CA SER A 165 22.99 -9.30 -25.13
C SER A 165 21.69 -9.05 -24.37
N ALA A 166 21.07 -7.92 -24.63
CA ALA A 166 19.79 -7.61 -24.01
C ALA A 166 18.66 -8.29 -24.77
N GLY A 167 17.82 -9.03 -24.05
CA GLY A 167 16.71 -9.70 -24.67
C GLY A 167 15.56 -8.75 -24.94
N THR A 168 15.71 -7.93 -25.95
CA THR A 168 14.70 -6.95 -26.33
C THR A 168 13.37 -7.62 -26.65
N ARG A 169 13.43 -8.70 -27.41
CA ARG A 169 12.24 -9.42 -27.82
C ARG A 169 11.58 -10.09 -26.62
N MET A 170 12.40 -10.67 -25.75
CA MET A 170 11.90 -11.32 -24.55
C MET A 170 11.23 -10.31 -23.63
N PHE A 171 11.86 -9.15 -23.46
CA PHE A 171 11.32 -8.10 -22.61
C PHE A 171 10.03 -7.52 -23.21
N GLU A 172 9.97 -7.45 -24.53
CA GLU A 172 8.79 -6.95 -25.22
C GLU A 172 7.56 -7.74 -24.78
N ASP A 173 7.63 -9.04 -24.94
CA ASP A 173 6.52 -9.93 -24.60
C ASP A 173 6.28 -9.96 -23.09
N ARG A 174 7.35 -9.81 -22.33
CA ARG A 174 7.23 -9.88 -20.87
C ARG A 174 6.58 -8.62 -20.31
N LYS A 175 6.93 -7.46 -20.88
CA LYS A 175 6.37 -6.19 -20.44
C LYS A 175 4.86 -6.21 -20.61
N GLU A 176 4.41 -6.48 -21.82
CA GLU A 176 2.99 -6.53 -22.13
C GLU A 176 2.29 -7.62 -21.31
N LYS A 177 3.01 -8.71 -21.06
CA LYS A 177 2.47 -9.82 -20.29
C LYS A 177 2.22 -9.39 -18.85
N ALA A 178 3.20 -8.68 -18.28
CA ALA A 178 3.09 -8.18 -16.92
C ALA A 178 2.05 -7.08 -16.83
N LEU A 179 2.01 -6.22 -17.85
CA LEU A 179 1.05 -5.13 -17.89
C LEU A 179 -0.37 -5.66 -18.04
N LYS A 180 -0.52 -6.82 -18.67
CA LYS A 180 -1.81 -7.45 -18.82
C LYS A 180 -2.30 -7.94 -17.47
N THR A 181 -1.40 -8.55 -16.70
CA THR A 181 -1.71 -8.99 -15.36
C THR A 181 -1.99 -7.79 -14.46
N MET A 182 -1.23 -6.72 -14.69
CA MET A 182 -1.44 -5.47 -13.98
C MET A 182 -2.80 -4.89 -14.30
N ALA A 183 -3.21 -4.97 -15.56
CA ALA A 183 -4.50 -4.46 -16.00
C ALA A 183 -5.63 -5.31 -15.45
N LYS A 184 -5.40 -6.61 -15.35
CA LYS A 184 -6.31 -7.53 -14.77
C LYS A 184 -6.65 -7.14 -13.34
N LYS A 185 -5.61 -7.02 -12.52
CA LYS A 185 -5.80 -6.65 -11.11
C LYS A 185 -6.08 -5.16 -10.96
N ASP A 186 -5.88 -4.41 -12.03
CA ASP A 186 -6.15 -2.98 -12.05
C ASP A 186 -7.63 -2.73 -11.77
N LEU A 187 -8.47 -3.63 -12.24
CA LEU A 187 -9.91 -3.56 -11.98
C LEU A 187 -10.18 -3.64 -10.49
N LYS A 188 -9.41 -4.49 -9.80
CA LYS A 188 -9.53 -4.62 -8.36
C LYS A 188 -8.93 -3.41 -7.66
N LEU A 189 -7.77 -2.96 -8.17
CA LEU A 189 -7.07 -1.83 -7.58
C LEU A 189 -7.92 -0.57 -7.63
N GLN A 190 -8.44 -0.25 -8.82
CA GLN A 190 -9.30 0.92 -8.96
C GLN A 190 -10.57 0.75 -8.13
N GLU A 191 -11.06 -0.48 -8.03
CA GLU A 191 -12.23 -0.78 -7.22
C GLU A 191 -11.97 -0.41 -5.76
N ILE A 192 -10.85 -0.91 -5.22
CA ILE A 192 -10.47 -0.59 -3.85
C ILE A 192 -10.36 0.92 -3.64
N THR A 193 -9.72 1.59 -4.59
CA THR A 193 -9.58 3.03 -4.55
C THR A 193 -10.94 3.71 -4.48
N GLU A 194 -11.85 3.28 -5.35
CA GLU A 194 -13.17 3.88 -5.45
C GLU A 194 -13.99 3.60 -4.19
N LEU A 195 -13.97 2.35 -3.73
CA LEU A 195 -14.70 1.96 -2.53
C LEU A 195 -14.20 2.72 -1.31
N LEU A 196 -12.90 2.98 -1.28
CA LEU A 196 -12.28 3.75 -0.21
C LEU A 196 -12.95 5.12 -0.13
N ARG A 197 -13.11 5.76 -1.28
CA ARG A 197 -13.71 7.08 -1.36
C ARG A 197 -15.24 6.98 -1.23
N ASP A 198 -15.77 5.83 -1.62
CA ASP A 198 -17.21 5.59 -1.62
C ASP A 198 -17.77 5.36 -0.24
N GLU A 199 -17.17 4.44 0.50
CA GLU A 199 -17.71 4.01 1.79
C GLU A 199 -16.78 4.33 2.94
N ILE A 200 -15.47 4.20 2.71
CA ILE A 200 -14.50 4.36 3.78
C ILE A 200 -14.41 5.81 4.27
N GLU A 201 -14.46 6.76 3.35
CA GLU A 201 -14.40 8.17 3.76
C GLU A 201 -15.68 8.61 4.50
N PRO A 202 -16.90 8.32 3.98
CA PRO A 202 -18.16 8.62 4.69
C PRO A 202 -18.26 7.90 6.04
N LYS A 203 -17.43 6.88 6.22
CA LYS A 203 -17.37 6.12 7.48
C LYS A 203 -17.17 7.08 8.66
N LEU A 204 -16.35 8.09 8.46
CA LEU A 204 -16.06 9.04 9.52
C LEU A 204 -17.32 9.87 9.84
N GLU A 205 -18.04 10.26 8.79
CA GLU A 205 -19.23 11.08 8.95
C GLU A 205 -20.32 10.32 9.70
N LYS A 206 -20.50 9.04 9.35
CA LYS A 206 -21.47 8.20 10.03
C LYS A 206 -20.98 7.86 11.43
N LEU A 207 -19.67 7.77 11.61
CA LEU A 207 -19.09 7.59 12.94
C LEU A 207 -19.50 8.74 13.84
N ARG A 208 -19.34 9.94 13.31
CA ARG A 208 -19.70 11.16 14.03
C ARG A 208 -21.19 11.14 14.39
N GLN A 209 -22.02 10.74 13.44
CA GLN A 209 -23.46 10.72 13.65
C GLN A 209 -23.88 9.64 14.65
N GLU A 210 -23.42 8.43 14.44
CA GLU A 210 -23.82 7.30 15.26
C GLU A 210 -23.31 7.42 16.70
N LYS A 211 -22.01 7.57 16.84
CA LYS A 211 -21.39 7.57 18.16
C LYS A 211 -21.60 8.90 18.87
N ARG A 212 -21.15 9.97 18.26
CA ARG A 212 -21.11 11.26 18.94
C ARG A 212 -22.44 11.99 18.90
N ALA A 213 -22.97 12.22 17.70
CA ALA A 213 -24.20 13.01 17.55
C ALA A 213 -25.38 12.40 18.31
N PHE A 214 -25.54 11.10 18.17
CA PHE A 214 -26.66 10.41 18.81
C PHE A 214 -26.46 10.26 20.32
N LEU A 215 -25.33 9.69 20.71
CA LEU A 215 -25.08 9.37 22.12
C LEU A 215 -24.65 10.60 22.92
N ASP A 216 -23.54 11.20 22.54
CA ASP A 216 -22.93 12.28 23.34
C ASP A 216 -23.63 13.61 23.13
N PHE A 217 -23.86 13.97 21.87
CA PHE A 217 -24.41 15.28 21.53
C PHE A 217 -25.85 15.42 22.02
N GLN A 218 -26.70 14.48 21.65
CA GLN A 218 -28.10 14.51 22.04
C GLN A 218 -28.28 13.93 23.45
N GLN A 219 -29.12 14.58 24.24
CA GLN A 219 -29.42 14.10 25.58
C GLN A 219 -30.24 12.82 25.51
N THR A 220 -30.25 12.06 26.60
CA THR A 220 -30.97 10.80 26.69
C THR A 220 -30.65 9.89 25.51
N GLN A 221 -29.58 9.13 25.64
CA GLN A 221 -29.12 8.27 24.57
C GLN A 221 -29.86 6.93 24.58
N GLY A 1 17.05 -21.80 7.20
CA GLY A 1 18.19 -20.87 7.36
C GLY A 1 19.25 -21.42 8.29
N HIS A 2 18.86 -21.61 9.56
CA HIS A 2 19.77 -22.11 10.59
C HIS A 2 20.87 -21.10 10.92
N MET A 3 21.91 -21.10 10.09
CA MET A 3 23.05 -20.22 10.31
C MET A 3 23.82 -20.06 9.00
N ARG A 4 23.90 -18.83 8.52
CA ARG A 4 24.61 -18.55 7.29
C ARG A 4 25.69 -17.50 7.51
N ALA A 5 26.65 -17.43 6.61
CA ALA A 5 27.70 -16.43 6.68
C ALA A 5 27.13 -15.03 6.55
N VAL A 6 27.31 -14.22 7.59
CA VAL A 6 26.78 -12.88 7.60
C VAL A 6 27.86 -11.87 7.17
N THR A 7 27.46 -10.89 6.38
CA THR A 7 28.37 -9.87 5.89
C THR A 7 28.97 -9.07 7.05
N PRO A 8 30.30 -8.91 7.05
CA PRO A 8 31.03 -8.18 8.10
C PRO A 8 30.90 -6.68 7.96
N MET A 9 30.34 -6.25 6.84
CA MET A 9 30.13 -4.83 6.56
C MET A 9 28.98 -4.32 7.41
N LYS A 10 29.20 -3.22 8.11
CA LYS A 10 28.18 -2.68 9.01
C LYS A 10 27.17 -1.86 8.23
N ARG A 11 27.41 -1.76 6.94
CA ARG A 11 26.47 -1.17 6.02
C ARG A 11 25.81 -2.27 5.22
N VAL A 12 24.50 -2.36 5.30
CA VAL A 12 23.77 -3.44 4.65
C VAL A 12 23.72 -3.24 3.14
N PRO A 13 24.33 -4.17 2.38
CA PRO A 13 24.35 -4.10 0.92
C PRO A 13 22.96 -4.31 0.34
N ILE A 14 22.62 -3.52 -0.67
CA ILE A 14 21.29 -3.60 -1.27
C ILE A 14 21.12 -4.91 -2.04
N LEU A 15 22.23 -5.58 -2.34
CA LEU A 15 22.17 -6.93 -2.89
C LEU A 15 21.48 -7.88 -1.90
N ALA A 16 21.86 -7.77 -0.63
CA ALA A 16 21.29 -8.59 0.42
C ALA A 16 19.89 -8.12 0.75
N ASN A 17 19.65 -6.83 0.58
CA ASN A 17 18.32 -6.26 0.76
C ASN A 17 17.37 -6.80 -0.32
N PHE A 18 17.88 -6.84 -1.54
CA PHE A 18 17.09 -7.25 -2.69
C PHE A 18 16.83 -8.76 -2.66
N GLU A 19 17.84 -9.54 -2.30
CA GLU A 19 17.68 -10.99 -2.25
C GLU A 19 16.68 -11.36 -1.14
N GLU A 20 16.65 -10.56 -0.09
CA GLU A 20 15.68 -10.73 0.98
C GLU A 20 14.28 -10.56 0.41
N TRP A 21 14.10 -9.50 -0.37
CA TRP A 21 12.83 -9.23 -1.03
C TRP A 21 12.43 -10.38 -1.95
N MET A 22 13.38 -10.83 -2.76
CA MET A 22 13.13 -11.93 -3.69
C MET A 22 12.70 -13.18 -2.94
N LYS A 23 13.38 -13.45 -1.82
CA LYS A 23 13.06 -14.61 -1.00
C LYS A 23 11.68 -14.46 -0.37
N MET A 24 11.44 -13.31 0.25
CA MET A 24 10.17 -13.06 0.93
C MET A 24 9.00 -13.06 -0.06
N ALA A 25 9.24 -12.57 -1.27
CA ALA A 25 8.20 -12.53 -2.29
C ALA A 25 7.82 -13.94 -2.73
N THR A 26 8.81 -14.74 -3.06
CA THR A 26 8.56 -16.09 -3.57
C THR A 26 8.05 -17.03 -2.47
N ASP A 27 8.57 -16.86 -1.26
CA ASP A 27 8.15 -17.69 -0.13
C ASP A 27 6.83 -17.19 0.46
N ASN A 28 6.35 -16.07 -0.06
CA ASN A 28 5.11 -15.44 0.44
C ASN A 28 5.30 -15.00 1.88
N LYS A 29 6.54 -14.76 2.25
CA LYS A 29 6.89 -14.25 3.56
C LYS A 29 6.52 -12.78 3.65
N ILE A 30 6.38 -12.14 2.49
CA ILE A 30 5.94 -10.76 2.42
C ILE A 30 4.50 -10.62 2.92
N ASN A 31 4.37 -10.33 4.20
CA ASN A 31 3.08 -10.06 4.81
C ASN A 31 2.61 -8.67 4.43
N ALA A 32 1.34 -8.38 4.72
CA ALA A 32 0.73 -7.11 4.36
C ALA A 32 1.43 -5.94 5.05
N ALA A 33 1.90 -6.15 6.27
CA ALA A 33 2.56 -5.10 7.04
C ALA A 33 3.79 -4.56 6.31
N ASN A 34 4.63 -5.44 5.78
CA ASN A 34 5.84 -5.01 5.08
C ASN A 34 5.71 -5.12 3.58
N SER A 35 4.50 -5.30 3.09
CA SER A 35 4.26 -5.21 1.65
C SER A 35 4.51 -3.78 1.22
N TRP A 36 4.31 -2.87 2.17
CA TRP A 36 4.65 -1.48 1.97
C TRP A 36 6.16 -1.31 2.07
N ASN A 37 6.68 -0.46 1.20
CA ASN A 37 8.11 -0.18 1.09
C ASN A 37 8.86 -1.40 0.55
N PHE A 38 8.11 -2.38 0.05
CA PHE A 38 8.69 -3.57 -0.56
C PHE A 38 8.86 -3.36 -2.06
N ALA A 39 8.61 -2.14 -2.52
CA ALA A 39 8.57 -1.84 -3.94
C ALA A 39 9.96 -1.86 -4.58
N LEU A 40 10.10 -2.71 -5.59
CA LEU A 40 11.32 -2.76 -6.40
C LEU A 40 11.42 -1.52 -7.28
N ILE A 41 10.30 -0.83 -7.43
CA ILE A 41 10.18 0.28 -8.37
C ILE A 41 11.21 1.38 -8.10
N ASP A 42 11.61 1.54 -6.84
CA ASP A 42 12.60 2.55 -6.46
C ASP A 42 13.94 2.22 -7.10
N TYR A 43 14.22 0.93 -7.19
CA TYR A 43 15.46 0.44 -7.76
C TYR A 43 15.37 0.37 -9.28
N PHE A 44 14.15 0.19 -9.78
CA PHE A 44 13.91 0.25 -11.22
C PHE A 44 14.23 1.65 -11.76
N HIS A 45 13.97 2.67 -10.96
CA HIS A 45 14.33 4.04 -11.33
C HIS A 45 15.82 4.27 -11.17
N ASP A 46 16.34 4.05 -9.96
CA ASP A 46 17.77 4.12 -9.73
C ASP A 46 18.40 2.78 -10.09
N MET A 47 18.72 2.62 -11.37
CA MET A 47 19.17 1.34 -11.89
C MET A 47 20.57 0.99 -11.41
N SER A 48 20.64 0.42 -10.22
CA SER A 48 21.88 -0.12 -9.72
C SER A 48 21.78 -1.65 -9.67
N LEU A 49 20.65 -2.15 -9.20
CA LEU A 49 20.42 -3.58 -9.11
C LEU A 49 19.78 -4.10 -10.38
N LEU A 50 18.93 -3.27 -11.00
CA LEU A 50 18.25 -3.67 -12.23
C LEU A 50 19.20 -3.62 -13.42
N LYS A 51 20.09 -2.63 -13.39
CA LYS A 51 21.06 -2.45 -14.46
C LYS A 51 22.39 -3.07 -14.07
N GLU A 52 22.87 -3.98 -14.90
CA GLU A 52 24.15 -4.62 -14.66
C GLU A 52 25.22 -3.91 -15.46
N GLY A 53 25.93 -3.00 -14.80
CA GLY A 53 26.91 -2.19 -15.48
C GLY A 53 26.29 -0.92 -16.06
N ASP A 54 26.30 -0.82 -17.39
CA ASP A 54 25.71 0.35 -18.05
C ASP A 54 24.56 -0.07 -18.95
N SER A 55 24.15 -1.33 -18.83
CA SER A 55 23.07 -1.85 -19.64
C SER A 55 22.19 -2.73 -18.76
N VAL A 56 20.89 -2.71 -19.01
CA VAL A 56 19.97 -3.49 -18.20
C VAL A 56 19.69 -4.82 -18.85
N ASN A 57 19.79 -5.86 -18.06
CA ASN A 57 19.51 -7.20 -18.51
C ASN A 57 18.03 -7.44 -18.39
N PHE A 58 17.35 -7.45 -19.53
CA PHE A 58 15.91 -7.56 -19.56
C PHE A 58 15.45 -8.92 -19.04
N GLN A 59 16.39 -9.81 -18.81
CA GLN A 59 16.07 -11.12 -18.26
C GLN A 59 15.69 -10.97 -16.81
N LYS A 60 16.60 -10.40 -16.03
CA LYS A 60 16.33 -10.12 -14.63
C LYS A 60 15.22 -9.07 -14.52
N ALA A 61 15.15 -8.17 -15.51
CA ALA A 61 14.10 -7.18 -15.57
C ALA A 61 12.73 -7.85 -15.69
N SER A 62 12.67 -8.91 -16.50
CA SER A 62 11.43 -9.67 -16.66
C SER A 62 10.99 -10.29 -15.34
N CYS A 63 11.94 -10.86 -14.61
CA CYS A 63 11.65 -11.52 -13.35
C CYS A 63 11.25 -10.49 -12.29
N THR A 64 12.02 -9.41 -12.20
CA THR A 64 11.79 -8.39 -11.19
C THR A 64 10.48 -7.64 -11.44
N LEU A 65 10.17 -7.40 -12.70
CA LEU A 65 8.94 -6.70 -13.05
C LEU A 65 7.72 -7.54 -12.63
N ASP A 66 7.75 -8.83 -12.95
CA ASP A 66 6.67 -9.73 -12.60
C ASP A 66 6.48 -9.81 -11.08
N GLY A 67 7.59 -9.83 -10.37
CA GLY A 67 7.53 -9.83 -8.93
C GLY A 67 7.00 -8.51 -8.38
N CYS A 68 7.50 -7.41 -8.92
CA CYS A 68 7.12 -6.08 -8.45
C CYS A 68 5.64 -5.81 -8.71
N VAL A 69 5.13 -6.25 -9.86
CA VAL A 69 3.72 -6.03 -10.18
C VAL A 69 2.81 -6.86 -9.26
N LYS A 70 3.26 -8.06 -8.91
CA LYS A 70 2.49 -8.93 -8.02
C LYS A 70 2.46 -8.35 -6.61
N ILE A 71 3.61 -7.92 -6.12
CA ILE A 71 3.69 -7.33 -4.78
C ILE A 71 3.02 -5.96 -4.74
N TYR A 72 3.11 -5.22 -5.85
CA TYR A 72 2.42 -3.94 -5.97
C TYR A 72 0.93 -4.11 -5.76
N THR A 73 0.35 -5.08 -6.45
CA THR A 73 -1.06 -5.36 -6.30
C THR A 73 -1.34 -6.00 -4.95
N SER A 74 -0.34 -6.66 -4.38
CA SER A 74 -0.43 -7.19 -3.03
C SER A 74 -0.50 -6.04 -2.02
N ARG A 75 0.06 -4.89 -2.39
CA ARG A 75 -0.03 -3.70 -1.57
C ARG A 75 -1.45 -3.12 -1.67
N VAL A 76 -2.06 -3.30 -2.83
CA VAL A 76 -3.47 -2.94 -3.01
C VAL A 76 -4.34 -3.87 -2.16
N ASP A 77 -3.95 -5.13 -2.09
CA ASP A 77 -4.58 -6.08 -1.18
C ASP A 77 -4.32 -5.68 0.26
N SER A 78 -3.16 -5.08 0.50
CA SER A 78 -2.75 -4.68 1.84
C SER A 78 -3.64 -3.57 2.37
N VAL A 79 -3.87 -2.54 1.55
CA VAL A 79 -4.74 -1.45 1.96
C VAL A 79 -6.16 -1.94 2.18
N ALA A 80 -6.59 -2.92 1.38
CA ALA A 80 -7.88 -3.55 1.58
C ALA A 80 -7.88 -4.41 2.85
N THR A 81 -6.72 -4.95 3.18
CA THR A 81 -6.55 -5.66 4.43
C THR A 81 -6.71 -4.68 5.60
N GLU A 82 -6.20 -3.47 5.41
CA GLU A 82 -6.34 -2.42 6.40
C GLU A 82 -7.79 -1.97 6.52
N THR A 83 -8.45 -1.80 5.38
CA THR A 83 -9.84 -1.39 5.37
C THR A 83 -10.73 -2.45 5.99
N GLY A 84 -10.41 -3.72 5.71
CA GLY A 84 -11.17 -4.81 6.28
C GLY A 84 -11.15 -4.82 7.79
N LYS A 85 -10.02 -4.39 8.37
CA LYS A 85 -9.88 -4.37 9.83
C LYS A 85 -10.84 -3.37 10.46
N LEU A 86 -10.86 -2.15 9.93
CA LEU A 86 -11.75 -1.12 10.44
C LEU A 86 -13.19 -1.40 10.02
N LEU A 87 -13.33 -2.02 8.86
CA LEU A 87 -14.63 -2.43 8.35
C LEU A 87 -15.30 -3.36 9.35
N SER A 88 -14.58 -4.39 9.76
CA SER A 88 -15.08 -5.36 10.72
C SER A 88 -15.21 -4.73 12.11
N GLY A 89 -14.29 -3.82 12.44
CA GLY A 89 -14.30 -3.18 13.74
C GLY A 89 -15.54 -2.35 13.97
N LEU A 90 -15.88 -1.51 13.00
CA LEU A 90 -17.07 -0.67 13.09
C LEU A 90 -18.33 -1.49 12.82
N ALA A 91 -18.16 -2.63 12.15
CA ALA A 91 -19.29 -3.52 11.88
C ALA A 91 -19.70 -4.25 13.14
N ASP A 92 -18.72 -4.51 14.01
CA ASP A 92 -18.98 -5.16 15.28
C ASP A 92 -19.83 -4.26 16.17
N SER A 93 -19.33 -3.07 16.45
CA SER A 93 -20.06 -2.12 17.27
C SER A 93 -20.66 -1.02 16.41
N ARG A 94 -21.83 -1.30 15.84
CA ARG A 94 -22.52 -0.35 14.99
C ARG A 94 -23.74 0.22 15.70
N ASP A 95 -24.43 -0.63 16.44
CA ASP A 95 -25.61 -0.20 17.18
C ASP A 95 -25.21 0.30 18.57
N SER A 96 -24.18 -0.32 19.15
CA SER A 96 -23.65 0.04 20.46
C SER A 96 -24.74 -0.06 21.53
N LYS A 97 -24.85 -1.23 22.14
CA LYS A 97 -25.87 -1.46 23.16
C LYS A 97 -25.42 -0.86 24.48
N LYS A 98 -24.16 -1.05 24.81
CA LYS A 98 -23.58 -0.43 25.99
C LYS A 98 -22.94 0.90 25.61
N LYS A 99 -22.94 1.85 26.52
CA LYS A 99 -22.30 3.13 26.25
C LYS A 99 -20.80 3.02 26.48
N ASP A 100 -20.03 3.65 25.61
CA ASP A 100 -18.59 3.68 25.76
C ASP A 100 -18.22 4.54 26.97
N ARG A 101 -17.17 4.16 27.68
CA ARG A 101 -16.77 4.88 28.88
C ARG A 101 -16.25 6.27 28.54
N GLU A 102 -17.15 7.22 28.59
CA GLU A 102 -16.86 8.62 28.29
C GLU A 102 -15.90 9.23 29.31
N ASP A 103 -14.77 9.72 28.83
CA ASP A 103 -13.81 10.43 29.67
C ASP A 103 -14.46 11.66 30.31
N GLY A 104 -15.18 12.41 29.50
CA GLY A 104 -15.85 13.59 30.00
C GLY A 104 -15.83 14.73 29.00
N GLY A 105 -16.84 14.77 28.14
CA GLY A 105 -16.94 15.82 27.14
C GLY A 105 -17.12 17.18 27.78
N GLY A 106 -17.96 17.25 28.79
CA GLY A 106 -18.18 18.48 29.51
C GLY A 106 -19.60 18.98 29.40
N SER A 107 -20.53 18.06 29.23
CA SER A 107 -21.93 18.40 29.07
C SER A 107 -22.80 17.58 30.02
N GLY A 108 -23.80 18.23 30.60
CA GLY A 108 -24.72 17.54 31.47
C GLY A 108 -26.15 17.64 30.97
N GLY A 109 -26.34 17.30 29.71
CA GLY A 109 -27.64 17.43 29.08
C GLY A 109 -27.56 18.24 27.80
N SER A 110 -27.68 17.56 26.68
CA SER A 110 -27.51 18.19 25.38
C SER A 110 -28.87 18.64 24.83
N LEU A 111 -29.81 18.90 25.73
CA LEU A 111 -31.14 19.37 25.34
C LEU A 111 -31.05 20.73 24.68
N ARG A 112 -30.47 21.68 25.38
CA ARG A 112 -30.26 23.02 24.83
C ARG A 112 -28.78 23.26 24.58
N LYS A 113 -27.94 22.54 25.33
CA LYS A 113 -26.50 22.59 25.11
C LYS A 113 -26.13 21.74 23.91
N LYS A 114 -25.93 22.37 22.77
CA LYS A 114 -25.56 21.66 21.56
C LYS A 114 -24.10 21.22 21.62
N ILE A 115 -23.78 20.16 20.91
CA ILE A 115 -22.43 19.64 20.90
C ILE A 115 -21.48 20.65 20.27
N ASN A 116 -20.47 21.04 21.02
CA ASN A 116 -19.48 22.00 20.55
C ASN A 116 -18.48 21.30 19.63
N PRO A 117 -17.93 22.04 18.65
CA PRO A 117 -16.91 21.50 17.74
C PRO A 117 -15.70 20.98 18.48
N LYS A 118 -15.49 21.49 19.70
CA LYS A 118 -14.41 21.05 20.57
C LYS A 118 -14.44 19.54 20.75
N VAL A 119 -15.63 18.98 20.92
CA VAL A 119 -15.78 17.56 21.16
C VAL A 119 -15.47 16.76 19.90
N MET A 120 -15.64 17.38 18.75
CA MET A 120 -15.40 16.72 17.47
C MET A 120 -13.90 16.48 17.27
N ASN A 121 -13.09 17.16 18.07
CA ASN A 121 -11.65 16.95 18.06
C ASN A 121 -11.29 15.60 18.64
N MET A 122 -12.19 15.06 19.46
CA MET A 122 -12.02 13.72 20.00
C MET A 122 -12.18 12.69 18.89
N ILE A 123 -13.10 12.97 17.97
CA ILE A 123 -13.35 12.12 16.80
C ILE A 123 -12.08 12.01 15.95
N ASP A 124 -11.24 13.05 16.01
CA ASP A 124 -10.02 13.15 15.20
C ASP A 124 -9.17 11.87 15.26
N SER A 125 -9.25 11.16 16.39
CA SER A 125 -8.50 9.93 16.57
C SER A 125 -8.79 8.92 15.46
N VAL A 126 -10.06 8.73 15.12
CA VAL A 126 -10.44 7.80 14.06
C VAL A 126 -10.09 8.38 12.69
N GLU A 127 -10.18 9.70 12.56
CA GLU A 127 -9.88 10.38 11.31
C GLU A 127 -8.41 10.19 10.94
N LYS A 128 -7.55 10.11 11.97
CA LYS A 128 -6.13 9.85 11.76
C LYS A 128 -5.94 8.51 11.05
N LYS A 129 -6.83 7.56 11.32
CA LYS A 129 -6.77 6.26 10.67
C LYS A 129 -7.11 6.39 9.20
N GLU A 130 -8.15 7.15 8.89
CA GLU A 130 -8.55 7.37 7.50
C GLU A 130 -7.46 8.14 6.76
N MET A 131 -6.84 9.10 7.44
CA MET A 131 -5.76 9.89 6.85
C MET A 131 -4.60 9.00 6.45
N SER A 132 -4.24 8.06 7.32
CA SER A 132 -3.20 7.09 7.02
C SER A 132 -3.60 6.26 5.81
N LEU A 133 -4.87 5.86 5.79
CA LEU A 133 -5.42 5.08 4.69
C LEU A 133 -5.30 5.86 3.39
N LYS A 134 -5.62 7.15 3.46
CA LYS A 134 -5.46 8.06 2.32
C LYS A 134 -4.01 8.04 1.84
N HIS A 135 -3.08 8.09 2.80
CA HIS A 135 -1.65 8.09 2.50
C HIS A 135 -1.23 6.79 1.83
N MET A 136 -1.70 5.67 2.36
CA MET A 136 -1.40 4.36 1.78
C MET A 136 -1.88 4.29 0.33
N MET A 137 -3.14 4.68 0.10
CA MET A 137 -3.71 4.64 -1.24
C MET A 137 -3.03 5.64 -2.17
N LYS A 138 -2.70 6.81 -1.64
CA LYS A 138 -2.01 7.84 -2.39
C LYS A 138 -0.68 7.30 -2.90
N THR A 139 0.01 6.56 -2.03
CA THR A 139 1.29 5.97 -2.35
C THR A 139 1.14 4.92 -3.45
N VAL A 140 0.04 4.16 -3.41
CA VAL A 140 -0.24 3.14 -4.40
C VAL A 140 -0.22 3.73 -5.81
N LEU A 141 -0.97 4.79 -6.00
CA LEU A 141 -1.12 5.39 -7.33
C LEU A 141 0.12 6.18 -7.71
N LYS A 142 0.85 6.68 -6.73
CA LYS A 142 2.12 7.34 -6.99
C LYS A 142 3.12 6.32 -7.49
N ASP A 143 3.11 5.15 -6.86
CA ASP A 143 3.97 4.04 -7.24
C ASP A 143 3.63 3.59 -8.66
N LYS A 144 2.33 3.62 -8.98
CA LYS A 144 1.85 3.28 -10.31
C LYS A 144 2.54 4.13 -11.37
N HIS A 145 2.62 5.43 -11.10
CA HIS A 145 3.26 6.35 -12.04
C HIS A 145 4.75 6.02 -12.18
N LYS A 146 5.34 5.55 -11.10
CA LYS A 146 6.73 5.10 -11.13
C LYS A 146 6.86 3.85 -12.01
N ILE A 147 5.86 2.98 -11.94
CA ILE A 147 5.81 1.80 -12.78
C ILE A 147 5.69 2.20 -14.25
N GLU A 148 4.74 3.07 -14.54
CA GLU A 148 4.54 3.60 -15.88
C GLU A 148 5.84 4.19 -16.42
N GLU A 149 6.49 4.98 -15.57
CA GLU A 149 7.77 5.59 -15.90
C GLU A 149 8.80 4.53 -16.29
N THR A 150 8.88 3.48 -15.48
CA THR A 150 9.84 2.42 -15.71
C THR A 150 9.59 1.68 -17.03
N ILE A 151 8.31 1.47 -17.35
CA ILE A 151 7.92 0.80 -18.58
C ILE A 151 8.51 1.53 -19.79
N ALA A 152 8.28 2.83 -19.85
CA ALA A 152 8.78 3.64 -20.96
C ALA A 152 10.31 3.75 -20.94
N THR A 153 10.89 3.67 -19.74
CA THR A 153 12.33 3.80 -19.58
C THR A 153 13.05 2.53 -20.06
N LEU A 154 12.55 1.36 -19.65
CA LEU A 154 13.15 0.10 -20.06
C LEU A 154 12.95 -0.11 -21.55
N ASP A 155 11.85 0.39 -22.08
CA ASP A 155 11.58 0.28 -23.51
C ASP A 155 12.61 1.10 -24.30
N GLU A 156 13.02 2.23 -23.73
CA GLU A 156 14.10 3.03 -24.32
C GLU A 156 15.39 2.22 -24.41
N TYR A 157 15.75 1.54 -23.34
CA TYR A 157 16.92 0.68 -23.33
C TYR A 157 16.81 -0.39 -24.41
N LYS A 158 15.59 -0.88 -24.60
CA LYS A 158 15.30 -1.86 -25.64
C LYS A 158 15.49 -1.26 -27.03
N ARG A 159 15.06 -0.02 -27.20
CA ARG A 159 15.16 0.69 -28.46
C ARG A 159 16.62 0.89 -28.86
N LYS A 160 17.40 1.41 -27.92
CA LYS A 160 18.81 1.68 -28.17
C LYS A 160 19.61 0.39 -28.28
N ALA A 161 19.34 -0.54 -27.35
CA ALA A 161 20.00 -1.84 -27.30
C ALA A 161 21.51 -1.72 -27.09
N SER A 162 22.13 -2.81 -26.66
CA SER A 162 23.57 -2.85 -26.49
C SER A 162 24.15 -4.02 -27.29
N GLY A 163 24.37 -3.78 -28.58
CA GLY A 163 24.86 -4.83 -29.46
C GLY A 163 23.85 -5.95 -29.57
N GLY A 164 24.32 -7.19 -29.45
CA GLY A 164 23.44 -8.33 -29.43
C GLY A 164 22.92 -8.60 -28.04
N SER A 165 21.99 -7.79 -27.58
CA SER A 165 21.45 -7.91 -26.24
C SER A 165 20.51 -9.10 -26.13
N ALA A 166 19.77 -9.36 -27.20
CA ALA A 166 18.83 -10.49 -27.31
C ALA A 166 17.60 -10.29 -26.44
N GLY A 167 17.80 -9.95 -25.18
CA GLY A 167 16.70 -9.77 -24.23
C GLY A 167 15.79 -8.62 -24.63
N THR A 168 16.24 -7.80 -25.57
CA THR A 168 15.44 -6.70 -26.09
C THR A 168 14.16 -7.21 -26.74
N ARG A 169 14.29 -8.29 -27.50
CA ARG A 169 13.14 -8.91 -28.15
C ARG A 169 12.20 -9.49 -27.09
N MET A 170 12.80 -10.16 -26.10
CA MET A 170 12.03 -10.76 -25.02
C MET A 170 11.26 -9.71 -24.24
N PHE A 171 11.88 -8.54 -24.06
CA PHE A 171 11.26 -7.46 -23.31
C PHE A 171 9.96 -7.01 -23.96
N GLU A 172 9.90 -7.10 -25.28
CA GLU A 172 8.68 -6.71 -25.99
C GLU A 172 7.51 -7.60 -25.56
N ASP A 173 7.74 -8.90 -25.56
CA ASP A 173 6.72 -9.87 -25.17
C ASP A 173 6.45 -9.83 -23.67
N ARG A 174 7.50 -9.58 -22.90
CA ARG A 174 7.39 -9.50 -21.45
C ARG A 174 6.60 -8.26 -21.03
N LYS A 175 6.91 -7.14 -21.67
CA LYS A 175 6.26 -5.87 -21.37
C LYS A 175 4.76 -5.99 -21.55
N GLU A 176 4.33 -6.43 -22.74
CA GLU A 176 2.92 -6.57 -23.02
C GLU A 176 2.28 -7.61 -22.10
N LYS A 177 3.02 -8.69 -21.83
CA LYS A 177 2.52 -9.76 -20.99
C LYS A 177 2.23 -9.23 -19.59
N ALA A 178 3.19 -8.52 -19.02
CA ALA A 178 3.05 -7.98 -17.68
C ALA A 178 2.00 -6.87 -17.65
N LEU A 179 2.02 -6.00 -18.65
CA LEU A 179 1.10 -4.87 -18.71
C LEU A 179 -0.35 -5.31 -18.85
N LYS A 180 -0.61 -6.25 -19.76
CA LYS A 180 -1.98 -6.71 -20.01
C LYS A 180 -2.52 -7.46 -18.81
N THR A 181 -1.65 -8.19 -18.12
CA THR A 181 -2.04 -8.90 -16.91
C THR A 181 -2.23 -7.91 -15.76
N MET A 182 -1.37 -6.90 -15.72
CA MET A 182 -1.46 -5.86 -14.70
C MET A 182 -2.74 -5.06 -14.86
N ALA A 183 -3.13 -4.82 -16.11
CA ALA A 183 -4.33 -4.07 -16.42
C ALA A 183 -5.57 -4.73 -15.84
N LYS A 184 -5.53 -6.04 -15.70
CA LYS A 184 -6.64 -6.81 -15.13
C LYS A 184 -6.74 -6.56 -13.63
N LYS A 185 -5.59 -6.54 -12.95
CA LYS A 185 -5.55 -6.29 -11.52
C LYS A 185 -5.72 -4.79 -11.25
N ASP A 186 -5.40 -3.99 -12.25
CA ASP A 186 -5.56 -2.54 -12.17
C ASP A 186 -7.04 -2.18 -12.14
N LEU A 187 -7.86 -3.03 -12.76
CA LEU A 187 -9.31 -2.87 -12.68
C LEU A 187 -9.77 -3.12 -11.24
N LYS A 188 -9.14 -4.11 -10.62
CA LYS A 188 -9.39 -4.42 -9.21
C LYS A 188 -8.89 -3.27 -8.33
N LEU A 189 -7.75 -2.71 -8.71
CA LEU A 189 -7.18 -1.56 -8.02
C LEU A 189 -8.15 -0.39 -8.08
N GLN A 190 -8.62 -0.07 -9.29
CA GLN A 190 -9.60 0.99 -9.49
C GLN A 190 -10.90 0.67 -8.76
N GLU A 191 -11.22 -0.60 -8.64
CA GLU A 191 -12.38 -1.05 -7.90
C GLU A 191 -12.26 -0.62 -6.44
N ILE A 192 -11.15 -0.99 -5.83
CA ILE A 192 -10.90 -0.69 -4.43
C ILE A 192 -10.86 0.83 -4.19
N THR A 193 -10.19 1.55 -5.08
CA THR A 193 -10.07 2.99 -4.92
C THR A 193 -11.42 3.69 -5.08
N GLU A 194 -12.20 3.23 -6.06
CA GLU A 194 -13.53 3.80 -6.30
C GLU A 194 -14.46 3.49 -5.14
N LEU A 195 -14.42 2.25 -4.66
CA LEU A 195 -15.26 1.84 -3.55
C LEU A 195 -14.86 2.56 -2.27
N LEU A 196 -13.56 2.55 -1.97
CA LEU A 196 -13.04 3.12 -0.73
C LEU A 196 -13.47 4.56 -0.53
N ARG A 197 -13.33 5.37 -1.57
CA ARG A 197 -13.68 6.78 -1.51
C ARG A 197 -15.15 6.98 -1.10
N ASP A 198 -15.97 5.98 -1.39
CA ASP A 198 -17.39 6.04 -1.07
C ASP A 198 -17.70 5.24 0.20
N GLU A 199 -16.81 4.34 0.55
CA GLU A 199 -17.05 3.38 1.62
C GLU A 199 -16.55 3.88 2.98
N ILE A 200 -15.33 4.41 3.01
CA ILE A 200 -14.69 4.79 4.26
C ILE A 200 -15.36 6.02 4.89
N GLU A 201 -15.84 6.93 4.05
CA GLU A 201 -16.36 8.20 4.50
C GLU A 201 -17.60 8.03 5.41
N PRO A 202 -18.64 7.24 5.00
CA PRO A 202 -19.85 7.07 5.82
C PRO A 202 -19.55 6.52 7.21
N LYS A 203 -18.47 5.75 7.33
CA LYS A 203 -18.09 5.16 8.61
C LYS A 203 -17.55 6.24 9.53
N LEU A 204 -16.87 7.22 8.95
CA LEU A 204 -16.39 8.36 9.70
C LEU A 204 -17.57 9.28 10.02
N GLU A 205 -18.38 9.56 9.00
CA GLU A 205 -19.54 10.43 9.12
C GLU A 205 -20.46 9.97 10.25
N LYS A 206 -20.83 8.70 10.23
CA LYS A 206 -21.76 8.17 11.22
C LYS A 206 -21.17 8.26 12.62
N LEU A 207 -19.89 7.95 12.76
CA LEU A 207 -19.25 7.96 14.08
C LEU A 207 -19.32 9.34 14.71
N ARG A 208 -19.04 10.35 13.89
CA ARG A 208 -19.06 11.73 14.36
C ARG A 208 -20.41 12.09 14.94
N GLN A 209 -21.47 11.79 14.18
CA GLN A 209 -22.84 12.09 14.63
C GLN A 209 -23.26 11.16 15.77
N GLU A 210 -23.07 9.87 15.54
CA GLU A 210 -23.58 8.83 16.42
C GLU A 210 -22.95 8.87 17.81
N LYS A 211 -21.64 9.00 17.87
CA LYS A 211 -20.94 8.94 19.14
C LYS A 211 -21.32 10.13 20.03
N ARG A 212 -21.67 11.24 19.40
CA ARG A 212 -22.11 12.42 20.13
C ARG A 212 -23.53 12.25 20.61
N ALA A 213 -24.39 11.76 19.72
CA ALA A 213 -25.80 11.55 20.05
C ALA A 213 -25.98 10.40 21.04
N PHE A 214 -25.13 9.41 20.95
CA PHE A 214 -25.18 8.28 21.86
C PHE A 214 -24.61 8.63 23.23
N LEU A 215 -23.37 9.12 23.25
CA LEU A 215 -22.68 9.36 24.52
C LEU A 215 -23.14 10.65 25.21
N ASP A 216 -23.10 11.76 24.48
CA ASP A 216 -23.41 13.06 25.08
C ASP A 216 -24.91 13.26 25.26
N PHE A 217 -25.64 13.18 24.16
CA PHE A 217 -27.09 13.31 24.19
C PHE A 217 -27.71 12.32 25.17
N GLN A 218 -27.47 11.05 24.92
CA GLN A 218 -28.06 9.99 25.71
C GLN A 218 -27.13 9.57 26.84
N GLN A 219 -26.46 10.56 27.44
CA GLN A 219 -25.52 10.32 28.54
C GLN A 219 -26.17 9.53 29.66
N THR A 220 -27.27 10.05 30.18
CA THR A 220 -27.97 9.42 31.29
C THR A 220 -29.07 8.50 30.79
N GLN A 221 -28.67 7.29 30.38
CA GLN A 221 -29.62 6.31 29.90
C GLN A 221 -29.93 5.27 30.98
N GLY A 1 21.37 5.03 21.23
CA GLY A 1 21.54 3.58 21.34
C GLY A 1 20.52 2.95 22.26
N HIS A 2 20.56 1.63 22.39
CA HIS A 2 19.61 0.93 23.25
C HIS A 2 20.24 -0.36 23.79
N MET A 3 20.66 -1.24 22.90
CA MET A 3 21.25 -2.50 23.30
C MET A 3 22.69 -2.31 23.77
N ARG A 4 23.36 -1.30 23.22
CA ARG A 4 24.72 -0.94 23.61
C ARG A 4 25.72 -2.03 23.22
N ALA A 5 25.27 -2.98 22.42
CA ALA A 5 26.09 -4.09 22.00
C ALA A 5 26.96 -3.69 20.81
N VAL A 6 28.27 -3.68 21.00
CA VAL A 6 29.20 -3.33 19.95
C VAL A 6 29.59 -4.58 19.16
N THR A 7 28.90 -4.79 18.05
CA THR A 7 29.13 -5.97 17.22
C THR A 7 29.93 -5.62 15.97
N PRO A 8 30.79 -6.54 15.51
CA PRO A 8 31.60 -6.34 14.31
C PRO A 8 30.82 -6.66 13.02
N MET A 9 29.53 -6.93 13.17
CA MET A 9 28.68 -7.24 12.02
C MET A 9 28.38 -5.99 11.22
N LYS A 10 28.36 -6.13 9.90
CA LYS A 10 28.09 -5.01 9.01
C LYS A 10 26.60 -4.77 8.87
N ARG A 11 26.25 -3.72 8.14
CA ARG A 11 24.85 -3.39 7.87
C ARG A 11 24.31 -4.31 6.77
N VAL A 12 23.03 -4.16 6.46
CA VAL A 12 22.42 -4.95 5.40
C VAL A 12 22.75 -4.35 4.04
N PRO A 13 23.42 -5.13 3.17
CA PRO A 13 23.76 -4.69 1.82
C PRO A 13 22.51 -4.49 0.97
N ILE A 14 22.46 -3.38 0.24
CA ILE A 14 21.30 -3.06 -0.59
C ILE A 14 21.06 -4.12 -1.66
N LEU A 15 22.15 -4.64 -2.22
CA LEU A 15 22.06 -5.74 -3.18
C LEU A 15 21.32 -6.92 -2.55
N ALA A 16 21.74 -7.28 -1.33
CA ALA A 16 21.14 -8.39 -0.61
C ALA A 16 19.72 -8.05 -0.18
N ASN A 17 19.49 -6.79 0.15
CA ASN A 17 18.18 -6.30 0.56
C ASN A 17 17.16 -6.53 -0.56
N PHE A 18 17.55 -6.21 -1.78
CA PHE A 18 16.67 -6.38 -2.93
C PHE A 18 16.46 -7.87 -3.23
N GLU A 19 17.52 -8.65 -3.12
CA GLU A 19 17.43 -10.09 -3.32
C GLU A 19 16.52 -10.74 -2.29
N GLU A 20 16.60 -10.24 -1.06
CA GLU A 20 15.76 -10.71 0.03
C GLU A 20 14.31 -10.35 -0.25
N TRP A 21 14.09 -9.17 -0.82
CA TRP A 21 12.77 -8.75 -1.24
C TRP A 21 12.22 -9.68 -2.31
N MET A 22 13.09 -10.10 -3.22
CA MET A 22 12.69 -11.04 -4.27
C MET A 22 12.26 -12.36 -3.65
N LYS A 23 12.97 -12.78 -2.61
CA LYS A 23 12.62 -13.99 -1.87
C LYS A 23 11.25 -13.82 -1.21
N MET A 24 11.03 -12.66 -0.61
CA MET A 24 9.75 -12.36 0.03
C MET A 24 8.62 -12.41 -1.00
N ALA A 25 8.87 -11.84 -2.17
CA ALA A 25 7.87 -11.80 -3.23
C ALA A 25 7.60 -13.18 -3.83
N THR A 26 8.67 -13.84 -4.30
CA THR A 26 8.52 -15.12 -5.00
C THR A 26 7.99 -16.22 -4.09
N ASP A 27 8.50 -16.27 -2.87
CA ASP A 27 8.12 -17.32 -1.93
C ASP A 27 6.85 -16.91 -1.18
N ASN A 28 6.31 -15.75 -1.56
CA ASN A 28 5.05 -15.23 -1.01
C ASN A 28 5.16 -15.04 0.51
N LYS A 29 6.35 -14.72 0.98
CA LYS A 29 6.57 -14.47 2.39
C LYS A 29 6.14 -13.05 2.74
N ILE A 30 5.97 -12.22 1.72
CA ILE A 30 5.48 -10.88 1.92
C ILE A 30 4.00 -10.91 2.25
N ASN A 31 3.68 -10.63 3.50
CA ASN A 31 2.31 -10.65 3.97
C ASN A 31 1.79 -9.22 4.06
N ALA A 32 0.66 -9.02 4.73
CA ALA A 32 0.01 -7.71 4.73
C ALA A 32 0.81 -6.68 5.53
N ALA A 33 1.16 -7.02 6.76
CA ALA A 33 1.86 -6.09 7.65
C ALA A 33 3.20 -5.66 7.07
N ASN A 34 3.83 -6.55 6.30
CA ASN A 34 5.13 -6.25 5.71
C ASN A 34 5.01 -6.08 4.20
N SER A 35 3.79 -5.91 3.73
CA SER A 35 3.58 -5.53 2.35
C SER A 35 4.02 -4.08 2.18
N TRP A 36 3.99 -3.37 3.30
CA TRP A 36 4.47 -2.00 3.34
C TRP A 36 5.97 -1.98 3.60
N ASN A 37 6.60 -0.88 3.21
CA ASN A 37 8.06 -0.73 3.25
C ASN A 37 8.72 -1.61 2.18
N PHE A 38 7.90 -2.30 1.40
CA PHE A 38 8.37 -3.09 0.28
C PHE A 38 7.92 -2.47 -1.03
N ALA A 39 8.74 -1.59 -1.58
CA ALA A 39 8.46 -1.03 -2.90
C ALA A 39 9.65 -1.23 -3.81
N LEU A 40 9.43 -1.96 -4.89
CA LEU A 40 10.48 -2.20 -5.88
C LEU A 40 10.75 -0.96 -6.71
N ILE A 41 9.81 -0.03 -6.67
CA ILE A 41 9.85 1.18 -7.49
C ILE A 41 11.13 1.98 -7.25
N ASP A 42 11.58 2.01 -6.00
CA ASP A 42 12.80 2.72 -5.64
C ASP A 42 13.99 2.16 -6.41
N TYR A 43 13.99 0.85 -6.61
CA TYR A 43 15.09 0.18 -7.30
C TYR A 43 14.92 0.24 -8.82
N PHE A 44 13.67 0.26 -9.28
CA PHE A 44 13.39 0.32 -10.71
C PHE A 44 13.82 1.66 -11.30
N HIS A 45 13.54 2.74 -10.60
CA HIS A 45 13.92 4.06 -11.07
C HIS A 45 15.41 4.30 -10.86
N ASP A 46 16.00 3.58 -9.92
CA ASP A 46 17.44 3.65 -9.71
C ASP A 46 18.16 2.89 -10.81
N MET A 47 17.75 1.63 -11.00
CA MET A 47 18.33 0.74 -12.01
C MET A 47 19.75 0.30 -11.68
N SER A 48 20.61 1.28 -11.36
CA SER A 48 22.04 1.06 -11.17
C SER A 48 22.33 -0.05 -10.16
N LEU A 49 21.38 -0.29 -9.26
CA LEU A 49 21.46 -1.41 -8.33
C LEU A 49 21.81 -2.70 -9.07
N LEU A 50 21.08 -2.99 -10.14
CA LEU A 50 21.33 -4.17 -10.96
C LEU A 50 21.62 -3.80 -12.40
N LYS A 51 22.12 -2.59 -12.60
CA LYS A 51 22.47 -2.10 -13.92
C LYS A 51 23.96 -1.80 -13.99
N GLU A 52 24.63 -2.36 -14.99
CA GLU A 52 26.07 -2.24 -15.10
C GLU A 52 26.44 -1.36 -16.28
N GLY A 53 27.01 -0.20 -15.98
CA GLY A 53 27.45 0.70 -17.02
C GLY A 53 26.30 1.44 -17.68
N ASP A 54 25.98 1.04 -18.89
CA ASP A 54 24.93 1.69 -19.65
C ASP A 54 23.83 0.69 -20.01
N SER A 55 24.18 -0.58 -20.06
CA SER A 55 23.23 -1.62 -20.40
C SER A 55 22.61 -2.22 -19.14
N VAL A 56 21.60 -3.04 -19.33
CA VAL A 56 20.87 -3.63 -18.22
C VAL A 56 20.40 -5.03 -18.61
N ASN A 57 20.58 -5.97 -17.70
CA ASN A 57 20.11 -7.33 -17.91
C ASN A 57 18.59 -7.33 -17.94
N PHE A 58 18.03 -7.45 -19.13
CA PHE A 58 16.59 -7.46 -19.30
C PHE A 58 16.00 -8.75 -18.76
N GLN A 59 16.87 -9.69 -18.43
CA GLN A 59 16.44 -10.99 -17.94
C GLN A 59 15.86 -10.81 -16.54
N LYS A 60 16.70 -10.32 -15.64
CA LYS A 60 16.28 -10.04 -14.29
C LYS A 60 15.28 -8.89 -14.27
N ALA A 61 15.39 -7.99 -15.23
CA ALA A 61 14.56 -6.80 -15.29
C ALA A 61 13.09 -7.16 -15.53
N SER A 62 12.85 -8.04 -16.50
CA SER A 62 11.50 -8.48 -16.80
C SER A 62 10.95 -9.35 -15.68
N CYS A 63 11.84 -10.14 -15.09
CA CYS A 63 11.49 -10.97 -13.95
C CYS A 63 11.01 -10.11 -12.78
N THR A 64 11.80 -9.11 -12.44
CA THR A 64 11.46 -8.21 -11.34
C THR A 64 10.23 -7.38 -11.67
N LEU A 65 10.02 -7.11 -12.96
CA LEU A 65 8.89 -6.31 -13.41
C LEU A 65 7.60 -7.07 -13.16
N ASP A 66 7.59 -8.37 -13.50
CA ASP A 66 6.42 -9.21 -13.27
C ASP A 66 6.12 -9.32 -11.77
N GLY A 67 7.18 -9.49 -10.99
CA GLY A 67 7.04 -9.53 -9.55
C GLY A 67 6.55 -8.20 -9.00
N CYS A 68 6.95 -7.12 -9.65
CA CYS A 68 6.53 -5.78 -9.25
C CYS A 68 5.03 -5.62 -9.42
N VAL A 69 4.48 -6.21 -10.48
CA VAL A 69 3.04 -6.19 -10.71
C VAL A 69 2.32 -6.91 -9.56
N LYS A 70 2.91 -8.01 -9.11
CA LYS A 70 2.34 -8.78 -8.02
C LYS A 70 2.42 -8.01 -6.70
N ILE A 71 3.60 -7.50 -6.37
CA ILE A 71 3.79 -6.78 -5.11
C ILE A 71 2.98 -5.48 -5.11
N TYR A 72 2.86 -4.86 -6.27
CA TYR A 72 2.04 -3.66 -6.44
C TYR A 72 0.62 -3.92 -5.93
N THR A 73 0.00 -4.97 -6.45
CA THR A 73 -1.37 -5.28 -6.10
C THR A 73 -1.47 -5.92 -4.72
N SER A 74 -0.38 -6.54 -4.27
CA SER A 74 -0.34 -7.09 -2.92
C SER A 74 -0.48 -5.96 -1.90
N ARG A 75 0.18 -4.84 -2.19
CA ARG A 75 0.07 -3.65 -1.36
C ARG A 75 -1.33 -3.08 -1.43
N VAL A 76 -1.90 -3.07 -2.64
CA VAL A 76 -3.28 -2.62 -2.84
C VAL A 76 -4.23 -3.46 -2.00
N ASP A 77 -3.99 -4.76 -1.97
CA ASP A 77 -4.76 -5.67 -1.14
C ASP A 77 -4.66 -5.30 0.33
N SER A 78 -3.44 -4.96 0.75
CA SER A 78 -3.19 -4.56 2.13
C SER A 78 -3.94 -3.27 2.47
N VAL A 79 -4.11 -2.41 1.47
CA VAL A 79 -4.89 -1.19 1.64
C VAL A 79 -6.33 -1.53 1.98
N ALA A 80 -6.88 -2.54 1.30
CA ALA A 80 -8.28 -2.91 1.48
C ALA A 80 -8.58 -3.43 2.90
N THR A 81 -7.56 -3.95 3.58
CA THR A 81 -7.72 -4.30 4.98
C THR A 81 -7.74 -3.03 5.82
N GLU A 82 -6.81 -2.14 5.53
CA GLU A 82 -6.61 -0.94 6.33
C GLU A 82 -7.67 0.11 6.00
N THR A 83 -8.30 0.01 4.84
CA THR A 83 -9.30 0.99 4.43
C THR A 83 -10.44 1.08 5.44
N GLY A 84 -10.70 -0.03 6.13
CA GLY A 84 -11.75 -0.05 7.14
C GLY A 84 -11.54 1.01 8.19
N LYS A 85 -10.28 1.33 8.46
CA LYS A 85 -9.93 2.29 9.51
C LYS A 85 -10.38 3.70 9.11
N LEU A 86 -10.43 3.96 7.81
CA LEU A 86 -10.73 5.30 7.27
C LEU A 86 -12.03 5.88 7.82
N LEU A 87 -13.03 5.03 8.05
CA LEU A 87 -14.36 5.47 8.47
C LEU A 87 -14.28 6.38 9.70
N SER A 88 -13.45 6.01 10.66
CA SER A 88 -13.33 6.75 11.90
C SER A 88 -12.86 8.18 11.63
N GLY A 89 -11.83 8.32 10.81
CA GLY A 89 -11.32 9.64 10.46
C GLY A 89 -12.29 10.43 9.61
N LEU A 90 -12.89 9.77 8.62
CA LEU A 90 -13.86 10.39 7.73
C LEU A 90 -15.05 10.93 8.53
N ALA A 91 -15.51 10.14 9.49
CA ALA A 91 -16.63 10.53 10.33
C ALA A 91 -16.25 11.68 11.24
N ASP A 92 -15.02 11.64 11.75
CA ASP A 92 -14.53 12.68 12.65
C ASP A 92 -14.40 14.02 11.92
N SER A 93 -13.80 13.99 10.73
CA SER A 93 -13.65 15.19 9.92
C SER A 93 -15.01 15.75 9.51
N ARG A 94 -15.95 14.85 9.20
CA ARG A 94 -17.30 15.24 8.80
C ARG A 94 -18.05 15.89 9.97
N ASP A 95 -17.83 15.37 11.16
CA ASP A 95 -18.51 15.89 12.34
C ASP A 95 -17.90 17.22 12.78
N SER A 96 -16.73 17.14 13.43
CA SER A 96 -15.98 18.32 13.86
C SER A 96 -16.83 19.31 14.68
N LYS A 97 -17.89 18.82 15.30
CA LYS A 97 -18.76 19.68 16.10
C LYS A 97 -18.99 19.07 17.47
N LYS A 98 -18.98 19.92 18.50
CA LYS A 98 -19.05 19.47 19.89
C LYS A 98 -17.91 18.50 20.18
N LYS A 99 -16.76 19.04 20.55
CA LYS A 99 -15.62 18.21 20.87
C LYS A 99 -15.82 17.57 22.24
N ASP A 100 -15.31 16.36 22.40
CA ASP A 100 -15.46 15.64 23.64
C ASP A 100 -14.49 16.16 24.69
N ARG A 101 -14.76 15.88 25.95
CA ARG A 101 -13.92 16.31 27.04
C ARG A 101 -12.57 15.62 26.94
N GLU A 102 -12.63 14.30 26.82
CA GLU A 102 -11.45 13.48 26.67
C GLU A 102 -11.33 12.97 25.25
N ASP A 103 -10.13 13.08 24.69
CA ASP A 103 -9.87 12.56 23.36
C ASP A 103 -9.33 11.15 23.45
N GLY A 104 -8.61 10.89 24.53
CA GLY A 104 -8.04 9.58 24.74
C GLY A 104 -7.50 9.44 26.15
N GLY A 105 -6.98 8.26 26.45
CA GLY A 105 -6.44 8.00 27.76
C GLY A 105 -7.47 7.45 28.70
N GLY A 106 -7.16 7.47 29.99
CA GLY A 106 -8.08 6.96 30.99
C GLY A 106 -7.74 5.55 31.40
N SER A 107 -7.25 5.41 32.62
CA SER A 107 -6.90 4.10 33.14
C SER A 107 -8.17 3.34 33.52
N GLY A 108 -8.41 2.23 32.85
CA GLY A 108 -9.60 1.45 33.08
C GLY A 108 -9.61 0.17 32.29
N GLY A 109 -9.23 -0.92 32.93
CA GLY A 109 -9.18 -2.20 32.27
C GLY A 109 -8.58 -3.27 33.15
N SER A 110 -9.10 -3.40 34.36
CA SER A 110 -8.58 -4.35 35.32
C SER A 110 -9.57 -4.56 36.46
N LEU A 111 -10.28 -3.50 36.81
CA LEU A 111 -11.25 -3.54 37.89
C LEU A 111 -12.42 -4.47 37.53
N ARG A 112 -13.08 -4.17 36.43
CA ARG A 112 -14.22 -4.95 35.99
C ARG A 112 -13.90 -5.68 34.70
N LYS A 113 -14.67 -6.71 34.39
CA LYS A 113 -14.44 -7.51 33.20
C LYS A 113 -15.45 -7.17 32.11
N LYS A 114 -16.31 -6.20 32.42
CA LYS A 114 -17.23 -5.65 31.45
C LYS A 114 -16.53 -4.79 30.41
N ILE A 115 -17.32 -3.98 29.73
CA ILE A 115 -16.83 -3.01 28.78
C ILE A 115 -15.91 -1.99 29.48
N ASN A 116 -14.67 -1.93 29.06
CA ASN A 116 -13.71 -1.00 29.63
C ASN A 116 -13.63 0.29 28.81
N PRO A 117 -13.26 1.41 29.44
CA PRO A 117 -13.10 2.69 28.74
C PRO A 117 -11.98 2.65 27.70
N LYS A 118 -11.05 1.71 27.86
CA LYS A 118 -9.94 1.58 26.91
C LYS A 118 -10.40 1.04 25.56
N VAL A 119 -11.65 0.57 25.51
CA VAL A 119 -12.23 0.12 24.24
C VAL A 119 -12.29 1.29 23.26
N MET A 120 -12.58 2.48 23.77
CA MET A 120 -12.63 3.68 22.95
C MET A 120 -11.22 4.11 22.55
N ASN A 121 -10.25 3.76 23.39
CA ASN A 121 -8.85 4.08 23.12
C ASN A 121 -8.33 3.27 21.94
N MET A 122 -8.86 2.06 21.80
CA MET A 122 -8.53 1.22 20.66
C MET A 122 -8.96 1.90 19.36
N ILE A 123 -10.15 2.48 19.39
CA ILE A 123 -10.70 3.17 18.23
C ILE A 123 -9.96 4.49 17.96
N ASP A 124 -9.50 5.13 19.03
CA ASP A 124 -8.72 6.37 18.92
C ASP A 124 -7.50 6.15 18.03
N SER A 125 -6.89 4.98 18.16
CA SER A 125 -5.76 4.61 17.33
C SER A 125 -6.20 4.40 15.88
N VAL A 126 -7.39 3.86 15.70
CA VAL A 126 -7.97 3.62 14.38
C VAL A 126 -8.13 4.94 13.62
N GLU A 127 -8.62 5.95 14.32
CA GLU A 127 -8.86 7.26 13.73
C GLU A 127 -7.56 7.89 13.22
N LYS A 128 -6.47 7.62 13.94
CA LYS A 128 -5.16 8.16 13.57
C LYS A 128 -4.63 7.48 12.32
N LYS A 129 -4.99 6.21 12.14
CA LYS A 129 -4.47 5.39 11.05
C LYS A 129 -4.82 5.97 9.68
N GLU A 130 -5.93 6.70 9.60
CA GLU A 130 -6.39 7.28 8.33
C GLU A 130 -5.31 8.16 7.70
N MET A 131 -4.47 8.76 8.54
CA MET A 131 -3.42 9.66 8.06
C MET A 131 -2.37 8.88 7.28
N SER A 132 -2.02 7.69 7.77
CA SER A 132 -1.12 6.81 7.05
C SER A 132 -1.82 6.21 5.83
N LEU A 133 -3.13 6.02 5.97
CA LEU A 133 -3.94 5.41 4.92
C LEU A 133 -3.95 6.24 3.64
N LYS A 134 -4.14 7.55 3.77
CA LYS A 134 -4.13 8.42 2.61
C LYS A 134 -2.78 8.32 1.92
N HIS A 135 -1.72 8.22 2.72
CA HIS A 135 -0.37 8.05 2.22
C HIS A 135 -0.23 6.71 1.49
N MET A 136 -0.74 5.65 2.10
CA MET A 136 -0.62 4.30 1.54
C MET A 136 -1.43 4.17 0.24
N MET A 137 -2.65 4.71 0.23
CA MET A 137 -3.46 4.72 -0.99
C MET A 137 -2.75 5.50 -2.10
N LYS A 138 -2.24 6.68 -1.76
CA LYS A 138 -1.51 7.49 -2.73
C LYS A 138 -0.19 6.80 -3.12
N THR A 139 0.32 5.95 -2.24
CA THR A 139 1.54 5.22 -2.52
C THR A 139 1.36 4.25 -3.68
N VAL A 140 0.28 3.47 -3.65
CA VAL A 140 0.02 2.53 -4.73
C VAL A 140 -0.22 3.28 -6.03
N LEU A 141 -0.83 4.46 -5.94
CA LEU A 141 -1.13 5.25 -7.13
C LEU A 141 0.13 5.91 -7.70
N LYS A 142 0.99 6.42 -6.83
CA LYS A 142 2.23 7.05 -7.29
C LYS A 142 3.17 5.98 -7.85
N ASP A 143 3.22 4.83 -7.18
CA ASP A 143 4.02 3.71 -7.64
C ASP A 143 3.49 3.19 -8.97
N LYS A 144 2.19 3.30 -9.16
CA LYS A 144 1.55 2.98 -10.43
C LYS A 144 2.21 3.76 -11.55
N HIS A 145 2.28 5.07 -11.38
CA HIS A 145 2.91 5.94 -12.37
C HIS A 145 4.39 5.60 -12.51
N LYS A 146 5.03 5.34 -11.38
CA LYS A 146 6.45 5.01 -11.36
C LYS A 146 6.74 3.74 -12.17
N ILE A 147 5.88 2.73 -12.04
CA ILE A 147 6.02 1.51 -12.81
C ILE A 147 5.89 1.81 -14.31
N GLU A 148 4.88 2.61 -14.65
CA GLU A 148 4.67 3.03 -16.02
C GLU A 148 5.93 3.71 -16.57
N GLU A 149 6.52 4.59 -15.76
CA GLU A 149 7.75 5.26 -16.13
C GLU A 149 8.87 4.26 -16.37
N THR A 150 8.95 3.26 -15.49
CA THR A 150 9.99 2.25 -15.58
C THR A 150 9.85 1.43 -16.86
N ILE A 151 8.62 1.04 -17.19
CA ILE A 151 8.35 0.26 -18.38
C ILE A 151 8.78 1.02 -19.63
N ALA A 152 8.50 2.32 -19.66
CA ALA A 152 8.89 3.17 -20.77
C ALA A 152 10.40 3.33 -20.85
N THR A 153 11.04 3.36 -19.68
CA THR A 153 12.49 3.54 -19.59
C THR A 153 13.23 2.27 -20.04
N LEU A 154 12.77 1.12 -19.55
CA LEU A 154 13.39 -0.14 -19.95
C LEU A 154 13.16 -0.39 -21.44
N ASP A 155 12.06 0.15 -21.94
CA ASP A 155 11.71 0.06 -23.35
C ASP A 155 12.66 0.89 -24.22
N GLU A 156 13.06 2.06 -23.72
CA GLU A 156 13.95 2.94 -24.48
C GLU A 156 15.36 2.34 -24.53
N TYR A 157 15.67 1.49 -23.55
CA TYR A 157 16.93 0.75 -23.58
C TYR A 157 16.90 -0.30 -24.69
N LYS A 158 15.71 -0.86 -24.94
CA LYS A 158 15.52 -1.79 -26.05
C LYS A 158 15.56 -1.02 -27.38
N ARG A 159 15.32 0.28 -27.31
CA ARG A 159 15.37 1.13 -28.49
C ARG A 159 16.81 1.38 -28.90
N LYS A 160 17.66 1.75 -27.95
CA LYS A 160 19.07 2.00 -28.22
C LYS A 160 19.83 0.69 -28.42
N ALA A 161 19.45 -0.32 -27.65
CA ALA A 161 20.03 -1.65 -27.79
C ALA A 161 18.99 -2.60 -28.37
N SER A 162 19.07 -2.82 -29.67
CA SER A 162 18.09 -3.63 -30.39
C SER A 162 18.12 -5.09 -29.94
N GLY A 163 19.32 -5.62 -29.74
CA GLY A 163 19.46 -6.99 -29.32
C GLY A 163 20.37 -7.15 -28.11
N GLY A 164 21.42 -6.34 -28.06
CA GLY A 164 22.41 -6.48 -27.01
C GLY A 164 23.08 -7.83 -27.07
N SER A 165 22.85 -8.64 -26.05
CA SER A 165 23.29 -10.03 -26.08
C SER A 165 22.06 -10.91 -26.16
N ALA A 166 21.14 -10.70 -25.21
CA ALA A 166 19.87 -11.42 -25.16
C ALA A 166 19.00 -10.83 -24.06
N GLY A 167 17.74 -10.57 -24.37
CA GLY A 167 16.83 -10.07 -23.37
C GLY A 167 15.89 -9.01 -23.91
N THR A 168 16.34 -8.26 -24.89
CA THR A 168 15.55 -7.17 -25.44
C THR A 168 14.27 -7.68 -26.10
N ARG A 169 14.39 -8.74 -26.88
CA ARG A 169 13.24 -9.34 -27.55
C ARG A 169 12.35 -10.06 -26.54
N MET A 170 12.97 -10.64 -25.52
CA MET A 170 12.23 -11.33 -24.48
C MET A 170 11.46 -10.34 -23.62
N PHE A 171 12.02 -9.14 -23.46
CA PHE A 171 11.33 -8.06 -22.75
C PHE A 171 10.01 -7.73 -23.43
N GLU A 172 9.96 -7.86 -24.74
CA GLU A 172 8.74 -7.63 -25.49
C GLU A 172 7.72 -8.70 -25.16
N ASP A 173 8.18 -9.95 -25.13
CA ASP A 173 7.33 -11.09 -24.84
C ASP A 173 6.76 -10.99 -23.43
N ARG A 174 7.57 -10.47 -22.52
CA ARG A 174 7.13 -10.26 -21.15
C ARG A 174 6.20 -9.05 -21.05
N LYS A 175 6.52 -7.99 -21.79
CA LYS A 175 5.76 -6.74 -21.72
C LYS A 175 4.27 -6.97 -21.96
N GLU A 176 3.96 -7.68 -23.05
CA GLU A 176 2.57 -7.93 -23.41
C GLU A 176 1.83 -8.63 -22.27
N LYS A 177 2.51 -9.54 -21.60
CA LYS A 177 1.89 -10.33 -20.53
C LYS A 177 1.81 -9.54 -19.25
N ALA A 178 2.89 -8.82 -18.94
CA ALA A 178 2.96 -8.02 -17.73
C ALA A 178 1.93 -6.91 -17.76
N LEU A 179 1.87 -6.19 -18.87
CA LEU A 179 0.93 -5.08 -19.02
C LEU A 179 -0.50 -5.60 -19.09
N LYS A 180 -0.67 -6.79 -19.67
CA LYS A 180 -1.98 -7.43 -19.75
C LYS A 180 -2.53 -7.70 -18.35
N THR A 181 -1.68 -8.30 -17.53
CA THR A 181 -2.05 -8.64 -16.16
C THR A 181 -2.19 -7.37 -15.31
N MET A 182 -1.27 -6.43 -15.52
CA MET A 182 -1.29 -5.17 -14.77
C MET A 182 -2.56 -4.38 -15.07
N ALA A 183 -3.03 -4.45 -16.31
CA ALA A 183 -4.25 -3.78 -16.70
C ALA A 183 -5.45 -4.34 -15.93
N LYS A 184 -5.52 -5.67 -15.87
CA LYS A 184 -6.60 -6.34 -15.17
C LYS A 184 -6.51 -6.10 -13.67
N LYS A 185 -5.28 -6.08 -13.16
CA LYS A 185 -5.06 -5.84 -11.75
C LYS A 185 -5.36 -4.40 -11.37
N ASP A 186 -5.15 -3.48 -12.31
CA ASP A 186 -5.48 -2.07 -12.10
C ASP A 186 -6.99 -1.92 -12.01
N LEU A 187 -7.70 -2.71 -12.81
CA LEU A 187 -9.15 -2.74 -12.76
C LEU A 187 -9.62 -3.20 -11.39
N LYS A 188 -8.86 -4.09 -10.78
CA LYS A 188 -9.17 -4.58 -9.43
C LYS A 188 -8.87 -3.50 -8.41
N LEU A 189 -7.84 -2.70 -8.67
CA LEU A 189 -7.52 -1.54 -7.84
C LEU A 189 -8.68 -0.55 -7.88
N GLN A 190 -9.16 -0.26 -9.08
CA GLN A 190 -10.33 0.59 -9.26
C GLN A 190 -11.52 0.00 -8.50
N GLU A 191 -11.70 -1.31 -8.62
CA GLU A 191 -12.75 -2.02 -7.92
C GLU A 191 -12.64 -1.81 -6.41
N ILE A 192 -11.41 -1.91 -5.90
CA ILE A 192 -11.15 -1.75 -4.47
C ILE A 192 -11.59 -0.37 -3.97
N THR A 193 -11.29 0.68 -4.73
CA THR A 193 -11.63 2.03 -4.32
C THR A 193 -13.14 2.21 -4.18
N GLU A 194 -13.89 1.72 -5.17
CA GLU A 194 -15.34 1.85 -5.16
C GLU A 194 -15.96 0.90 -4.16
N LEU A 195 -15.32 -0.25 -3.97
CA LEU A 195 -15.81 -1.26 -3.04
C LEU A 195 -15.64 -0.79 -1.60
N LEU A 196 -14.44 -0.33 -1.27
CA LEU A 196 -14.12 0.13 0.07
C LEU A 196 -15.06 1.25 0.48
N ARG A 197 -15.44 2.08 -0.48
CA ARG A 197 -16.38 3.17 -0.25
C ARG A 197 -17.59 2.70 0.55
N ASP A 198 -18.10 1.52 0.20
CA ASP A 198 -19.23 0.93 0.90
C ASP A 198 -18.74 -0.03 1.98
N GLU A 199 -17.76 -0.84 1.63
CA GLU A 199 -17.32 -1.96 2.46
C GLU A 199 -16.72 -1.53 3.80
N ILE A 200 -15.94 -0.48 3.82
CA ILE A 200 -15.20 -0.09 5.03
C ILE A 200 -16.14 0.45 6.09
N GLU A 201 -17.28 0.98 5.65
CA GLU A 201 -18.25 1.56 6.57
C GLU A 201 -18.74 0.52 7.60
N PRO A 202 -19.37 -0.61 7.18
CA PRO A 202 -19.75 -1.68 8.11
C PRO A 202 -18.53 -2.38 8.72
N LYS A 203 -17.41 -2.29 8.03
CA LYS A 203 -16.17 -2.95 8.46
C LYS A 203 -15.67 -2.35 9.77
N LEU A 204 -15.57 -1.02 9.83
CA LEU A 204 -15.15 -0.34 11.05
C LEU A 204 -16.27 -0.33 12.07
N GLU A 205 -17.51 -0.37 11.58
CA GLU A 205 -18.69 -0.23 12.43
C GLU A 205 -18.70 -1.22 13.59
N LYS A 206 -17.99 -2.34 13.45
CA LYS A 206 -17.86 -3.29 14.55
C LYS A 206 -17.21 -2.60 15.77
N LEU A 207 -16.24 -1.73 15.50
CA LEU A 207 -15.61 -0.93 16.54
C LEU A 207 -16.54 0.19 16.99
N ARG A 208 -17.23 0.79 16.02
CA ARG A 208 -18.16 1.87 16.29
C ARG A 208 -19.25 1.40 17.26
N GLN A 209 -19.72 0.18 17.04
CA GLN A 209 -20.70 -0.44 17.91
C GLN A 209 -20.18 -0.58 19.33
N GLU A 210 -18.89 -0.85 19.45
CA GLU A 210 -18.26 -1.02 20.77
C GLU A 210 -18.27 0.30 21.53
N LYS A 211 -17.99 1.40 20.83
CA LYS A 211 -18.03 2.72 21.44
C LYS A 211 -19.46 3.05 21.84
N ARG A 212 -20.40 2.72 20.95
CA ARG A 212 -21.82 2.89 21.23
C ARG A 212 -22.23 2.03 22.42
N ALA A 213 -21.68 0.82 22.49
CA ALA A 213 -21.96 -0.10 23.57
C ALA A 213 -21.52 0.46 24.91
N PHE A 214 -20.42 1.20 24.91
CA PHE A 214 -19.92 1.84 26.12
C PHE A 214 -20.88 2.93 26.56
N LEU A 215 -21.40 3.68 25.59
CA LEU A 215 -22.35 4.75 25.85
C LEU A 215 -23.66 4.20 26.41
N ASP A 216 -24.03 3.00 25.96
CA ASP A 216 -25.22 2.32 26.45
C ASP A 216 -24.94 1.70 27.81
N PHE A 217 -23.77 1.05 27.92
CA PHE A 217 -23.33 0.41 29.14
C PHE A 217 -23.32 1.41 30.31
N GLN A 218 -22.71 2.56 30.09
CA GLN A 218 -22.70 3.61 31.09
C GLN A 218 -24.02 4.37 31.06
N GLN A 219 -25.04 3.77 31.65
CA GLN A 219 -26.37 4.34 31.65
C GLN A 219 -26.50 5.41 32.71
N THR A 220 -26.01 5.11 33.89
CA THR A 220 -26.06 6.07 34.98
C THR A 220 -24.86 7.01 34.90
N GLN A 221 -25.06 8.15 34.27
CA GLN A 221 -24.01 9.13 34.08
C GLN A 221 -24.07 10.17 35.19
N GLY A 1 52.47 7.38 -3.39
CA GLY A 1 51.35 7.87 -2.54
C GLY A 1 51.21 7.06 -1.27
N HIS A 2 50.26 7.45 -0.44
CA HIS A 2 50.00 6.74 0.80
C HIS A 2 48.78 5.83 0.64
N MET A 3 47.66 6.43 0.31
CA MET A 3 46.44 5.70 0.07
C MET A 3 45.94 5.95 -1.35
N ARG A 4 45.73 4.88 -2.09
CA ARG A 4 45.27 5.00 -3.47
C ARG A 4 43.78 5.32 -3.49
N ALA A 5 43.46 6.59 -3.71
CA ALA A 5 42.08 7.07 -3.75
C ALA A 5 41.37 6.82 -2.41
N VAL A 6 40.07 7.10 -2.37
CA VAL A 6 39.29 6.84 -1.19
C VAL A 6 38.30 5.72 -1.46
N THR A 7 38.69 4.50 -1.11
CA THR A 7 37.83 3.35 -1.31
C THR A 7 36.99 3.08 -0.07
N PRO A 8 35.70 2.74 -0.26
CA PRO A 8 34.79 2.43 0.85
C PRO A 8 35.27 1.24 1.67
N MET A 9 36.00 0.37 1.02
CA MET A 9 36.54 -0.85 1.62
C MET A 9 35.42 -1.75 2.11
N LYS A 10 34.99 -2.66 1.24
CA LYS A 10 33.90 -3.59 1.52
C LYS A 10 32.58 -2.86 1.77
N ARG A 11 31.80 -2.71 0.71
CA ARG A 11 30.49 -2.09 0.80
C ARG A 11 29.43 -3.19 0.87
N VAL A 12 28.38 -2.96 1.64
CA VAL A 12 27.32 -3.95 1.81
C VAL A 12 26.62 -4.26 0.47
N PRO A 13 26.51 -5.54 0.13
CA PRO A 13 25.83 -5.97 -1.09
C PRO A 13 24.31 -5.83 -0.99
N ILE A 14 23.78 -4.85 -1.70
CA ILE A 14 22.35 -4.58 -1.68
C ILE A 14 21.60 -5.63 -2.48
N LEU A 15 22.36 -6.35 -3.31
CA LEU A 15 21.82 -7.46 -4.10
C LEU A 15 21.09 -8.46 -3.19
N ALA A 16 21.64 -8.65 -1.98
CA ALA A 16 21.06 -9.58 -1.02
C ALA A 16 19.73 -9.07 -0.48
N ASN A 17 19.62 -7.75 -0.34
CA ASN A 17 18.40 -7.13 0.16
C ASN A 17 17.29 -7.24 -0.89
N PHE A 18 17.68 -7.08 -2.15
CA PHE A 18 16.76 -7.09 -3.26
C PHE A 18 16.08 -8.46 -3.40
N GLU A 19 16.89 -9.52 -3.39
CA GLU A 19 16.37 -10.87 -3.54
C GLU A 19 15.60 -11.30 -2.30
N GLU A 20 15.96 -10.72 -1.15
CA GLU A 20 15.25 -10.98 0.09
C GLU A 20 13.79 -10.57 -0.05
N TRP A 21 13.59 -9.38 -0.61
CA TRP A 21 12.25 -8.88 -0.85
C TRP A 21 11.50 -9.76 -1.84
N MET A 22 12.22 -10.25 -2.84
CA MET A 22 11.62 -11.07 -3.86
C MET A 22 11.22 -12.43 -3.30
N LYS A 23 12.04 -12.95 -2.40
CA LYS A 23 11.73 -14.21 -1.73
C LYS A 23 10.46 -14.07 -0.91
N MET A 24 10.28 -12.90 -0.31
CA MET A 24 9.09 -12.60 0.48
C MET A 24 7.86 -12.51 -0.43
N ALA A 25 8.02 -11.85 -1.57
CA ALA A 25 6.92 -11.61 -2.49
C ALA A 25 6.45 -12.89 -3.19
N THR A 26 7.38 -13.77 -3.53
CA THR A 26 7.07 -14.95 -4.35
C THR A 26 6.05 -15.88 -3.71
N ASP A 27 6.26 -16.26 -2.45
CA ASP A 27 5.33 -17.16 -1.77
C ASP A 27 4.35 -16.39 -0.91
N ASN A 28 4.39 -15.06 -1.03
CA ASN A 28 3.49 -14.17 -0.30
C ASN A 28 3.74 -14.24 1.21
N LYS A 29 5.01 -14.41 1.58
CA LYS A 29 5.40 -14.35 2.98
C LYS A 29 5.40 -12.90 3.45
N ILE A 30 5.39 -11.99 2.46
CA ILE A 30 5.34 -10.56 2.72
C ILE A 30 4.02 -10.20 3.42
N ASN A 31 4.11 -9.96 4.72
CA ASN A 31 2.95 -9.57 5.50
C ASN A 31 2.54 -8.15 5.15
N ALA A 32 1.29 -7.81 5.41
CA ALA A 32 0.78 -6.49 5.07
C ALA A 32 1.48 -5.39 5.87
N ALA A 33 1.91 -5.74 7.08
CA ALA A 33 2.64 -4.80 7.94
C ALA A 33 3.88 -4.29 7.23
N ASN A 34 4.54 -5.18 6.49
CA ASN A 34 5.75 -4.84 5.77
C ASN A 34 5.50 -4.83 4.27
N SER A 35 4.24 -4.83 3.88
CA SER A 35 3.90 -4.69 2.46
C SER A 35 4.28 -3.29 2.02
N TRP A 36 4.39 -2.41 3.00
CA TRP A 36 4.84 -1.06 2.78
C TRP A 36 6.33 -0.99 3.08
N ASN A 37 7.02 -0.12 2.36
CA ASN A 37 8.48 0.05 2.43
C ASN A 37 9.20 -1.11 1.74
N PHE A 38 8.44 -2.05 1.22
CA PHE A 38 8.99 -3.08 0.34
C PHE A 38 8.95 -2.58 -1.09
N ALA A 39 9.94 -1.79 -1.48
CA ALA A 39 9.96 -1.26 -2.84
C ALA A 39 11.23 -1.62 -3.56
N LEU A 40 11.08 -2.40 -4.63
CA LEU A 40 12.15 -2.65 -5.57
C LEU A 40 12.36 -1.42 -6.46
N ILE A 41 11.34 -0.57 -6.48
CA ILE A 41 11.24 0.55 -7.41
C ILE A 41 12.45 1.48 -7.35
N ASP A 42 12.95 1.73 -6.15
CA ASP A 42 14.08 2.63 -5.97
C ASP A 42 15.28 2.18 -6.81
N TYR A 43 15.41 0.88 -6.97
CA TYR A 43 16.52 0.30 -7.73
C TYR A 43 16.24 0.28 -9.22
N PHE A 44 14.96 0.19 -9.58
CA PHE A 44 14.56 0.30 -10.99
C PHE A 44 14.67 1.74 -11.45
N HIS A 45 14.25 2.65 -10.58
CA HIS A 45 14.28 4.08 -10.87
C HIS A 45 15.72 4.57 -10.96
N ASP A 46 16.48 4.29 -9.91
CA ASP A 46 17.92 4.53 -9.93
C ASP A 46 18.64 3.26 -10.32
N MET A 47 18.89 3.14 -11.61
CA MET A 47 19.42 1.91 -12.18
C MET A 47 20.87 1.70 -11.77
N SER A 48 21.05 1.03 -10.65
CA SER A 48 22.38 0.66 -10.19
C SER A 48 22.43 -0.83 -9.91
N LEU A 49 21.36 -1.35 -9.33
CA LEU A 49 21.28 -2.76 -8.98
C LEU A 49 20.84 -3.59 -10.17
N LEU A 50 19.82 -3.12 -10.87
CA LEU A 50 19.30 -3.85 -12.05
C LEU A 50 20.15 -3.54 -13.28
N LYS A 51 20.72 -2.34 -13.31
CA LYS A 51 21.52 -1.92 -14.45
C LYS A 51 22.93 -2.49 -14.33
N GLU A 52 23.34 -3.21 -15.37
CA GLU A 52 24.64 -3.86 -15.37
C GLU A 52 25.52 -3.26 -16.44
N GLY A 53 26.39 -2.34 -16.04
CA GLY A 53 27.25 -1.66 -16.99
C GLY A 53 26.60 -0.43 -17.57
N ASP A 54 26.58 -0.35 -18.90
CA ASP A 54 26.05 0.83 -19.59
C ASP A 54 24.57 0.66 -19.88
N SER A 55 24.07 -0.56 -19.77
CA SER A 55 22.69 -0.86 -20.07
C SER A 55 22.12 -1.77 -19.00
N VAL A 56 20.91 -2.24 -19.20
CA VAL A 56 20.25 -3.10 -18.24
C VAL A 56 19.78 -4.38 -18.89
N ASN A 57 20.09 -5.49 -18.24
CA ASN A 57 19.67 -6.80 -18.73
C ASN A 57 18.19 -6.97 -18.50
N PHE A 58 17.44 -6.93 -19.59
CA PHE A 58 15.98 -6.96 -19.54
C PHE A 58 15.47 -8.31 -19.09
N GLN A 59 16.37 -9.27 -18.96
CA GLN A 59 15.99 -10.62 -18.58
C GLN A 59 15.59 -10.63 -17.11
N LYS A 60 16.53 -10.21 -16.26
CA LYS A 60 16.25 -10.08 -14.84
C LYS A 60 15.25 -8.97 -14.59
N ALA A 61 15.30 -7.94 -15.41
CA ALA A 61 14.40 -6.79 -15.26
C ALA A 61 12.95 -7.20 -15.43
N SER A 62 12.65 -7.99 -16.46
CA SER A 62 11.30 -8.45 -16.70
C SER A 62 10.86 -9.43 -15.61
N CYS A 63 11.79 -10.25 -15.16
CA CYS A 63 11.52 -11.23 -14.12
C CYS A 63 11.09 -10.54 -12.83
N THR A 64 11.87 -9.54 -12.42
CA THR A 64 11.60 -8.81 -11.20
C THR A 64 10.41 -7.86 -11.37
N LEU A 65 10.21 -7.38 -12.59
CA LEU A 65 9.06 -6.52 -12.89
C LEU A 65 7.77 -7.31 -12.66
N ASP A 66 7.76 -8.58 -13.08
CA ASP A 66 6.62 -9.45 -12.86
C ASP A 66 6.32 -9.58 -11.37
N GLY A 67 7.36 -9.85 -10.60
CA GLY A 67 7.22 -9.93 -9.16
C GLY A 67 6.77 -8.61 -8.56
N CYS A 68 7.20 -7.51 -9.19
CA CYS A 68 6.83 -6.18 -8.73
C CYS A 68 5.34 -5.92 -8.96
N VAL A 69 4.78 -6.49 -10.01
CA VAL A 69 3.35 -6.39 -10.27
C VAL A 69 2.58 -7.11 -9.17
N LYS A 70 3.12 -8.24 -8.74
CA LYS A 70 2.50 -9.04 -7.69
C LYS A 70 2.55 -8.31 -6.35
N ILE A 71 3.71 -7.76 -6.01
CA ILE A 71 3.86 -7.03 -4.76
C ILE A 71 3.06 -5.73 -4.79
N TYR A 72 2.97 -5.13 -5.98
CA TYR A 72 2.16 -3.92 -6.16
C TYR A 72 0.72 -4.16 -5.75
N THR A 73 0.12 -5.22 -6.28
CA THR A 73 -1.26 -5.55 -5.97
C THR A 73 -1.40 -6.04 -4.53
N SER A 74 -0.33 -6.61 -4.00
CA SER A 74 -0.29 -7.01 -2.60
C SER A 74 -0.42 -5.78 -1.71
N ARG A 75 0.13 -4.66 -2.17
CA ARG A 75 -0.01 -3.39 -1.47
C ARG A 75 -1.45 -2.95 -1.47
N VAL A 76 -2.11 -3.12 -2.61
CA VAL A 76 -3.54 -2.80 -2.73
C VAL A 76 -4.33 -3.64 -1.72
N ASP A 77 -3.96 -4.90 -1.60
CA ASP A 77 -4.57 -5.79 -0.61
C ASP A 77 -4.23 -5.34 0.80
N SER A 78 -3.03 -4.76 0.96
CA SER A 78 -2.59 -4.28 2.27
C SER A 78 -3.45 -3.10 2.72
N VAL A 79 -3.90 -2.31 1.75
CA VAL A 79 -4.83 -1.23 2.04
C VAL A 79 -6.15 -1.80 2.54
N ALA A 80 -6.66 -2.80 1.83
CA ALA A 80 -7.90 -3.46 2.21
C ALA A 80 -7.74 -4.16 3.56
N THR A 81 -6.55 -4.70 3.81
CA THR A 81 -6.24 -5.32 5.09
C THR A 81 -6.31 -4.27 6.20
N GLU A 82 -5.84 -3.08 5.91
CA GLU A 82 -5.87 -1.97 6.85
C GLU A 82 -7.31 -1.51 7.06
N THR A 83 -8.12 -1.60 6.00
CA THR A 83 -9.52 -1.26 6.08
C THR A 83 -10.25 -2.24 7.01
N GLY A 84 -9.81 -3.50 6.96
CA GLY A 84 -10.42 -4.56 7.76
C GLY A 84 -10.36 -4.28 9.25
N LYS A 85 -9.37 -3.49 9.67
CA LYS A 85 -9.22 -3.14 11.08
C LYS A 85 -10.46 -2.37 11.54
N LEU A 86 -10.90 -1.45 10.71
CA LEU A 86 -12.12 -0.68 10.99
C LEU A 86 -13.35 -1.55 10.76
N LEU A 87 -13.31 -2.32 9.67
CA LEU A 87 -14.45 -3.13 9.26
C LEU A 87 -14.84 -4.14 10.33
N SER A 88 -13.85 -4.82 10.89
CA SER A 88 -14.08 -5.88 11.86
C SER A 88 -14.79 -5.36 13.11
N GLY A 89 -14.47 -4.12 13.50
CA GLY A 89 -15.11 -3.52 14.64
C GLY A 89 -16.61 -3.40 14.46
N LEU A 90 -17.02 -2.93 13.30
CA LEU A 90 -18.44 -2.77 13.00
C LEU A 90 -19.08 -4.11 12.63
N ALA A 91 -18.25 -5.05 12.20
CA ALA A 91 -18.71 -6.38 11.82
C ALA A 91 -19.18 -7.17 13.03
N ASP A 92 -18.94 -6.63 14.21
CA ASP A 92 -19.40 -7.24 15.45
C ASP A 92 -20.92 -7.32 15.46
N SER A 93 -21.57 -6.23 15.06
CA SER A 93 -23.01 -6.18 14.99
C SER A 93 -23.45 -5.38 13.75
N ARG A 94 -23.78 -6.08 12.69
CA ARG A 94 -24.23 -5.44 11.46
C ARG A 94 -25.70 -5.71 11.18
N ASP A 95 -26.13 -6.92 11.47
CA ASP A 95 -27.52 -7.31 11.23
C ASP A 95 -28.41 -6.82 12.37
N SER A 96 -29.61 -6.37 12.02
CA SER A 96 -30.55 -5.85 13.00
C SER A 96 -31.12 -6.98 13.85
N LYS A 97 -30.70 -7.03 15.11
CA LYS A 97 -31.20 -8.04 16.02
C LYS A 97 -32.36 -7.50 16.83
N LYS A 98 -32.06 -6.75 17.88
CA LYS A 98 -33.09 -6.13 18.70
C LYS A 98 -32.72 -4.70 19.05
N LYS A 99 -33.27 -3.76 18.28
CA LYS A 99 -33.13 -2.34 18.58
C LYS A 99 -34.35 -1.88 19.37
N ASP A 100 -35.04 -2.86 19.93
CA ASP A 100 -36.29 -2.63 20.64
C ASP A 100 -36.04 -1.97 21.99
N ARG A 101 -36.83 -0.95 22.28
CA ARG A 101 -36.73 -0.22 23.53
C ARG A 101 -37.23 -1.05 24.70
N GLU A 102 -36.31 -1.55 25.48
CA GLU A 102 -36.64 -2.26 26.70
C GLU A 102 -36.64 -1.28 27.87
N ASP A 103 -37.79 -0.66 28.11
CA ASP A 103 -37.92 0.34 29.15
C ASP A 103 -38.16 -0.30 30.50
N GLY A 104 -37.08 -0.59 31.21
CA GLY A 104 -37.19 -1.18 32.53
C GLY A 104 -35.87 -1.11 33.27
N GLY A 105 -35.91 -1.41 34.57
CA GLY A 105 -34.72 -1.32 35.39
C GLY A 105 -33.65 -2.33 35.01
N GLY A 106 -34.09 -3.49 34.53
CA GLY A 106 -33.17 -4.54 34.16
C GLY A 106 -32.30 -4.19 32.97
N SER A 107 -32.93 -3.74 31.90
CA SER A 107 -32.22 -3.40 30.67
C SER A 107 -31.58 -2.02 30.78
N GLY A 108 -32.29 -1.09 31.38
CA GLY A 108 -31.81 0.26 31.50
C GLY A 108 -32.95 1.25 31.56
N GLY A 109 -33.86 1.13 30.61
CA GLY A 109 -35.04 1.97 30.62
C GLY A 109 -35.04 3.00 29.51
N SER A 110 -35.72 4.10 29.74
CA SER A 110 -35.83 5.17 28.77
C SER A 110 -34.54 5.97 28.68
N LEU A 111 -33.66 5.78 29.65
CA LEU A 111 -32.36 6.44 29.64
C LEU A 111 -31.50 5.90 28.51
N ARG A 112 -30.70 6.76 27.92
CA ARG A 112 -29.84 6.36 26.82
C ARG A 112 -28.39 6.63 27.19
N LYS A 113 -27.49 5.78 26.71
CA LYS A 113 -26.08 5.95 26.97
C LYS A 113 -25.54 7.15 26.18
N LYS A 114 -25.17 8.20 26.90
CA LYS A 114 -24.67 9.40 26.25
C LYS A 114 -23.27 9.15 25.71
N ILE A 115 -22.82 10.04 24.84
CA ILE A 115 -21.49 9.94 24.28
C ILE A 115 -20.45 10.31 25.33
N ASN A 116 -19.57 9.38 25.62
CA ASN A 116 -18.51 9.61 26.60
C ASN A 116 -17.32 10.24 25.89
N PRO A 117 -16.51 11.02 26.63
CA PRO A 117 -15.31 11.66 26.06
C PRO A 117 -14.35 10.63 25.46
N LYS A 118 -14.36 9.43 26.03
CA LYS A 118 -13.50 8.35 25.57
C LYS A 118 -13.93 7.86 24.20
N VAL A 119 -15.21 8.03 23.88
CA VAL A 119 -15.75 7.63 22.58
C VAL A 119 -15.16 8.52 21.49
N MET A 120 -14.91 9.78 21.85
CA MET A 120 -14.31 10.73 20.92
C MET A 120 -12.91 10.27 20.52
N ASN A 121 -12.23 9.60 21.44
CA ASN A 121 -10.89 9.08 21.19
C ASN A 121 -10.96 7.84 20.30
N MET A 122 -12.05 7.10 20.42
CA MET A 122 -12.27 5.93 19.56
C MET A 122 -12.49 6.38 18.13
N ILE A 123 -13.35 7.39 17.96
CA ILE A 123 -13.62 7.94 16.64
C ILE A 123 -12.39 8.69 16.12
N ASP A 124 -11.62 9.26 17.04
CA ASP A 124 -10.36 9.93 16.70
C ASP A 124 -9.46 8.99 15.92
N SER A 125 -9.29 7.78 16.44
CA SER A 125 -8.50 6.76 15.78
C SER A 125 -9.10 6.42 14.42
N VAL A 126 -10.43 6.33 14.38
CA VAL A 126 -11.16 6.06 13.15
C VAL A 126 -10.84 7.11 12.08
N GLU A 127 -10.85 8.38 12.49
CA GLU A 127 -10.52 9.48 11.59
C GLU A 127 -9.06 9.39 11.13
N LYS A 128 -8.18 9.03 12.06
CA LYS A 128 -6.76 8.87 11.76
C LYS A 128 -6.56 7.80 10.69
N LYS A 129 -7.32 6.71 10.81
CA LYS A 129 -7.22 5.61 9.87
C LYS A 129 -7.59 6.05 8.47
N GLU A 130 -8.64 6.89 8.35
CA GLU A 130 -9.10 7.36 7.05
C GLU A 130 -7.95 8.02 6.28
N MET A 131 -7.20 8.87 6.96
CA MET A 131 -6.08 9.57 6.36
C MET A 131 -5.05 8.60 5.83
N SER A 132 -4.68 7.61 6.65
CA SER A 132 -3.68 6.64 6.27
C SER A 132 -4.18 5.74 5.13
N LEU A 133 -5.47 5.43 5.15
CA LEU A 133 -6.08 4.64 4.08
C LEU A 133 -5.94 5.34 2.74
N LYS A 134 -6.29 6.62 2.72
CA LYS A 134 -6.17 7.42 1.50
C LYS A 134 -4.71 7.64 1.13
N HIS A 135 -3.89 7.85 2.16
CA HIS A 135 -2.46 8.05 1.97
C HIS A 135 -1.80 6.83 1.32
N MET A 136 -2.10 5.64 1.84
CA MET A 136 -1.54 4.41 1.31
C MET A 136 -1.95 4.22 -0.15
N MET A 137 -3.24 4.41 -0.42
CA MET A 137 -3.75 4.29 -1.79
C MET A 137 -3.03 5.24 -2.73
N LYS A 138 -2.83 6.48 -2.28
CA LYS A 138 -2.16 7.48 -3.10
C LYS A 138 -0.68 7.13 -3.27
N THR A 139 -0.13 6.41 -2.30
CA THR A 139 1.25 5.95 -2.37
C THR A 139 1.37 4.81 -3.38
N VAL A 140 0.33 3.95 -3.43
CA VAL A 140 0.30 2.84 -4.36
C VAL A 140 0.37 3.33 -5.80
N LEU A 141 -0.52 4.27 -6.15
CA LEU A 141 -0.54 4.84 -7.48
C LEU A 141 0.72 5.67 -7.76
N LYS A 142 1.29 6.26 -6.72
CA LYS A 142 2.53 7.02 -6.86
C LYS A 142 3.65 6.11 -7.35
N ASP A 143 3.77 4.96 -6.71
CA ASP A 143 4.76 3.97 -7.10
C ASP A 143 4.37 3.33 -8.43
N LYS A 144 3.07 3.27 -8.70
CA LYS A 144 2.56 2.82 -9.99
C LYS A 144 3.16 3.67 -11.11
N HIS A 145 3.14 4.98 -10.91
CA HIS A 145 3.73 5.90 -11.87
C HIS A 145 5.19 5.54 -12.09
N LYS A 146 5.90 5.29 -10.99
CA LYS A 146 7.31 4.91 -11.03
C LYS A 146 7.51 3.64 -11.87
N ILE A 147 6.63 2.66 -11.66
CA ILE A 147 6.69 1.42 -12.41
C ILE A 147 6.56 1.68 -13.90
N GLU A 148 5.57 2.47 -14.26
CA GLU A 148 5.31 2.77 -15.67
C GLU A 148 6.45 3.59 -16.27
N GLU A 149 7.12 4.39 -15.44
CA GLU A 149 8.32 5.10 -15.88
C GLU A 149 9.39 4.09 -16.26
N THR A 150 9.61 3.14 -15.36
CA THR A 150 10.60 2.09 -15.57
C THR A 150 10.29 1.29 -16.83
N ILE A 151 9.02 0.94 -17.01
CA ILE A 151 8.59 0.22 -18.21
C ILE A 151 8.96 1.00 -19.47
N ALA A 152 8.67 2.29 -19.47
CA ALA A 152 8.99 3.15 -20.61
C ALA A 152 10.50 3.25 -20.80
N THR A 153 11.23 3.37 -19.69
CA THR A 153 12.69 3.46 -19.75
C THR A 153 13.29 2.20 -20.36
N LEU A 154 12.79 1.04 -19.95
CA LEU A 154 13.27 -0.24 -20.46
C LEU A 154 12.92 -0.40 -21.93
N ASP A 155 11.72 0.03 -22.30
CA ASP A 155 11.27 -0.04 -23.68
C ASP A 155 12.18 0.80 -24.58
N GLU A 156 12.40 2.04 -24.17
CA GLU A 156 13.25 2.95 -24.93
C GLU A 156 14.71 2.51 -24.86
N TYR A 157 15.07 1.83 -23.78
CA TYR A 157 16.42 1.29 -23.64
C TYR A 157 16.71 0.29 -24.75
N LYS A 158 15.69 -0.50 -25.10
CA LYS A 158 15.81 -1.44 -26.20
C LYS A 158 15.88 -0.69 -27.52
N ARG A 159 15.14 0.41 -27.61
CA ARG A 159 15.14 1.23 -28.82
C ARG A 159 16.52 1.86 -29.02
N LYS A 160 17.14 2.26 -27.91
CA LYS A 160 18.51 2.77 -27.92
C LYS A 160 19.47 1.65 -28.34
N ALA A 161 19.28 0.47 -27.74
CA ALA A 161 20.12 -0.68 -28.00
C ALA A 161 20.20 -1.01 -29.49
N SER A 162 21.38 -0.86 -30.04
CA SER A 162 21.59 -1.08 -31.46
C SER A 162 22.37 -2.39 -31.69
N GLY A 163 22.67 -3.07 -30.59
CA GLY A 163 23.37 -4.34 -30.68
C GLY A 163 23.17 -5.18 -29.44
N GLY A 164 22.10 -5.96 -29.43
CA GLY A 164 21.80 -6.81 -28.29
C GLY A 164 20.52 -7.58 -28.50
N SER A 165 20.63 -8.90 -28.59
CA SER A 165 19.48 -9.74 -28.84
C SER A 165 19.03 -10.45 -27.56
N ALA A 166 20.00 -10.77 -26.70
CA ALA A 166 19.72 -11.48 -25.47
C ALA A 166 18.97 -10.60 -24.47
N GLY A 167 17.72 -10.94 -24.22
CA GLY A 167 16.93 -10.23 -23.24
C GLY A 167 15.99 -9.23 -23.88
N THR A 168 16.46 -8.56 -24.94
CA THR A 168 15.69 -7.51 -25.58
C THR A 168 14.41 -8.06 -26.23
N ARG A 169 14.53 -9.19 -26.91
CA ARG A 169 13.39 -9.81 -27.57
C ARG A 169 12.40 -10.35 -26.53
N MET A 170 12.93 -10.96 -25.48
CA MET A 170 12.10 -11.52 -24.43
C MET A 170 11.33 -10.41 -23.73
N PHE A 171 12.03 -9.31 -23.46
CA PHE A 171 11.43 -8.16 -22.79
C PHE A 171 10.19 -7.64 -23.51
N GLU A 172 10.25 -7.55 -24.83
CA GLU A 172 9.17 -6.93 -25.59
C GLU A 172 7.90 -7.78 -25.52
N ASP A 173 8.07 -9.08 -25.75
CA ASP A 173 6.93 -10.00 -25.72
C ASP A 173 6.38 -10.13 -24.32
N ARG A 174 7.26 -10.08 -23.33
CA ARG A 174 6.83 -10.16 -21.94
C ARG A 174 6.21 -8.84 -21.48
N LYS A 175 6.65 -7.74 -22.06
CA LYS A 175 6.14 -6.41 -21.71
C LYS A 175 4.65 -6.32 -22.01
N GLU A 176 4.26 -6.73 -23.21
CA GLU A 176 2.85 -6.70 -23.59
C GLU A 176 2.03 -7.60 -22.66
N LYS A 177 2.64 -8.69 -22.22
CA LYS A 177 1.98 -9.61 -21.29
C LYS A 177 1.85 -8.95 -19.91
N ALA A 178 2.92 -8.29 -19.48
CA ALA A 178 2.94 -7.63 -18.19
C ALA A 178 1.89 -6.52 -18.12
N LEU A 179 1.85 -5.67 -19.14
CA LEU A 179 0.88 -4.58 -19.20
C LEU A 179 -0.54 -5.14 -19.35
N LYS A 180 -0.65 -6.28 -20.03
CA LYS A 180 -1.94 -6.93 -20.19
C LYS A 180 -2.44 -7.44 -18.85
N THR A 181 -1.52 -7.97 -18.05
CA THR A 181 -1.83 -8.45 -16.72
C THR A 181 -2.12 -7.27 -15.79
N MET A 182 -1.32 -6.22 -15.92
CA MET A 182 -1.46 -5.02 -15.11
C MET A 182 -2.82 -4.38 -15.32
N ALA A 183 -3.35 -4.47 -16.54
CA ALA A 183 -4.66 -3.93 -16.86
C ALA A 183 -5.75 -4.68 -16.12
N LYS A 184 -5.59 -5.99 -15.99
CA LYS A 184 -6.56 -6.82 -15.28
C LYS A 184 -6.50 -6.56 -13.78
N LYS A 185 -5.28 -6.50 -13.25
CA LYS A 185 -5.08 -6.23 -11.84
C LYS A 185 -5.43 -4.77 -11.51
N ASP A 186 -5.45 -3.92 -12.52
CA ASP A 186 -5.86 -2.53 -12.37
C ASP A 186 -7.33 -2.46 -12.00
N LEU A 187 -8.11 -3.40 -12.53
CA LEU A 187 -9.53 -3.51 -12.20
C LEU A 187 -9.69 -3.94 -10.74
N LYS A 188 -8.79 -4.83 -10.32
CA LYS A 188 -8.77 -5.29 -8.92
C LYS A 188 -8.40 -4.14 -8.01
N LEU A 189 -7.45 -3.31 -8.46
CA LEU A 189 -7.07 -2.10 -7.76
C LEU A 189 -8.26 -1.16 -7.61
N GLN A 190 -8.94 -0.90 -8.73
CA GLN A 190 -10.12 -0.06 -8.74
C GLN A 190 -11.22 -0.61 -7.84
N GLU A 191 -11.29 -1.93 -7.76
CA GLU A 191 -12.26 -2.62 -6.92
C GLU A 191 -12.12 -2.18 -5.46
N ILE A 192 -10.90 -2.30 -4.93
CA ILE A 192 -10.64 -1.94 -3.54
C ILE A 192 -10.76 -0.42 -3.34
N THR A 193 -10.29 0.34 -4.31
CA THR A 193 -10.41 1.79 -4.26
C THR A 193 -11.88 2.21 -4.16
N GLU A 194 -12.71 1.60 -5.00
CA GLU A 194 -14.13 1.89 -5.02
C GLU A 194 -14.79 1.46 -3.71
N LEU A 195 -14.38 0.29 -3.22
CA LEU A 195 -14.85 -0.23 -1.95
C LEU A 195 -14.60 0.78 -0.83
N LEU A 196 -13.34 1.21 -0.73
CA LEU A 196 -12.94 2.13 0.32
C LEU A 196 -13.74 3.43 0.26
N ARG A 197 -13.68 4.11 -0.88
CA ARG A 197 -14.29 5.43 -1.02
C ARG A 197 -15.81 5.38 -0.77
N ASP A 198 -16.44 4.29 -1.19
CA ASP A 198 -17.89 4.18 -1.09
C ASP A 198 -18.34 3.87 0.33
N GLU A 199 -17.63 2.99 1.01
CA GLU A 199 -18.08 2.49 2.29
C GLU A 199 -17.52 3.28 3.46
N ILE A 200 -16.26 3.71 3.39
CA ILE A 200 -15.63 4.39 4.52
C ILE A 200 -16.22 5.78 4.71
N GLU A 201 -16.71 6.38 3.62
CA GLU A 201 -17.24 7.73 3.67
C GLU A 201 -18.43 7.83 4.63
N PRO A 202 -19.53 7.04 4.44
CA PRO A 202 -20.66 7.01 5.37
C PRO A 202 -20.25 6.41 6.72
N LYS A 203 -19.22 5.58 6.71
CA LYS A 203 -18.76 4.91 7.91
C LYS A 203 -18.06 5.89 8.84
N LEU A 204 -17.34 6.84 8.27
CA LEU A 204 -16.76 7.93 9.04
C LEU A 204 -17.86 8.93 9.40
N GLU A 205 -18.73 9.18 8.42
CA GLU A 205 -19.82 10.14 8.56
C GLU A 205 -20.71 9.82 9.75
N LYS A 206 -21.11 8.56 9.90
CA LYS A 206 -21.99 8.16 10.99
C LYS A 206 -21.33 8.41 12.35
N LEU A 207 -20.04 8.11 12.45
CA LEU A 207 -19.30 8.35 13.68
C LEU A 207 -19.15 9.85 13.92
N ARG A 208 -18.95 10.59 12.84
CA ARG A 208 -18.87 12.05 12.90
C ARG A 208 -20.20 12.63 13.38
N GLN A 209 -21.30 12.00 12.95
CA GLN A 209 -22.63 12.41 13.36
C GLN A 209 -22.86 12.10 14.84
N GLU A 210 -22.29 10.99 15.29
CA GLU A 210 -22.38 10.61 16.70
C GLU A 210 -21.59 11.58 17.56
N LYS A 211 -20.53 12.16 17.00
CA LYS A 211 -19.80 13.23 17.67
C LYS A 211 -20.71 14.42 17.88
N ARG A 212 -21.56 14.68 16.89
CA ARG A 212 -22.52 15.78 16.97
C ARG A 212 -23.63 15.45 17.96
N ALA A 213 -23.85 14.16 18.21
CA ALA A 213 -24.85 13.73 19.16
C ALA A 213 -24.49 14.19 20.57
N PHE A 214 -23.20 14.09 20.91
CA PHE A 214 -22.72 14.57 22.19
C PHE A 214 -22.98 16.06 22.33
N LEU A 215 -22.78 16.79 21.24
CA LEU A 215 -22.96 18.22 21.21
C LEU A 215 -24.45 18.57 21.25
N ASP A 216 -25.29 17.64 20.83
CA ASP A 216 -26.74 17.81 20.90
C ASP A 216 -27.19 17.73 22.35
N PHE A 217 -26.56 16.84 23.11
CA PHE A 217 -26.84 16.72 24.53
C PHE A 217 -26.18 17.86 25.30
N GLN A 218 -24.89 18.05 25.05
CA GLN A 218 -24.12 19.08 25.72
C GLN A 218 -23.67 20.14 24.73
N GLN A 219 -24.19 21.36 24.89
CA GLN A 219 -23.86 22.43 23.97
C GLN A 219 -22.60 23.18 24.44
N THR A 220 -22.70 23.83 25.59
CA THR A 220 -21.58 24.58 26.12
C THR A 220 -20.71 23.71 27.02
N GLN A 221 -19.84 22.92 26.41
CA GLN A 221 -18.93 22.07 27.14
C GLN A 221 -17.75 22.89 27.68
N GLY A 1 28.20 15.97 -10.79
CA GLY A 1 27.55 16.15 -9.47
C GLY A 1 26.95 14.85 -8.97
N HIS A 2 27.43 14.38 -7.83
CA HIS A 2 26.92 13.16 -7.23
C HIS A 2 25.80 13.48 -6.25
N MET A 3 24.82 12.59 -6.18
CA MET A 3 23.76 12.72 -5.19
C MET A 3 24.18 12.03 -3.89
N ARG A 4 24.80 10.87 -4.06
CA ARG A 4 25.32 10.11 -2.94
C ARG A 4 26.40 9.16 -3.43
N ALA A 5 27.65 9.56 -3.26
CA ALA A 5 28.78 8.77 -3.72
C ALA A 5 28.97 7.57 -2.80
N VAL A 6 29.39 6.45 -3.39
CA VAL A 6 29.62 5.23 -2.63
C VAL A 6 30.70 5.45 -1.58
N THR A 7 30.32 5.29 -0.32
CA THR A 7 31.22 5.54 0.79
C THR A 7 32.23 4.41 0.95
N PRO A 8 33.42 4.71 1.48
CA PRO A 8 34.45 3.70 1.76
C PRO A 8 34.12 2.88 2.99
N MET A 9 33.11 3.33 3.72
CA MET A 9 32.65 2.62 4.91
C MET A 9 31.19 2.22 4.74
N LYS A 10 30.80 1.15 5.43
CA LYS A 10 29.44 0.62 5.39
C LYS A 10 29.01 0.25 3.98
N ARG A 11 29.18 -1.02 3.65
CA ARG A 11 28.78 -1.53 2.36
C ARG A 11 27.35 -2.07 2.42
N VAL A 12 26.52 -1.61 1.50
CA VAL A 12 25.15 -2.09 1.40
C VAL A 12 24.99 -2.94 0.15
N PRO A 13 24.97 -4.27 0.31
CA PRO A 13 24.80 -5.20 -0.80
C PRO A 13 23.37 -5.18 -1.33
N ILE A 14 23.17 -4.49 -2.45
CA ILE A 14 21.86 -4.36 -3.05
C ILE A 14 21.35 -5.73 -3.49
N LEU A 15 22.27 -6.56 -3.99
CA LEU A 15 21.93 -7.90 -4.42
C LEU A 15 21.48 -8.77 -3.24
N ALA A 16 21.92 -8.42 -2.04
CA ALA A 16 21.55 -9.17 -0.84
C ALA A 16 20.15 -8.79 -0.39
N ASN A 17 19.86 -7.49 -0.43
CA ASN A 17 18.54 -6.99 -0.08
C ASN A 17 17.50 -7.54 -1.05
N PHE A 18 17.87 -7.56 -2.32
CA PHE A 18 16.99 -8.05 -3.38
C PHE A 18 16.54 -9.48 -3.11
N GLU A 19 17.46 -10.31 -2.61
CA GLU A 19 17.16 -11.70 -2.30
C GLU A 19 16.08 -11.80 -1.23
N GLU A 20 16.17 -10.95 -0.22
CA GLU A 20 15.18 -10.90 0.85
C GLU A 20 13.81 -10.59 0.26
N TRP A 21 13.77 -9.59 -0.61
CA TRP A 21 12.54 -9.17 -1.27
C TRP A 21 11.95 -10.30 -2.11
N MET A 22 12.80 -10.99 -2.85
CA MET A 22 12.35 -12.04 -3.76
C MET A 22 11.73 -13.20 -3.00
N LYS A 23 12.42 -13.70 -2.00
CA LYS A 23 11.92 -14.81 -1.21
C LYS A 23 10.66 -14.39 -0.45
N MET A 24 10.67 -13.16 0.06
CA MET A 24 9.53 -12.64 0.81
C MET A 24 8.28 -12.61 -0.07
N ALA A 25 8.44 -12.14 -1.31
CA ALA A 25 7.32 -12.06 -2.23
C ALA A 25 6.85 -13.44 -2.68
N THR A 26 7.79 -14.26 -3.14
CA THR A 26 7.46 -15.55 -3.74
C THR A 26 6.88 -16.53 -2.71
N ASP A 27 7.49 -16.60 -1.54
CA ASP A 27 7.06 -17.54 -0.51
C ASP A 27 5.84 -17.00 0.24
N ASN A 28 5.37 -15.83 -0.19
CA ASN A 28 4.22 -15.16 0.42
C ASN A 28 4.54 -14.75 1.85
N LYS A 29 5.84 -14.64 2.12
CA LYS A 29 6.34 -14.21 3.42
C LYS A 29 5.91 -12.78 3.69
N ILE A 30 5.80 -12.00 2.63
CA ILE A 30 5.43 -10.59 2.72
C ILE A 30 4.04 -10.42 3.35
N ASN A 31 4.04 -10.08 4.63
CA ASN A 31 2.80 -9.77 5.33
C ASN A 31 2.33 -8.40 4.90
N ALA A 32 1.04 -8.14 5.05
CA ALA A 32 0.46 -6.90 4.56
C ALA A 32 1.03 -5.70 5.30
N ALA A 33 1.34 -5.87 6.58
CA ALA A 33 1.92 -4.80 7.38
C ALA A 33 3.26 -4.35 6.81
N ASN A 34 4.00 -5.30 6.24
CA ASN A 34 5.30 -5.00 5.65
C ASN A 34 5.26 -5.11 4.14
N SER A 35 4.06 -5.16 3.58
CA SER A 35 3.92 -5.07 2.15
C SER A 35 4.24 -3.65 1.73
N TRP A 36 4.14 -2.76 2.71
CA TRP A 36 4.51 -1.39 2.53
C TRP A 36 6.02 -1.24 2.62
N ASN A 37 6.53 -0.22 1.95
CA ASN A 37 7.97 0.04 1.84
C ASN A 37 8.67 -1.00 0.96
N PHE A 38 7.89 -1.95 0.43
CA PHE A 38 8.43 -2.90 -0.53
C PHE A 38 7.94 -2.58 -1.94
N ALA A 39 8.78 -1.89 -2.70
CA ALA A 39 8.48 -1.61 -4.10
C ALA A 39 9.75 -1.83 -4.94
N LEU A 40 9.66 -2.73 -5.92
CA LEU A 40 10.80 -3.09 -6.73
C LEU A 40 11.23 -1.96 -7.66
N ILE A 41 10.34 -0.99 -7.84
CA ILE A 41 10.60 0.16 -8.71
C ILE A 41 11.87 0.90 -8.27
N ASP A 42 12.16 0.86 -6.97
CA ASP A 42 13.36 1.50 -6.44
C ASP A 42 14.61 0.93 -7.11
N TYR A 43 14.58 -0.37 -7.40
CA TYR A 43 15.68 -1.05 -8.06
C TYR A 43 15.70 -0.70 -9.54
N PHE A 44 14.53 -0.46 -10.11
CA PHE A 44 14.41 -0.09 -11.52
C PHE A 44 14.97 1.31 -11.76
N HIS A 45 14.69 2.22 -10.85
CA HIS A 45 15.22 3.57 -10.95
C HIS A 45 16.69 3.60 -10.54
N ASP A 46 17.08 2.61 -9.75
CA ASP A 46 18.46 2.45 -9.32
C ASP A 46 19.36 2.04 -10.48
N MET A 47 19.05 0.88 -11.08
CA MET A 47 19.79 0.36 -12.23
C MET A 47 21.28 0.15 -11.94
N SER A 48 21.61 -0.12 -10.68
CA SER A 48 22.98 -0.49 -10.35
C SER A 48 23.06 -2.01 -10.26
N LEU A 49 21.96 -2.62 -9.81
CA LEU A 49 21.85 -4.07 -9.72
C LEU A 49 21.30 -4.66 -11.02
N LEU A 50 20.25 -4.03 -11.54
CA LEU A 50 19.56 -4.55 -12.73
C LEU A 50 20.33 -4.21 -14.00
N LYS A 51 20.98 -3.05 -14.00
CA LYS A 51 21.77 -2.62 -15.14
C LYS A 51 23.24 -2.89 -14.87
N GLU A 52 23.90 -3.50 -15.83
CA GLU A 52 25.32 -3.76 -15.72
C GLU A 52 26.08 -2.94 -16.75
N GLY A 53 26.75 -1.91 -16.27
CA GLY A 53 27.46 -1.00 -17.16
C GLY A 53 26.56 0.09 -17.69
N ASP A 54 26.22 -0.02 -18.97
CA ASP A 54 25.35 0.96 -19.62
C ASP A 54 24.11 0.29 -20.17
N SER A 55 24.01 -1.01 -19.98
CA SER A 55 22.91 -1.78 -20.51
C SER A 55 22.23 -2.55 -19.38
N VAL A 56 20.91 -2.52 -19.37
CA VAL A 56 20.17 -3.23 -18.35
C VAL A 56 19.75 -4.59 -18.87
N ASN A 57 19.99 -5.60 -18.07
CA ASN A 57 19.67 -6.95 -18.45
C ASN A 57 18.19 -7.18 -18.29
N PHE A 58 17.48 -7.15 -19.41
CA PHE A 58 16.03 -7.25 -19.41
C PHE A 58 15.58 -8.63 -18.96
N GLN A 59 16.52 -9.55 -18.85
CA GLN A 59 16.20 -10.89 -18.40
C GLN A 59 15.86 -10.86 -16.92
N LYS A 60 16.80 -10.34 -16.15
CA LYS A 60 16.62 -10.17 -14.72
C LYS A 60 15.60 -9.07 -14.45
N ALA A 61 15.53 -8.11 -15.38
CA ALA A 61 14.54 -7.04 -15.30
C ALA A 61 13.13 -7.61 -15.44
N SER A 62 12.98 -8.61 -16.31
CA SER A 62 11.68 -9.28 -16.47
C SER A 62 11.28 -9.96 -15.17
N CYS A 63 12.24 -10.64 -14.54
CA CYS A 63 12.00 -11.31 -13.28
C CYS A 63 11.59 -10.30 -12.20
N THR A 64 12.31 -9.18 -12.17
CA THR A 64 12.04 -8.13 -11.19
C THR A 64 10.70 -7.46 -11.44
N LEU A 65 10.39 -7.21 -12.71
CA LEU A 65 9.15 -6.55 -13.09
C LEU A 65 7.95 -7.43 -12.77
N ASP A 66 8.07 -8.72 -13.08
CA ASP A 66 6.99 -9.67 -12.82
C ASP A 66 6.66 -9.70 -11.33
N GLY A 67 7.71 -9.79 -10.52
CA GLY A 67 7.53 -9.78 -9.08
C GLY A 67 7.04 -8.43 -8.59
N CYS A 68 7.46 -7.37 -9.26
CA CYS A 68 7.04 -6.02 -8.91
C CYS A 68 5.54 -5.85 -9.09
N VAL A 69 5.01 -6.38 -10.19
CA VAL A 69 3.57 -6.33 -10.43
C VAL A 69 2.83 -7.06 -9.31
N LYS A 70 3.36 -8.19 -8.91
CA LYS A 70 2.76 -9.00 -7.85
C LYS A 70 2.82 -8.27 -6.50
N ILE A 71 3.98 -7.74 -6.16
CA ILE A 71 4.17 -7.09 -4.87
C ILE A 71 3.43 -5.76 -4.81
N TYR A 72 3.35 -5.07 -5.95
CA TYR A 72 2.62 -3.80 -6.04
C TYR A 72 1.16 -4.02 -5.70
N THR A 73 0.58 -5.06 -6.27
CA THR A 73 -0.83 -5.36 -6.05
C THR A 73 -1.06 -5.97 -4.67
N SER A 74 -0.04 -6.61 -4.11
CA SER A 74 -0.11 -7.11 -2.74
C SER A 74 -0.26 -5.94 -1.76
N ARG A 75 0.39 -4.83 -2.09
CA ARG A 75 0.24 -3.60 -1.32
C ARG A 75 -1.18 -3.09 -1.46
N VAL A 76 -1.70 -3.14 -2.68
CA VAL A 76 -3.07 -2.76 -2.97
C VAL A 76 -4.05 -3.58 -2.12
N ASP A 77 -3.77 -4.87 -1.99
CA ASP A 77 -4.60 -5.76 -1.19
C ASP A 77 -4.48 -5.41 0.29
N SER A 78 -3.30 -4.93 0.68
CA SER A 78 -3.04 -4.58 2.07
C SER A 78 -3.89 -3.39 2.50
N VAL A 79 -3.89 -2.33 1.70
CA VAL A 79 -4.64 -1.14 2.05
C VAL A 79 -6.15 -1.40 2.01
N ALA A 80 -6.58 -2.27 1.11
CA ALA A 80 -8.00 -2.65 1.05
C ALA A 80 -8.41 -3.36 2.32
N THR A 81 -7.58 -4.29 2.77
CA THR A 81 -7.84 -5.02 3.99
C THR A 81 -7.88 -4.06 5.18
N GLU A 82 -6.97 -3.10 5.16
CA GLU A 82 -6.91 -2.07 6.19
C GLU A 82 -8.13 -1.16 6.10
N THR A 83 -8.61 -0.94 4.88
CA THR A 83 -9.81 -0.15 4.65
C THR A 83 -11.06 -0.88 5.16
N GLY A 84 -11.02 -2.21 5.05
CA GLY A 84 -12.12 -3.03 5.53
C GLY A 84 -12.34 -2.86 7.02
N LYS A 85 -11.27 -2.56 7.74
CA LYS A 85 -11.35 -2.35 9.18
C LYS A 85 -12.13 -1.08 9.49
N LEU A 86 -12.00 -0.07 8.62
CA LEU A 86 -12.75 1.17 8.76
C LEU A 86 -14.24 0.88 8.53
N LEU A 87 -14.52 0.12 7.48
CA LEU A 87 -15.89 -0.26 7.15
C LEU A 87 -16.49 -1.10 8.28
N SER A 88 -15.71 -2.06 8.77
CA SER A 88 -16.14 -2.91 9.88
C SER A 88 -16.52 -2.06 11.09
N GLY A 89 -15.73 -1.03 11.36
CA GLY A 89 -16.02 -0.13 12.47
C GLY A 89 -17.33 0.61 12.27
N LEU A 90 -17.50 1.17 11.08
CA LEU A 90 -18.72 1.90 10.74
C LEU A 90 -19.96 1.01 10.86
N ALA A 91 -19.80 -0.25 10.50
CA ALA A 91 -20.89 -1.21 10.58
C ALA A 91 -21.14 -1.66 12.01
N ASP A 92 -20.06 -1.87 12.75
CA ASP A 92 -20.17 -2.37 14.12
C ASP A 92 -20.73 -1.29 15.06
N SER A 93 -20.24 -0.08 14.90
CA SER A 93 -20.67 1.03 15.75
C SER A 93 -22.10 1.48 15.41
N ARG A 94 -22.62 1.00 14.30
CA ARG A 94 -23.99 1.30 13.92
C ARG A 94 -24.97 0.48 14.77
N ASP A 95 -24.57 -0.75 15.05
CA ASP A 95 -25.41 -1.65 15.84
C ASP A 95 -25.21 -1.39 17.32
N SER A 96 -26.20 -0.75 17.93
CA SER A 96 -26.17 -0.46 19.35
C SER A 96 -26.75 -1.64 20.11
N LYS A 97 -26.01 -2.14 21.08
CA LYS A 97 -26.41 -3.33 21.81
C LYS A 97 -26.95 -2.97 23.20
N LYS A 98 -28.20 -2.54 23.23
CA LYS A 98 -28.85 -2.17 24.47
C LYS A 98 -30.34 -2.00 24.27
N LYS A 99 -31.12 -2.79 24.99
CA LYS A 99 -32.55 -2.61 25.01
C LYS A 99 -32.90 -1.54 26.04
N ASP A 100 -33.00 -0.30 25.56
CA ASP A 100 -33.23 0.84 26.44
C ASP A 100 -34.58 0.74 27.12
N ARG A 101 -34.55 0.59 28.44
CA ARG A 101 -35.75 0.58 29.24
C ARG A 101 -36.29 1.99 29.35
N GLU A 102 -35.37 2.94 29.30
CA GLU A 102 -35.70 4.35 29.31
C GLU A 102 -34.98 5.03 28.14
N ASP A 103 -35.62 6.02 27.55
CA ASP A 103 -35.05 6.69 26.39
C ASP A 103 -33.85 7.55 26.80
N GLY A 104 -32.85 7.59 25.93
CA GLY A 104 -31.62 8.31 26.23
C GLY A 104 -31.76 9.81 26.03
N GLY A 105 -32.95 10.25 25.64
CA GLY A 105 -33.19 11.66 25.48
C GLY A 105 -33.84 12.26 26.70
N GLY A 106 -34.69 13.26 26.48
CA GLY A 106 -35.41 13.88 27.59
C GLY A 106 -34.67 15.08 28.15
N SER A 107 -33.41 15.24 27.74
CA SER A 107 -32.54 16.32 28.21
C SER A 107 -32.22 16.15 29.70
N GLY A 108 -33.17 16.51 30.55
CA GLY A 108 -32.97 16.42 31.97
C GLY A 108 -34.27 16.59 32.74
N GLY A 109 -34.30 17.58 33.60
CA GLY A 109 -35.46 17.81 34.43
C GLY A 109 -35.06 18.26 35.82
N SER A 110 -34.62 17.31 36.63
CA SER A 110 -34.13 17.61 37.96
C SER A 110 -32.65 17.24 38.07
N LEU A 111 -32.14 16.61 37.03
CA LEU A 111 -30.74 16.19 36.99
C LEU A 111 -29.99 16.93 35.91
N ARG A 112 -28.74 16.55 35.69
CA ARG A 112 -27.92 17.15 34.64
C ARG A 112 -28.36 16.62 33.27
N LYS A 113 -27.77 17.18 32.22
CA LYS A 113 -28.02 16.67 30.88
C LYS A 113 -27.00 15.60 30.54
N LYS A 114 -27.43 14.59 29.80
CA LYS A 114 -26.55 13.50 29.40
C LYS A 114 -25.80 13.87 28.12
N ILE A 115 -25.12 12.89 27.53
CA ILE A 115 -24.40 13.09 26.28
C ILE A 115 -25.28 13.77 25.24
N ASN A 116 -24.77 14.85 24.68
CA ASN A 116 -25.48 15.64 23.70
C ASN A 116 -25.60 14.90 22.37
N PRO A 117 -26.74 15.06 21.66
CA PRO A 117 -26.94 14.44 20.35
C PRO A 117 -25.96 14.96 19.31
N LYS A 118 -25.42 16.16 19.55
CA LYS A 118 -24.40 16.74 18.70
C LYS A 118 -23.07 16.03 18.85
N VAL A 119 -22.99 15.08 19.79
CA VAL A 119 -21.76 14.36 20.13
C VAL A 119 -21.07 13.74 18.90
N MET A 120 -21.82 13.68 17.82
CA MET A 120 -21.33 13.30 16.50
C MET A 120 -20.04 14.04 16.11
N ASN A 121 -19.84 15.20 16.71
CA ASN A 121 -18.65 16.01 16.48
C ASN A 121 -17.38 15.26 16.91
N MET A 122 -17.52 14.43 17.94
CA MET A 122 -16.41 13.61 18.45
C MET A 122 -15.93 12.63 17.38
N ILE A 123 -16.89 12.17 16.58
CA ILE A 123 -16.66 11.23 15.49
C ILE A 123 -15.52 11.66 14.55
N ASP A 124 -15.22 12.96 14.52
CA ASP A 124 -14.18 13.53 13.64
C ASP A 124 -12.89 12.71 13.62
N SER A 125 -12.61 12.02 14.72
CA SER A 125 -11.45 11.12 14.82
C SER A 125 -11.42 10.11 13.65
N VAL A 126 -12.60 9.73 13.15
CA VAL A 126 -12.71 8.74 12.08
C VAL A 126 -11.88 9.13 10.85
N GLU A 127 -11.85 10.41 10.53
CA GLU A 127 -11.14 10.88 9.36
C GLU A 127 -9.65 10.83 9.55
N LYS A 128 -9.23 10.98 10.80
CA LYS A 128 -7.81 10.97 11.13
C LYS A 128 -7.20 9.62 10.79
N LYS A 129 -7.86 8.55 11.21
CA LYS A 129 -7.42 7.19 10.90
C LYS A 129 -7.62 6.86 9.43
N GLU A 130 -8.61 7.50 8.80
CA GLU A 130 -8.90 7.29 7.38
C GLU A 130 -7.81 7.89 6.49
N MET A 131 -7.22 8.99 6.94
CA MET A 131 -6.23 9.71 6.15
C MET A 131 -5.07 8.82 5.72
N SER A 132 -4.63 7.93 6.60
CA SER A 132 -3.52 7.03 6.29
C SER A 132 -3.90 6.10 5.15
N LEU A 133 -5.14 5.61 5.19
CA LEU A 133 -5.66 4.74 4.15
C LEU A 133 -5.66 5.44 2.80
N LYS A 134 -6.22 6.64 2.76
CA LYS A 134 -6.28 7.42 1.54
C LYS A 134 -4.87 7.75 1.06
N HIS A 135 -4.00 8.08 2.01
CA HIS A 135 -2.60 8.37 1.71
C HIS A 135 -1.92 7.15 1.09
N MET A 136 -2.17 5.98 1.65
CA MET A 136 -1.57 4.75 1.13
C MET A 136 -2.09 4.45 -0.26
N MET A 137 -3.39 4.66 -0.48
CA MET A 137 -3.97 4.52 -1.82
C MET A 137 -3.29 5.47 -2.80
N LYS A 138 -3.10 6.72 -2.37
CA LYS A 138 -2.45 7.72 -3.18
C LYS A 138 -1.00 7.33 -3.46
N THR A 139 -0.38 6.69 -2.47
CA THR A 139 0.98 6.19 -2.60
C THR A 139 1.04 5.07 -3.65
N VAL A 140 0.07 4.17 -3.58
CA VAL A 140 -0.03 3.07 -4.55
C VAL A 140 -0.12 3.62 -5.97
N LEU A 141 -1.00 4.60 -6.17
CA LEU A 141 -1.17 5.21 -7.48
C LEU A 141 0.07 5.99 -7.87
N LYS A 142 0.74 6.58 -6.88
CA LYS A 142 1.99 7.28 -7.11
C LYS A 142 3.03 6.31 -7.66
N ASP A 143 3.11 5.14 -7.05
CA ASP A 143 4.08 4.12 -7.48
C ASP A 143 3.75 3.58 -8.85
N LYS A 144 2.46 3.60 -9.21
CA LYS A 144 2.06 3.24 -10.57
C LYS A 144 2.70 4.21 -11.57
N HIS A 145 2.79 5.47 -11.17
CA HIS A 145 3.48 6.48 -11.99
C HIS A 145 4.96 6.14 -12.13
N LYS A 146 5.55 5.61 -11.06
CA LYS A 146 6.94 5.14 -11.09
C LYS A 146 7.09 3.99 -12.10
N ILE A 147 6.05 3.16 -12.18
CA ILE A 147 6.05 2.03 -13.11
C ILE A 147 6.13 2.52 -14.56
N GLU A 148 5.36 3.56 -14.86
CA GLU A 148 5.35 4.12 -16.19
C GLU A 148 6.74 4.65 -16.57
N GLU A 149 7.37 5.34 -15.62
CA GLU A 149 8.73 5.85 -15.81
C GLU A 149 9.68 4.70 -16.14
N THR A 150 9.48 3.59 -15.45
CA THR A 150 10.31 2.42 -15.62
C THR A 150 10.11 1.80 -17.01
N ILE A 151 8.86 1.51 -17.35
CA ILE A 151 8.54 0.87 -18.63
C ILE A 151 9.04 1.73 -19.79
N ALA A 152 8.83 3.04 -19.68
CA ALA A 152 9.29 3.98 -20.68
C ALA A 152 10.81 3.91 -20.83
N THR A 153 11.52 4.05 -19.71
CA THR A 153 12.98 4.06 -19.73
C THR A 153 13.54 2.73 -20.23
N LEU A 154 12.98 1.62 -19.78
CA LEU A 154 13.43 0.31 -20.21
C LEU A 154 13.23 0.11 -21.72
N ASP A 155 12.13 0.64 -22.23
CA ASP A 155 11.86 0.55 -23.66
C ASP A 155 12.76 1.50 -24.44
N GLU A 156 13.21 2.56 -23.78
CA GLU A 156 14.16 3.49 -24.39
C GLU A 156 15.52 2.81 -24.57
N TYR A 157 15.84 1.90 -23.66
CA TYR A 157 17.04 1.08 -23.82
C TYR A 157 16.92 0.22 -25.07
N LYS A 158 15.71 -0.30 -25.30
CA LYS A 158 15.40 -1.04 -26.51
C LYS A 158 15.50 -0.13 -27.74
N ARG A 159 15.12 1.13 -27.53
CA ARG A 159 15.14 2.13 -28.58
C ARG A 159 16.57 2.43 -29.03
N LYS A 160 17.45 2.69 -28.07
CA LYS A 160 18.84 3.01 -28.38
C LYS A 160 19.63 1.77 -28.78
N ALA A 161 19.30 0.64 -28.16
CA ALA A 161 19.97 -0.62 -28.47
C ALA A 161 18.94 -1.71 -28.75
N SER A 162 18.70 -1.98 -30.03
CA SER A 162 17.76 -3.01 -30.43
C SER A 162 18.46 -4.37 -30.49
N GLY A 163 19.46 -4.47 -31.36
CA GLY A 163 20.20 -5.69 -31.51
C GLY A 163 21.22 -5.86 -30.40
N GLY A 164 21.08 -6.92 -29.62
CA GLY A 164 22.01 -7.18 -28.56
C GLY A 164 21.58 -8.34 -27.69
N SER A 165 22.29 -8.56 -26.59
CA SER A 165 21.98 -9.66 -25.70
C SER A 165 21.35 -9.14 -24.41
N ALA A 166 20.97 -7.87 -24.41
CA ALA A 166 20.32 -7.27 -23.26
C ALA A 166 18.97 -7.93 -22.97
N GLY A 167 18.31 -8.39 -24.03
CA GLY A 167 17.02 -9.03 -23.89
C GLY A 167 15.89 -8.11 -24.29
N THR A 168 16.20 -7.21 -25.21
CA THR A 168 15.26 -6.19 -25.67
C THR A 168 13.95 -6.81 -26.20
N ARG A 169 14.09 -7.78 -27.09
CA ARG A 169 12.94 -8.42 -27.70
C ARG A 169 12.20 -9.30 -26.71
N MET A 170 12.95 -9.87 -25.77
CA MET A 170 12.36 -10.70 -24.74
C MET A 170 11.58 -9.84 -23.76
N PHE A 171 12.06 -8.62 -23.51
CA PHE A 171 11.36 -7.68 -22.67
C PHE A 171 10.06 -7.22 -23.31
N GLU A 172 10.02 -7.24 -24.64
CA GLU A 172 8.80 -6.90 -25.37
C GLU A 172 7.71 -7.93 -25.08
N ASP A 173 8.09 -9.19 -25.15
CA ASP A 173 7.18 -10.30 -24.84
C ASP A 173 6.73 -10.21 -23.38
N ARG A 174 7.66 -9.83 -22.51
CA ARG A 174 7.37 -9.71 -21.10
C ARG A 174 6.45 -8.52 -20.83
N LYS A 175 6.67 -7.44 -21.58
CA LYS A 175 5.91 -6.20 -21.43
C LYS A 175 4.42 -6.46 -21.57
N GLU A 176 4.04 -7.06 -22.69
CA GLU A 176 2.63 -7.31 -22.98
C GLU A 176 1.98 -8.22 -21.95
N LYS A 177 2.74 -9.22 -21.48
CA LYS A 177 2.24 -10.15 -20.48
C LYS A 177 2.10 -9.47 -19.12
N ALA A 178 3.09 -8.65 -18.77
CA ALA A 178 3.10 -7.96 -17.49
C ALA A 178 1.97 -6.93 -17.41
N LEU A 179 1.85 -6.09 -18.43
CA LEU A 179 0.84 -5.04 -18.44
C LEU A 179 -0.57 -5.64 -18.49
N LYS A 180 -0.70 -6.78 -19.14
CA LYS A 180 -2.00 -7.44 -19.26
C LYS A 180 -2.47 -7.99 -17.91
N THR A 181 -1.56 -8.65 -17.19
CA THR A 181 -1.91 -9.21 -15.89
C THR A 181 -2.03 -8.08 -14.86
N MET A 182 -1.28 -7.00 -15.08
CA MET A 182 -1.37 -5.81 -14.23
C MET A 182 -2.74 -5.17 -14.37
N ALA A 183 -3.18 -4.99 -15.60
CA ALA A 183 -4.47 -4.36 -15.87
C ALA A 183 -5.63 -5.22 -15.39
N LYS A 184 -5.45 -6.53 -15.40
CA LYS A 184 -6.48 -7.45 -14.97
C LYS A 184 -6.64 -7.37 -13.45
N LYS A 185 -5.50 -7.37 -12.77
CA LYS A 185 -5.49 -7.28 -11.31
C LYS A 185 -5.72 -5.83 -10.86
N ASP A 186 -5.71 -4.93 -11.83
CA ASP A 186 -5.98 -3.51 -11.58
C ASP A 186 -7.44 -3.30 -11.21
N LEU A 187 -8.31 -4.19 -11.68
CA LEU A 187 -9.74 -4.09 -11.42
C LEU A 187 -10.02 -3.99 -9.92
N LYS A 188 -9.38 -4.82 -9.11
CA LYS A 188 -9.57 -4.78 -7.66
C LYS A 188 -8.99 -3.50 -7.07
N LEU A 189 -7.96 -2.96 -7.71
CA LEU A 189 -7.35 -1.71 -7.28
C LEU A 189 -8.35 -0.58 -7.46
N GLN A 190 -8.93 -0.50 -8.65
CA GLN A 190 -9.92 0.53 -8.96
C GLN A 190 -11.23 0.27 -8.22
N GLU A 191 -11.41 -0.97 -7.78
CA GLU A 191 -12.56 -1.33 -6.96
C GLU A 191 -12.46 -0.62 -5.62
N ILE A 192 -11.26 -0.66 -5.04
CA ILE A 192 -11.00 -0.01 -3.76
C ILE A 192 -11.27 1.49 -3.84
N THR A 193 -10.69 2.14 -4.84
CA THR A 193 -10.85 3.58 -5.01
C THR A 193 -12.33 3.93 -5.18
N GLU A 194 -13.06 3.08 -5.90
CA GLU A 194 -14.47 3.28 -6.12
C GLU A 194 -15.26 3.12 -4.82
N LEU A 195 -15.04 2.00 -4.14
CA LEU A 195 -15.77 1.70 -2.91
C LEU A 195 -15.51 2.73 -1.84
N LEU A 196 -14.26 3.13 -1.68
CA LEU A 196 -13.88 4.10 -0.68
C LEU A 196 -14.61 5.43 -0.92
N ARG A 197 -14.60 5.86 -2.17
CA ARG A 197 -15.16 7.17 -2.53
C ARG A 197 -16.69 7.12 -2.67
N ASP A 198 -17.21 5.99 -3.12
CA ASP A 198 -18.65 5.88 -3.40
C ASP A 198 -19.44 5.40 -2.20
N GLU A 199 -18.86 4.53 -1.39
CA GLU A 199 -19.58 3.92 -0.29
C GLU A 199 -19.27 4.63 1.02
N ILE A 200 -18.00 4.62 1.41
CA ILE A 200 -17.59 5.12 2.72
C ILE A 200 -17.61 6.65 2.77
N GLU A 201 -17.01 7.28 1.75
CA GLU A 201 -16.86 8.73 1.74
C GLU A 201 -18.19 9.48 1.92
N PRO A 202 -19.26 9.16 1.15
CA PRO A 202 -20.55 9.87 1.30
C PRO A 202 -21.12 9.75 2.71
N LYS A 203 -20.88 8.61 3.35
CA LYS A 203 -21.34 8.40 4.72
C LYS A 203 -20.51 9.23 5.69
N LEU A 204 -19.20 9.17 5.51
CA LEU A 204 -18.27 9.89 6.37
C LEU A 204 -18.44 11.40 6.19
N GLU A 205 -18.73 11.81 4.96
CA GLU A 205 -18.93 13.20 4.60
C GLU A 205 -20.01 13.84 5.48
N LYS A 206 -20.97 13.04 5.91
CA LYS A 206 -22.00 13.50 6.81
C LYS A 206 -21.38 13.91 8.14
N LEU A 207 -20.67 12.98 8.76
CA LEU A 207 -20.00 13.23 10.05
C LEU A 207 -19.01 14.38 9.93
N ARG A 208 -18.48 14.57 8.73
CA ARG A 208 -17.57 15.67 8.44
C ARG A 208 -18.32 17.00 8.51
N GLN A 209 -19.51 17.03 7.92
CA GLN A 209 -20.35 18.22 7.88
C GLN A 209 -20.90 18.57 9.26
N GLU A 210 -21.37 17.55 9.96
CA GLU A 210 -22.10 17.73 11.22
C GLU A 210 -21.31 18.51 12.26
N LYS A 211 -19.98 18.40 12.20
CA LYS A 211 -19.11 18.91 13.27
C LYS A 211 -19.33 20.39 13.58
N ARG A 212 -19.59 21.18 12.53
CA ARG A 212 -19.54 22.65 12.64
C ARG A 212 -20.32 23.18 13.85
N ALA A 213 -21.61 22.91 13.90
CA ALA A 213 -22.43 23.35 15.03
C ALA A 213 -22.39 22.34 16.16
N PHE A 214 -22.09 21.10 15.81
CA PHE A 214 -22.11 20.00 16.77
C PHE A 214 -20.99 20.11 17.80
N LEU A 215 -19.90 20.76 17.43
CA LEU A 215 -18.73 20.95 18.30
C LEU A 215 -19.11 21.44 19.69
N ASP A 216 -20.29 22.05 19.81
CA ASP A 216 -20.79 22.62 21.07
C ASP A 216 -20.63 21.66 22.25
N PHE A 217 -20.81 20.37 21.99
CA PHE A 217 -20.65 19.34 23.03
C PHE A 217 -19.33 19.48 23.77
N GLN A 218 -18.23 19.45 23.02
CA GLN A 218 -16.90 19.51 23.60
C GLN A 218 -16.42 20.96 23.74
N GLN A 219 -17.06 21.85 23.00
CA GLN A 219 -16.63 23.24 22.94
C GLN A 219 -16.90 23.97 24.26
N THR A 220 -18.01 23.64 24.90
CA THR A 220 -18.34 24.24 26.19
C THR A 220 -19.10 23.24 27.05
N GLN A 221 -18.40 22.72 28.05
CA GLN A 221 -18.97 21.75 28.97
C GLN A 221 -19.69 22.46 30.12
N GLY A 1 43.61 6.54 19.61
CA GLY A 1 42.41 7.17 20.20
C GLY A 1 42.28 8.62 19.80
N HIS A 2 42.24 9.51 20.80
CA HIS A 2 42.19 10.96 20.60
C HIS A 2 40.86 11.39 19.99
N MET A 3 40.64 11.07 18.73
CA MET A 3 39.42 11.47 18.03
C MET A 3 38.79 10.28 17.34
N ARG A 4 37.62 9.87 17.80
CA ARG A 4 36.91 8.76 17.20
C ARG A 4 35.53 9.20 16.74
N ALA A 5 35.38 9.43 15.45
CA ALA A 5 34.10 9.80 14.88
C ALA A 5 33.45 8.58 14.24
N VAL A 6 32.17 8.69 13.92
CA VAL A 6 31.44 7.59 13.31
C VAL A 6 31.64 7.62 11.80
N THR A 7 32.50 6.75 11.31
CA THR A 7 32.77 6.68 9.89
C THR A 7 31.62 6.00 9.16
N PRO A 8 31.15 6.61 8.07
CA PRO A 8 29.99 6.15 7.31
C PRO A 8 30.34 5.00 6.35
N MET A 9 31.12 4.06 6.84
CA MET A 9 31.54 2.91 6.04
C MET A 9 30.60 1.73 6.22
N LYS A 10 29.52 1.95 6.94
CA LYS A 10 28.54 0.89 7.16
C LYS A 10 27.45 0.96 6.10
N ARG A 11 27.59 0.14 5.07
CA ARG A 11 26.65 0.13 3.98
C ARG A 11 25.77 -1.11 4.03
N VAL A 12 24.47 -0.92 3.89
CA VAL A 12 23.55 -2.03 3.84
C VAL A 12 23.76 -2.83 2.57
N PRO A 13 23.93 -4.16 2.68
CA PRO A 13 24.10 -5.03 1.51
C PRO A 13 22.88 -5.00 0.60
N ILE A 14 22.93 -4.11 -0.38
CA ILE A 14 21.81 -3.91 -1.28
C ILE A 14 21.55 -5.14 -2.13
N LEU A 15 22.62 -5.82 -2.54
CA LEU A 15 22.48 -7.03 -3.34
C LEU A 15 21.72 -8.09 -2.55
N ALA A 16 22.12 -8.29 -1.30
CA ALA A 16 21.48 -9.26 -0.42
C ALA A 16 20.05 -8.84 -0.10
N ASN A 17 19.87 -7.56 0.20
CA ASN A 17 18.54 -7.01 0.49
C ASN A 17 17.60 -7.18 -0.69
N PHE A 18 18.14 -6.96 -1.89
CA PHE A 18 17.36 -7.11 -3.11
C PHE A 18 16.95 -8.56 -3.31
N GLU A 19 17.92 -9.48 -3.17
CA GLU A 19 17.66 -10.90 -3.31
C GLU A 19 16.65 -11.37 -2.27
N GLU A 20 16.74 -10.80 -1.06
CA GLU A 20 15.80 -11.11 0.00
C GLU A 20 14.38 -10.78 -0.42
N TRP A 21 14.21 -9.57 -0.98
CA TRP A 21 12.90 -9.13 -1.44
C TRP A 21 12.41 -9.97 -2.60
N MET A 22 13.31 -10.35 -3.49
CA MET A 22 12.97 -11.21 -4.62
C MET A 22 12.45 -12.55 -4.10
N LYS A 23 13.14 -13.08 -3.11
CA LYS A 23 12.77 -14.35 -2.51
C LYS A 23 11.43 -14.23 -1.80
N MET A 24 11.21 -13.10 -1.14
CA MET A 24 9.95 -12.81 -0.46
C MET A 24 8.79 -12.86 -1.45
N ALA A 25 9.00 -12.25 -2.61
CA ALA A 25 7.98 -12.19 -3.64
C ALA A 25 7.73 -13.56 -4.27
N THR A 26 8.80 -14.30 -4.55
CA THR A 26 8.70 -15.58 -5.23
C THR A 26 8.12 -16.66 -4.29
N ASP A 27 8.49 -16.61 -3.02
CA ASP A 27 7.92 -17.52 -2.03
C ASP A 27 6.53 -17.07 -1.61
N ASN A 28 6.17 -15.85 -2.02
CA ASN A 28 4.89 -15.25 -1.68
C ASN A 28 4.76 -15.12 -0.16
N LYS A 29 5.87 -14.75 0.48
CA LYS A 29 5.88 -14.51 1.91
C LYS A 29 5.39 -13.11 2.21
N ILE A 30 5.14 -12.35 1.15
CA ILE A 30 4.65 -11.00 1.29
C ILE A 30 3.15 -10.99 1.60
N ASN A 31 2.83 -11.16 2.88
CA ASN A 31 1.46 -11.03 3.37
C ASN A 31 1.09 -9.56 3.35
N ALA A 32 -0.19 -9.27 3.36
CA ALA A 32 -0.65 -7.90 3.23
C ALA A 32 -0.32 -7.05 4.47
N ALA A 33 0.04 -7.71 5.55
CA ALA A 33 0.48 -7.01 6.75
C ALA A 33 1.92 -6.52 6.57
N ASN A 34 2.73 -7.30 5.86
CA ASN A 34 4.14 -6.98 5.67
C ASN A 34 4.44 -6.62 4.23
N SER A 35 3.40 -6.38 3.44
CA SER A 35 3.58 -5.92 2.07
C SER A 35 4.04 -4.48 2.09
N TRP A 36 3.79 -3.81 3.20
CA TRP A 36 4.32 -2.50 3.45
C TRP A 36 5.78 -2.62 3.89
N ASN A 37 6.40 -1.49 4.10
CA ASN A 37 7.79 -1.41 4.60
C ASN A 37 8.83 -1.99 3.63
N PHE A 38 8.41 -2.48 2.46
CA PHE A 38 9.36 -2.76 1.40
C PHE A 38 8.70 -2.59 0.04
N ALA A 39 9.38 -1.89 -0.85
CA ALA A 39 8.85 -1.61 -2.17
C ALA A 39 9.90 -1.88 -3.24
N LEU A 40 9.57 -2.74 -4.18
CA LEU A 40 10.49 -3.09 -5.26
C LEU A 40 10.69 -1.90 -6.21
N ILE A 41 9.70 -1.01 -6.22
CA ILE A 41 9.73 0.16 -7.07
C ILE A 41 10.95 1.05 -6.78
N ASP A 42 11.43 1.00 -5.54
CA ASP A 42 12.57 1.81 -5.12
C ASP A 42 13.81 1.46 -5.96
N TYR A 43 14.01 0.18 -6.19
CA TYR A 43 15.11 -0.31 -7.01
C TYR A 43 14.75 -0.28 -8.48
N PHE A 44 13.47 -0.42 -8.77
CA PHE A 44 12.97 -0.48 -10.14
C PHE A 44 13.17 0.89 -10.81
N HIS A 45 13.08 1.93 -10.01
CA HIS A 45 13.18 3.30 -10.52
C HIS A 45 14.59 3.59 -11.05
N ASP A 46 15.58 3.58 -10.16
CA ASP A 46 16.95 3.80 -10.58
C ASP A 46 17.70 2.49 -10.63
N MET A 47 18.14 2.11 -11.81
CA MET A 47 18.73 0.80 -12.02
C MET A 47 20.23 0.85 -11.80
N SER A 48 20.64 0.80 -10.56
CA SER A 48 22.05 0.70 -10.24
C SER A 48 22.45 -0.76 -10.08
N LEU A 49 21.48 -1.58 -9.67
CA LEU A 49 21.73 -2.98 -9.39
C LEU A 49 21.53 -3.85 -10.62
N LEU A 50 20.46 -3.63 -11.36
CA LEU A 50 20.08 -4.52 -12.46
C LEU A 50 20.58 -3.99 -13.81
N LYS A 51 21.17 -2.80 -13.80
CA LYS A 51 21.71 -2.22 -15.01
C LYS A 51 23.23 -2.22 -14.96
N GLU A 52 23.85 -2.66 -16.03
CA GLU A 52 25.29 -2.72 -16.11
C GLU A 52 25.78 -1.63 -17.06
N GLY A 53 26.37 -0.59 -16.50
CA GLY A 53 26.82 0.53 -17.30
C GLY A 53 25.67 1.33 -17.83
N ASP A 54 25.39 1.19 -19.12
CA ASP A 54 24.29 1.92 -19.75
C ASP A 54 23.30 0.94 -20.37
N SER A 55 23.40 -0.32 -19.98
CA SER A 55 22.54 -1.36 -20.50
C SER A 55 21.96 -2.17 -19.36
N VAL A 56 20.66 -2.37 -19.36
CA VAL A 56 20.00 -3.09 -18.31
C VAL A 56 19.84 -4.55 -18.70
N ASN A 57 20.20 -5.42 -17.77
CA ASN A 57 19.97 -6.84 -17.95
C ASN A 57 18.49 -7.09 -18.04
N PHE A 58 17.98 -7.30 -19.24
CA PHE A 58 16.56 -7.42 -19.47
C PHE A 58 16.00 -8.68 -18.84
N GLN A 59 16.89 -9.54 -18.36
CA GLN A 59 16.48 -10.69 -17.59
C GLN A 59 15.97 -10.22 -16.24
N LYS A 60 16.73 -9.32 -15.63
CA LYS A 60 16.36 -8.71 -14.37
C LYS A 60 15.28 -7.66 -14.60
N ALA A 61 15.36 -6.97 -15.74
CA ALA A 61 14.35 -5.98 -16.12
C ALA A 61 12.95 -6.59 -16.13
N SER A 62 12.85 -7.79 -16.69
CA SER A 62 11.59 -8.50 -16.75
C SER A 62 11.15 -8.96 -15.37
N CYS A 63 12.08 -9.51 -14.60
CA CYS A 63 11.77 -10.03 -13.27
C CYS A 63 11.37 -8.91 -12.31
N THR A 64 12.01 -7.76 -12.42
CA THR A 64 11.71 -6.64 -11.55
C THR A 64 10.33 -6.06 -11.88
N LEU A 65 10.04 -5.91 -13.17
CA LEU A 65 8.73 -5.44 -13.61
C LEU A 65 7.65 -6.41 -13.16
N ASP A 66 7.91 -7.70 -13.38
CA ASP A 66 6.98 -8.75 -12.98
C ASP A 66 6.77 -8.75 -11.47
N GLY A 67 7.84 -8.53 -10.73
CA GLY A 67 7.75 -8.45 -9.29
C GLY A 67 7.00 -7.22 -8.83
N CYS A 68 7.23 -6.10 -9.50
CA CYS A 68 6.60 -4.84 -9.12
C CYS A 68 5.09 -4.90 -9.28
N VAL A 69 4.60 -5.50 -10.36
CA VAL A 69 3.16 -5.63 -10.55
C VAL A 69 2.56 -6.56 -9.49
N LYS A 70 3.30 -7.61 -9.14
CA LYS A 70 2.87 -8.54 -8.10
C LYS A 70 2.80 -7.86 -6.74
N ILE A 71 3.88 -7.18 -6.36
CA ILE A 71 3.93 -6.53 -5.05
C ILE A 71 2.96 -5.34 -5.01
N TYR A 72 2.80 -4.67 -6.15
CA TYR A 72 1.92 -3.52 -6.24
C TYR A 72 0.52 -3.87 -5.77
N THR A 73 -0.07 -4.87 -6.40
CA THR A 73 -1.41 -5.27 -6.07
C THR A 73 -1.49 -5.92 -4.69
N SER A 74 -0.39 -6.52 -4.25
CA SER A 74 -0.33 -7.08 -2.90
C SER A 74 -0.48 -5.96 -1.88
N ARG A 75 0.15 -4.83 -2.17
CA ARG A 75 -0.01 -3.63 -1.35
C ARG A 75 -1.42 -3.09 -1.47
N VAL A 76 -2.03 -3.30 -2.64
CA VAL A 76 -3.43 -2.92 -2.86
C VAL A 76 -4.36 -3.76 -1.98
N ASP A 77 -4.01 -5.04 -1.81
CA ASP A 77 -4.76 -5.90 -0.89
C ASP A 77 -4.73 -5.32 0.52
N SER A 78 -3.59 -4.74 0.88
CA SER A 78 -3.45 -4.03 2.14
C SER A 78 -4.39 -2.84 2.17
N VAL A 79 -4.38 -2.05 1.10
CA VAL A 79 -5.22 -0.87 1.00
C VAL A 79 -6.70 -1.25 1.05
N ALA A 80 -7.03 -2.47 0.65
CA ALA A 80 -8.42 -2.95 0.71
C ALA A 80 -8.99 -2.86 2.14
N THR A 81 -8.14 -3.13 3.13
CA THR A 81 -8.51 -2.92 4.53
C THR A 81 -8.45 -1.43 4.85
N GLU A 82 -7.41 -0.81 4.34
CA GLU A 82 -7.12 0.58 4.59
C GLU A 82 -8.15 1.50 3.91
N THR A 83 -8.97 0.93 3.03
CA THR A 83 -9.93 1.69 2.23
C THR A 83 -10.80 2.60 3.09
N GLY A 84 -11.17 2.13 4.28
CA GLY A 84 -11.93 2.96 5.18
C GLY A 84 -11.14 4.19 5.59
N LYS A 85 -9.91 3.97 5.97
CA LYS A 85 -9.00 5.03 6.36
C LYS A 85 -8.82 6.08 5.25
N LEU A 86 -9.00 5.66 4.00
CA LEU A 86 -8.83 6.54 2.84
C LEU A 86 -9.64 7.84 2.94
N LEU A 87 -10.71 7.82 3.73
CA LEU A 87 -11.60 8.99 3.88
C LEU A 87 -10.85 10.28 4.16
N SER A 88 -9.66 10.18 4.76
CA SER A 88 -8.85 11.35 5.06
C SER A 88 -8.57 12.17 3.80
N GLY A 89 -8.45 11.47 2.67
CA GLY A 89 -8.24 12.14 1.41
C GLY A 89 -9.44 12.97 1.01
N LEU A 90 -10.62 12.43 1.29
CA LEU A 90 -11.87 13.13 1.01
C LEU A 90 -12.08 14.25 2.02
N ALA A 91 -11.83 13.95 3.29
CA ALA A 91 -12.02 14.92 4.37
C ALA A 91 -11.15 16.15 4.17
N ASP A 92 -9.95 15.95 3.63
CA ASP A 92 -9.05 17.05 3.35
C ASP A 92 -9.62 17.96 2.27
N SER A 93 -10.22 17.35 1.25
CA SER A 93 -10.84 18.10 0.17
C SER A 93 -12.12 18.79 0.65
N ARG A 94 -12.80 18.17 1.60
CA ARG A 94 -14.00 18.77 2.18
C ARG A 94 -13.63 19.88 3.16
N ASP A 95 -12.36 19.90 3.56
CA ASP A 95 -11.85 20.85 4.56
C ASP A 95 -12.64 20.70 5.85
N SER A 96 -12.41 19.59 6.53
CA SER A 96 -13.06 19.32 7.80
C SER A 96 -12.17 18.43 8.65
N LYS A 97 -12.21 18.62 9.95
CA LYS A 97 -11.42 17.82 10.86
C LYS A 97 -12.31 16.77 11.51
N LYS A 98 -12.16 15.53 11.08
CA LYS A 98 -12.99 14.45 11.59
C LYS A 98 -12.57 14.08 13.00
N LYS A 99 -11.28 14.25 13.29
CA LYS A 99 -10.75 14.00 14.62
C LYS A 99 -11.14 15.13 15.56
N ASP A 100 -10.97 14.91 16.87
CA ASP A 100 -11.31 15.92 17.86
C ASP A 100 -10.25 17.01 17.91
N ARG A 101 -10.57 18.13 18.56
CA ARG A 101 -9.62 19.21 18.73
C ARG A 101 -8.61 18.89 19.82
N GLU A 102 -8.82 17.78 20.53
CA GLU A 102 -7.93 17.38 21.59
C GLU A 102 -7.48 15.94 21.38
N ASP A 103 -6.16 15.76 21.32
CA ASP A 103 -5.56 14.44 21.13
C ASP A 103 -5.38 13.75 22.47
N GLY A 104 -6.14 12.70 22.71
CA GLY A 104 -6.07 12.00 23.97
C GLY A 104 -4.98 10.96 23.98
N GLY A 105 -4.38 10.75 25.15
CA GLY A 105 -3.36 9.75 25.31
C GLY A 105 -3.38 9.14 26.69
N GLY A 106 -4.57 8.82 27.17
CA GLY A 106 -4.72 8.28 28.50
C GLY A 106 -5.34 6.91 28.51
N SER A 107 -5.37 6.27 27.34
CA SER A 107 -5.96 4.95 27.23
C SER A 107 -5.00 3.89 27.75
N GLY A 108 -5.30 3.38 28.94
CA GLY A 108 -4.46 2.35 29.53
C GLY A 108 -4.41 1.10 28.69
N GLY A 109 -5.55 0.71 28.13
CA GLY A 109 -5.58 -0.43 27.25
C GLY A 109 -6.75 -1.34 27.54
N SER A 110 -6.61 -2.62 27.19
CA SER A 110 -7.65 -3.59 27.39
C SER A 110 -7.07 -4.88 27.98
N LEU A 111 -7.29 -5.08 29.28
CA LEU A 111 -6.88 -6.32 29.93
C LEU A 111 -7.93 -7.40 29.74
N ARG A 112 -9.12 -6.97 29.32
CA ARG A 112 -10.20 -7.89 29.01
C ARG A 112 -9.94 -8.56 27.67
N LYS A 113 -9.80 -9.88 27.68
CA LYS A 113 -9.40 -10.61 26.49
C LYS A 113 -10.53 -10.68 25.47
N LYS A 114 -11.76 -10.79 25.94
CA LYS A 114 -12.89 -10.86 25.04
C LYS A 114 -13.29 -9.46 24.58
N ILE A 115 -14.39 -9.40 23.85
CA ILE A 115 -14.92 -8.13 23.34
C ILE A 115 -15.25 -7.19 24.49
N ASN A 116 -14.70 -5.98 24.43
CA ASN A 116 -14.97 -4.96 25.45
C ASN A 116 -16.15 -4.11 25.04
N PRO A 117 -16.90 -3.56 26.03
CA PRO A 117 -17.97 -2.61 25.76
C PRO A 117 -17.41 -1.30 25.26
N LYS A 118 -16.25 -0.95 25.78
CA LYS A 118 -15.54 0.28 25.42
C LYS A 118 -14.77 0.12 24.11
N VAL A 119 -15.00 -1.00 23.41
CA VAL A 119 -14.28 -1.33 22.17
C VAL A 119 -14.31 -0.18 21.16
N MET A 120 -15.31 0.67 21.28
CA MET A 120 -15.44 1.87 20.45
C MET A 120 -14.20 2.77 20.55
N ASN A 121 -13.43 2.62 21.63
CA ASN A 121 -12.19 3.38 21.80
C ASN A 121 -11.18 3.02 20.72
N MET A 122 -11.27 1.79 20.24
CA MET A 122 -10.42 1.35 19.13
C MET A 122 -10.82 2.11 17.88
N ILE A 123 -12.12 2.38 17.74
CA ILE A 123 -12.64 3.15 16.62
C ILE A 123 -12.12 4.58 16.67
N ASP A 124 -11.87 5.09 17.88
CA ASP A 124 -11.23 6.40 18.04
C ASP A 124 -9.89 6.41 17.32
N SER A 125 -9.17 5.29 17.41
CA SER A 125 -7.90 5.13 16.70
C SER A 125 -8.15 5.08 15.19
N VAL A 126 -9.28 4.51 14.79
CA VAL A 126 -9.69 4.46 13.38
C VAL A 126 -9.86 5.87 12.83
N GLU A 127 -10.31 6.77 13.69
CA GLU A 127 -10.47 8.18 13.33
C GLU A 127 -9.10 8.81 13.08
N LYS A 128 -8.14 8.48 13.93
CA LYS A 128 -6.78 9.03 13.83
C LYS A 128 -6.00 8.42 12.66
N LYS A 129 -6.11 7.11 12.53
CA LYS A 129 -5.30 6.32 11.59
C LYS A 129 -5.55 6.71 10.14
N GLU A 130 -6.75 7.20 9.84
CA GLU A 130 -7.18 7.42 8.47
C GLU A 130 -6.21 8.32 7.68
N MET A 131 -5.64 9.32 8.34
CA MET A 131 -4.84 10.34 7.66
C MET A 131 -3.60 9.77 7.00
N SER A 132 -3.09 8.65 7.51
CA SER A 132 -1.94 8.00 6.90
C SER A 132 -2.31 7.51 5.50
N LEU A 133 -3.57 7.12 5.34
CA LEU A 133 -4.04 6.53 4.09
C LEU A 133 -4.10 7.52 2.95
N LYS A 134 -4.41 8.77 3.22
CA LYS A 134 -4.38 9.79 2.17
C LYS A 134 -3.00 9.81 1.53
N HIS A 135 -1.99 9.79 2.38
CA HIS A 135 -0.60 9.74 1.94
C HIS A 135 -0.28 8.39 1.28
N MET A 136 -0.66 7.30 1.94
CA MET A 136 -0.27 5.96 1.51
C MET A 136 -0.96 5.54 0.21
N MET A 137 -2.23 5.90 0.04
CA MET A 137 -2.94 5.61 -1.20
C MET A 137 -2.31 6.39 -2.34
N LYS A 138 -2.01 7.66 -2.08
CA LYS A 138 -1.32 8.49 -3.06
C LYS A 138 0.03 7.86 -3.41
N THR A 139 0.65 7.25 -2.40
CA THR A 139 1.89 6.51 -2.61
C THR A 139 1.68 5.35 -3.57
N VAL A 140 0.61 4.59 -3.35
CA VAL A 140 0.28 3.45 -4.21
C VAL A 140 -0.04 3.91 -5.64
N LEU A 141 -0.91 4.90 -5.78
CA LEU A 141 -1.29 5.39 -7.11
C LEU A 141 -0.08 5.94 -7.84
N LYS A 142 0.72 6.73 -7.13
CA LYS A 142 1.93 7.30 -7.71
C LYS A 142 2.94 6.20 -8.00
N ASP A 143 2.87 5.13 -7.23
CA ASP A 143 3.75 3.98 -7.40
C ASP A 143 3.51 3.35 -8.76
N LYS A 144 2.24 3.27 -9.15
CA LYS A 144 1.85 2.76 -10.46
C LYS A 144 2.45 3.63 -11.55
N HIS A 145 2.37 4.94 -11.36
CA HIS A 145 2.93 5.89 -12.32
C HIS A 145 4.45 5.79 -12.35
N LYS A 146 5.03 5.48 -11.20
CA LYS A 146 6.48 5.27 -11.09
C LYS A 146 6.91 4.04 -11.89
N ILE A 147 6.12 2.98 -11.80
CA ILE A 147 6.36 1.78 -12.58
C ILE A 147 6.36 2.13 -14.07
N GLU A 148 5.39 2.93 -14.48
CA GLU A 148 5.25 3.35 -15.87
C GLU A 148 6.47 4.12 -16.35
N GLU A 149 7.10 4.87 -15.44
CA GLU A 149 8.32 5.62 -15.76
C GLU A 149 9.42 4.66 -16.19
N THR A 150 9.67 3.66 -15.37
CA THR A 150 10.70 2.67 -15.66
C THR A 150 10.35 1.84 -16.88
N ILE A 151 9.06 1.50 -17.03
CA ILE A 151 8.60 0.75 -18.20
C ILE A 151 8.99 1.49 -19.48
N ALA A 152 8.76 2.79 -19.49
CA ALA A 152 9.11 3.63 -20.63
C ALA A 152 10.61 3.58 -20.90
N THR A 153 11.40 3.83 -19.85
CA THR A 153 12.85 3.83 -19.97
C THR A 153 13.39 2.47 -20.46
N LEU A 154 12.83 1.40 -19.94
CA LEU A 154 13.25 0.04 -20.31
C LEU A 154 12.95 -0.25 -21.78
N ASP A 155 11.77 0.16 -22.23
CA ASP A 155 11.41 -0.03 -23.62
C ASP A 155 12.27 0.85 -24.52
N GLU A 156 12.68 1.99 -23.98
CA GLU A 156 13.61 2.88 -24.65
C GLU A 156 14.93 2.17 -24.94
N TYR A 157 15.44 1.43 -23.95
CA TYR A 157 16.66 0.65 -24.13
C TYR A 157 16.48 -0.35 -25.28
N LYS A 158 15.33 -1.02 -25.29
CA LYS A 158 15.02 -2.04 -26.28
C LYS A 158 14.88 -1.43 -27.67
N ARG A 159 14.48 -0.18 -27.73
CA ARG A 159 14.29 0.51 -29.00
C ARG A 159 15.59 1.15 -29.47
N LYS A 160 16.36 1.68 -28.54
CA LYS A 160 17.65 2.30 -28.85
C LYS A 160 18.64 1.25 -29.34
N ALA A 161 18.72 0.14 -28.62
CA ALA A 161 19.63 -0.95 -28.97
C ALA A 161 19.22 -1.59 -30.29
N SER A 162 20.12 -1.58 -31.25
CA SER A 162 19.85 -2.12 -32.58
C SER A 162 19.85 -3.65 -32.56
N GLY A 163 20.75 -4.23 -31.77
CA GLY A 163 20.86 -5.67 -31.70
C GLY A 163 20.16 -6.22 -30.47
N GLY A 164 20.40 -5.60 -29.33
CA GLY A 164 19.75 -6.01 -28.10
C GLY A 164 20.25 -7.35 -27.59
N SER A 165 21.53 -7.41 -27.24
CA SER A 165 22.13 -8.64 -26.77
C SER A 165 21.83 -8.87 -25.28
N ALA A 166 21.22 -7.87 -24.65
CA ALA A 166 20.91 -7.94 -23.23
C ALA A 166 19.58 -8.66 -22.97
N GLY A 167 18.99 -9.20 -24.03
CA GLY A 167 17.74 -9.93 -23.89
C GLY A 167 16.53 -9.07 -24.15
N THR A 168 16.64 -8.20 -25.14
CA THR A 168 15.57 -7.28 -25.49
C THR A 168 14.30 -8.03 -25.94
N ARG A 169 14.50 -9.08 -26.72
CA ARG A 169 13.38 -9.88 -27.24
C ARG A 169 12.64 -10.57 -26.11
N MET A 170 13.40 -11.15 -25.18
CA MET A 170 12.82 -11.82 -24.02
C MET A 170 12.03 -10.83 -23.18
N PHE A 171 12.63 -9.66 -22.91
CA PHE A 171 11.99 -8.62 -22.15
C PHE A 171 10.72 -8.13 -22.85
N GLU A 172 10.79 -8.01 -24.17
CA GLU A 172 9.65 -7.54 -24.96
C GLU A 172 8.47 -8.49 -24.81
N ASP A 173 8.74 -9.77 -24.88
CA ASP A 173 7.71 -10.80 -24.75
C ASP A 173 7.14 -10.80 -23.34
N ARG A 174 7.99 -10.54 -22.36
CA ARG A 174 7.56 -10.54 -20.97
C ARG A 174 6.76 -9.27 -20.66
N LYS A 175 7.21 -8.14 -21.20
CA LYS A 175 6.59 -6.85 -20.92
C LYS A 175 5.12 -6.86 -21.32
N GLU A 176 4.84 -7.23 -22.56
CA GLU A 176 3.47 -7.28 -23.06
C GLU A 176 2.58 -8.11 -22.14
N LYS A 177 3.08 -9.26 -21.71
CA LYS A 177 2.29 -10.17 -20.88
C LYS A 177 2.17 -9.65 -19.45
N ALA A 178 3.23 -9.01 -18.97
CA ALA A 178 3.22 -8.41 -17.64
C ALA A 178 2.19 -7.29 -17.57
N LEU A 179 2.13 -6.50 -18.64
CA LEU A 179 1.16 -5.42 -18.73
C LEU A 179 -0.25 -5.97 -18.77
N LYS A 180 -0.43 -7.07 -19.52
CA LYS A 180 -1.72 -7.75 -19.62
C LYS A 180 -2.14 -8.25 -18.24
N THR A 181 -1.22 -8.91 -17.55
CA THR A 181 -1.48 -9.39 -16.20
C THR A 181 -1.81 -8.23 -15.27
N MET A 182 -1.03 -7.17 -15.37
CA MET A 182 -1.23 -5.98 -14.54
C MET A 182 -2.61 -5.38 -14.78
N ALA A 183 -3.03 -5.36 -16.04
CA ALA A 183 -4.34 -4.84 -16.41
C ALA A 183 -5.45 -5.67 -15.79
N LYS A 184 -5.23 -6.97 -15.66
CA LYS A 184 -6.23 -7.86 -15.08
C LYS A 184 -6.40 -7.57 -13.58
N LYS A 185 -5.28 -7.47 -12.88
CA LYS A 185 -5.30 -7.19 -11.45
C LYS A 185 -5.57 -5.69 -11.17
N ASP A 186 -5.56 -4.90 -12.23
CA ASP A 186 -5.77 -3.46 -12.11
C ASP A 186 -7.17 -3.14 -11.62
N LEU A 187 -8.13 -3.98 -12.02
CA LEU A 187 -9.52 -3.79 -11.62
C LEU A 187 -9.69 -3.94 -10.11
N LYS A 188 -8.76 -4.68 -9.49
CA LYS A 188 -8.78 -4.86 -8.04
C LYS A 188 -8.53 -3.53 -7.35
N LEU A 189 -7.55 -2.79 -7.86
CA LEU A 189 -7.24 -1.46 -7.35
C LEU A 189 -8.46 -0.55 -7.49
N GLN A 190 -9.09 -0.63 -8.67
CA GLN A 190 -10.30 0.13 -8.93
C GLN A 190 -11.39 -0.21 -7.91
N GLU A 191 -11.50 -1.50 -7.59
CA GLU A 191 -12.52 -1.98 -6.66
C GLU A 191 -12.34 -1.37 -5.27
N ILE A 192 -11.09 -1.26 -4.83
CA ILE A 192 -10.79 -0.65 -3.54
C ILE A 192 -11.34 0.76 -3.47
N THR A 193 -11.01 1.57 -4.47
CA THR A 193 -11.47 2.96 -4.50
C THR A 193 -12.98 3.04 -4.77
N GLU A 194 -13.51 2.06 -5.50
CA GLU A 194 -14.94 1.97 -5.78
C GLU A 194 -15.73 1.85 -4.48
N LEU A 195 -15.36 0.87 -3.65
CA LEU A 195 -16.02 0.66 -2.37
C LEU A 195 -15.94 1.90 -1.50
N LEU A 196 -14.81 2.58 -1.59
CA LEU A 196 -14.58 3.83 -0.86
C LEU A 196 -15.64 4.87 -1.17
N ARG A 197 -15.95 5.03 -2.45
CA ARG A 197 -16.86 6.10 -2.88
C ARG A 197 -18.30 5.82 -2.49
N ASP A 198 -18.71 4.56 -2.58
CA ASP A 198 -20.12 4.23 -2.41
C ASP A 198 -20.48 3.92 -0.95
N GLU A 199 -19.83 2.93 -0.38
CA GLU A 199 -20.26 2.40 0.91
C GLU A 199 -19.49 3.03 2.06
N ILE A 200 -18.17 2.95 1.97
CA ILE A 200 -17.26 3.41 3.03
C ILE A 200 -17.34 4.92 3.26
N GLU A 201 -17.77 5.63 2.24
CA GLU A 201 -17.64 7.08 2.16
C GLU A 201 -17.96 7.90 3.43
N PRO A 202 -19.21 7.93 3.94
CA PRO A 202 -19.62 9.10 4.73
C PRO A 202 -19.06 9.29 6.16
N LYS A 203 -19.46 8.50 7.17
CA LYS A 203 -18.91 8.75 8.51
C LYS A 203 -18.05 7.61 9.06
N LEU A 204 -18.73 6.66 9.69
CA LEU A 204 -18.13 5.47 10.26
C LEU A 204 -17.95 4.42 9.20
N GLU A 205 -18.75 4.54 8.14
CA GLU A 205 -18.87 3.52 7.11
C GLU A 205 -17.51 3.10 6.56
N LYS A 206 -16.53 3.98 6.68
CA LYS A 206 -15.14 3.62 6.41
C LYS A 206 -14.72 2.36 7.17
N LEU A 207 -15.02 2.31 8.46
CA LEU A 207 -14.61 1.21 9.32
C LEU A 207 -15.43 -0.03 9.03
N ARG A 208 -16.63 0.18 8.48
CA ARG A 208 -17.58 -0.91 8.22
C ARG A 208 -16.91 -2.06 7.45
N GLN A 209 -15.94 -1.75 6.59
CA GLN A 209 -15.22 -2.77 5.84
C GLN A 209 -14.55 -3.75 6.79
N GLU A 210 -13.90 -3.22 7.81
CA GLU A 210 -13.25 -4.01 8.82
C GLU A 210 -14.28 -4.49 9.84
N LYS A 211 -15.34 -3.69 10.00
CA LYS A 211 -16.42 -4.00 10.92
C LYS A 211 -17.16 -5.26 10.46
N ARG A 212 -16.97 -5.64 9.20
CA ARG A 212 -17.51 -6.91 8.69
C ARG A 212 -17.04 -8.07 9.56
N ALA A 213 -15.76 -8.04 9.91
CA ALA A 213 -15.18 -9.06 10.78
C ALA A 213 -15.39 -8.69 12.24
N PHE A 214 -15.53 -7.40 12.49
CA PHE A 214 -15.80 -6.88 13.83
C PHE A 214 -17.16 -7.37 14.33
N LEU A 215 -18.08 -7.59 13.40
CA LEU A 215 -19.42 -8.06 13.72
C LEU A 215 -19.38 -9.26 14.64
N ASP A 216 -18.69 -10.33 14.24
CA ASP A 216 -18.63 -11.52 15.08
C ASP A 216 -17.61 -11.37 16.21
N PHE A 217 -16.32 -11.37 15.87
CA PHE A 217 -15.29 -11.31 16.89
C PHE A 217 -14.84 -9.89 17.19
N GLN A 218 -13.89 -9.39 16.39
CA GLN A 218 -13.28 -8.09 16.60
C GLN A 218 -12.87 -7.45 15.29
N GLN A 219 -12.34 -6.23 15.37
CA GLN A 219 -11.86 -5.52 14.19
C GLN A 219 -10.65 -6.25 13.62
N THR A 220 -9.80 -6.73 14.51
CA THR A 220 -8.65 -7.52 14.10
C THR A 220 -8.48 -8.72 15.03
N GLN A 221 -8.01 -9.83 14.48
CA GLN A 221 -7.86 -11.05 15.25
C GLN A 221 -6.50 -11.08 15.93
N GLY A 1 16.48 -1.51 20.12
CA GLY A 1 15.82 -0.32 20.70
C GLY A 1 14.89 0.35 19.72
N HIS A 2 14.04 1.24 20.21
CA HIS A 2 13.05 1.91 19.38
C HIS A 2 13.69 2.97 18.48
N MET A 3 14.81 3.53 18.93
CA MET A 3 15.51 4.56 18.17
C MET A 3 16.47 3.92 17.18
N ARG A 4 16.87 2.68 17.47
CA ARG A 4 17.73 1.89 16.60
C ARG A 4 19.17 2.43 16.57
N ALA A 5 20.11 1.52 16.36
CA ALA A 5 21.51 1.89 16.30
C ALA A 5 22.14 1.41 15.00
N VAL A 6 22.37 2.34 14.09
CA VAL A 6 23.03 2.02 12.84
C VAL A 6 24.53 1.88 13.07
N THR A 7 25.12 0.83 12.53
CA THR A 7 26.53 0.56 12.73
C THR A 7 27.40 1.47 11.87
N PRO A 8 28.23 2.32 12.51
CA PRO A 8 29.13 3.23 11.80
C PRO A 8 30.11 2.49 10.91
N MET A 9 30.54 1.35 11.40
CA MET A 9 31.41 0.46 10.64
C MET A 9 30.68 -0.85 10.37
N LYS A 10 30.94 -1.43 9.22
CA LYS A 10 30.25 -2.64 8.77
C LYS A 10 28.74 -2.38 8.63
N ARG A 11 28.36 -1.80 7.51
CA ARG A 11 26.96 -1.54 7.23
C ARG A 11 26.39 -2.65 6.37
N VAL A 12 25.07 -2.66 6.21
CA VAL A 12 24.42 -3.65 5.38
C VAL A 12 24.08 -3.05 4.02
N PRO A 13 24.68 -3.59 2.95
CA PRO A 13 24.47 -3.10 1.59
C PRO A 13 23.03 -3.28 1.14
N ILE A 14 22.53 -2.32 0.36
CA ILE A 14 21.14 -2.36 -0.10
C ILE A 14 20.92 -3.58 -0.99
N LEU A 15 21.98 -4.05 -1.63
CA LEU A 15 21.92 -5.30 -2.41
C LEU A 15 21.34 -6.44 -1.57
N ALA A 16 21.81 -6.55 -0.34
CA ALA A 16 21.39 -7.64 0.55
C ALA A 16 19.97 -7.42 1.06
N ASN A 17 19.57 -6.15 1.10
CA ASN A 17 18.23 -5.81 1.56
C ASN A 17 17.22 -5.99 0.44
N PHE A 18 17.60 -5.57 -0.76
CA PHE A 18 16.70 -5.63 -1.91
C PHE A 18 16.42 -7.08 -2.31
N GLU A 19 17.43 -7.93 -2.22
CA GLU A 19 17.24 -9.35 -2.57
C GLU A 19 16.28 -10.02 -1.60
N GLU A 20 16.22 -9.51 -0.38
CA GLU A 20 15.29 -10.00 0.61
C GLU A 20 13.86 -9.61 0.22
N TRP A 21 13.74 -8.41 -0.35
CA TRP A 21 12.47 -7.94 -0.85
C TRP A 21 12.01 -8.79 -2.05
N MET A 22 12.97 -9.16 -2.89
CA MET A 22 12.69 -10.05 -4.01
C MET A 22 12.20 -11.40 -3.51
N LYS A 23 12.89 -11.93 -2.50
CA LYS A 23 12.49 -13.18 -1.89
C LYS A 23 11.10 -13.07 -1.30
N MET A 24 10.86 -11.96 -0.60
CA MET A 24 9.58 -11.70 0.03
C MET A 24 8.43 -11.75 -0.99
N ALA A 25 8.65 -11.09 -2.12
CA ALA A 25 7.64 -11.03 -3.18
C ALA A 25 7.45 -12.39 -3.86
N THR A 26 8.54 -13.03 -4.23
CA THR A 26 8.48 -14.27 -4.99
C THR A 26 7.96 -15.43 -4.16
N ASP A 27 8.35 -15.49 -2.89
CA ASP A 27 7.88 -16.54 -1.99
C ASP A 27 6.44 -16.25 -1.55
N ASN A 28 5.98 -15.03 -1.86
CA ASN A 28 4.66 -14.56 -1.45
C ASN A 28 4.58 -14.52 0.07
N LYS A 29 5.74 -14.33 0.69
CA LYS A 29 5.86 -14.26 2.13
C LYS A 29 5.41 -12.90 2.62
N ILE A 30 5.18 -12.00 1.69
CA ILE A 30 4.76 -10.65 2.01
C ILE A 30 3.32 -10.62 2.53
N ASN A 31 3.18 -10.85 3.83
CA ASN A 31 1.90 -10.74 4.52
C ASN A 31 1.39 -9.32 4.39
N ALA A 32 0.08 -9.14 4.46
CA ALA A 32 -0.52 -7.83 4.25
C ALA A 32 -0.02 -6.78 5.26
N ALA A 33 0.24 -7.22 6.49
CA ALA A 33 0.75 -6.31 7.51
C ALA A 33 2.09 -5.72 7.13
N ASN A 34 2.89 -6.51 6.42
CA ASN A 34 4.21 -6.08 5.96
C ASN A 34 4.20 -5.92 4.45
N SER A 35 3.01 -5.87 3.88
CA SER A 35 2.85 -5.60 2.46
C SER A 35 3.20 -4.15 2.21
N TRP A 36 3.14 -3.38 3.30
CA TRP A 36 3.46 -1.98 3.29
C TRP A 36 4.90 -1.80 3.75
N ASN A 37 5.44 -0.62 3.46
CA ASN A 37 6.86 -0.31 3.68
C ASN A 37 7.75 -1.04 2.66
N PHE A 38 7.12 -1.80 1.77
CA PHE A 38 7.84 -2.46 0.69
C PHE A 38 7.51 -1.83 -0.66
N ALA A 39 8.45 -1.06 -1.19
CA ALA A 39 8.30 -0.55 -2.54
C ALA A 39 9.50 -0.98 -3.39
N LEU A 40 9.23 -1.78 -4.41
CA LEU A 40 10.30 -2.29 -5.26
C LEU A 40 10.83 -1.24 -6.21
N ILE A 41 9.92 -0.50 -6.82
CA ILE A 41 10.25 0.35 -7.94
C ILE A 41 11.14 1.51 -7.51
N ASP A 42 11.04 1.91 -6.25
CA ASP A 42 11.91 2.95 -5.70
C ASP A 42 13.38 2.61 -5.96
N TYR A 43 13.74 1.37 -5.72
CA TYR A 43 15.10 0.90 -5.97
C TYR A 43 15.28 0.48 -7.43
N PHE A 44 14.20 -0.02 -8.02
CA PHE A 44 14.23 -0.51 -9.39
C PHE A 44 14.48 0.63 -10.38
N HIS A 45 13.96 1.81 -10.02
CA HIS A 45 14.05 3.00 -10.86
C HIS A 45 15.47 3.51 -10.97
N ASP A 46 16.17 3.56 -9.84
CA ASP A 46 17.52 4.12 -9.76
C ASP A 46 18.49 3.36 -10.67
N MET A 47 18.20 2.07 -10.87
CA MET A 47 18.93 1.20 -11.79
C MET A 47 20.28 0.74 -11.25
N SER A 48 21.02 1.64 -10.60
CA SER A 48 22.39 1.36 -10.15
C SER A 48 22.52 0.01 -9.43
N LEU A 49 21.51 -0.33 -8.64
CA LEU A 49 21.58 -1.47 -7.74
C LEU A 49 21.33 -2.80 -8.47
N LEU A 50 20.48 -2.79 -9.49
CA LEU A 50 20.03 -4.03 -10.09
C LEU A 50 20.39 -4.14 -11.57
N LYS A 51 20.67 -3.01 -12.20
CA LYS A 51 20.93 -2.98 -13.63
C LYS A 51 22.39 -3.32 -13.92
N GLU A 52 22.73 -3.32 -15.20
CA GLU A 52 24.07 -3.68 -15.64
C GLU A 52 24.90 -2.42 -15.85
N GLY A 53 25.39 -1.86 -14.75
CA GLY A 53 26.18 -0.65 -14.83
C GLY A 53 25.37 0.52 -15.34
N ASP A 54 25.62 0.89 -16.59
CA ASP A 54 24.95 2.03 -17.20
C ASP A 54 23.81 1.57 -18.11
N SER A 55 23.62 0.27 -18.19
CA SER A 55 22.58 -0.28 -19.04
C SER A 55 21.80 -1.35 -18.29
N VAL A 56 21.00 -2.12 -19.00
CA VAL A 56 20.19 -3.17 -18.40
C VAL A 56 19.91 -4.26 -19.39
N ASN A 57 20.17 -5.47 -18.96
CA ASN A 57 19.73 -6.63 -19.70
C ASN A 57 18.30 -6.88 -19.28
N PHE A 58 17.41 -6.84 -20.23
CA PHE A 58 15.99 -6.95 -19.97
C PHE A 58 15.62 -8.33 -19.47
N GLN A 59 16.63 -9.16 -19.25
CA GLN A 59 16.43 -10.51 -18.76
C GLN A 59 16.07 -10.47 -17.29
N LYS A 60 16.98 -9.91 -16.50
CA LYS A 60 16.74 -9.71 -15.07
C LYS A 60 15.73 -8.59 -14.86
N ALA A 61 15.69 -7.66 -15.82
CA ALA A 61 14.75 -6.56 -15.77
C ALA A 61 13.32 -7.07 -15.82
N SER A 62 13.05 -7.99 -16.74
CA SER A 62 11.72 -8.56 -16.88
C SER A 62 11.37 -9.42 -15.69
N CYS A 63 12.35 -10.19 -15.20
CA CYS A 63 12.16 -11.04 -14.04
C CYS A 63 11.69 -10.22 -12.85
N THR A 64 12.38 -9.11 -12.58
CA THR A 64 12.04 -8.25 -11.48
C THR A 64 10.76 -7.46 -11.80
N LEU A 65 10.54 -7.17 -13.07
CA LEU A 65 9.34 -6.47 -13.50
C LEU A 65 8.09 -7.30 -13.18
N ASP A 66 8.16 -8.58 -13.52
CA ASP A 66 7.06 -9.51 -13.25
C ASP A 66 6.75 -9.51 -11.76
N GLY A 67 7.79 -9.58 -10.95
CA GLY A 67 7.63 -9.59 -9.52
C GLY A 67 7.11 -8.27 -8.97
N CYS A 68 7.63 -7.16 -9.47
CA CYS A 68 7.30 -5.84 -8.93
C CYS A 68 5.85 -5.46 -9.23
N VAL A 69 5.36 -5.80 -10.42
CA VAL A 69 3.98 -5.51 -10.76
C VAL A 69 3.05 -6.38 -9.90
N LYS A 70 3.48 -7.60 -9.64
CA LYS A 70 2.73 -8.54 -8.81
C LYS A 70 2.66 -8.07 -7.36
N ILE A 71 3.81 -7.72 -6.79
CA ILE A 71 3.88 -7.32 -5.39
C ILE A 71 3.15 -6.00 -5.14
N TYR A 72 3.28 -5.06 -6.09
CA TYR A 72 2.65 -3.76 -5.94
C TYR A 72 1.12 -3.89 -5.95
N THR A 73 0.60 -4.76 -6.81
CA THR A 73 -0.82 -5.02 -6.85
C THR A 73 -1.26 -5.90 -5.68
N SER A 74 -0.32 -6.70 -5.16
CA SER A 74 -0.58 -7.48 -3.96
C SER A 74 -0.84 -6.54 -2.79
N ARG A 75 -0.18 -5.39 -2.80
CA ARG A 75 -0.42 -4.36 -1.80
C ARG A 75 -1.80 -3.75 -1.99
N VAL A 76 -2.21 -3.62 -3.25
CA VAL A 76 -3.58 -3.20 -3.56
C VAL A 76 -4.58 -4.16 -2.91
N ASP A 77 -4.30 -5.45 -3.03
CA ASP A 77 -5.11 -6.48 -2.40
C ASP A 77 -5.07 -6.35 -0.87
N SER A 78 -3.99 -5.80 -0.34
CA SER A 78 -3.85 -5.61 1.09
C SER A 78 -4.85 -4.55 1.59
N VAL A 79 -5.12 -3.56 0.75
CA VAL A 79 -6.15 -2.57 1.05
C VAL A 79 -7.51 -3.25 1.08
N ALA A 80 -7.71 -4.15 0.12
CA ALA A 80 -8.92 -4.95 0.05
C ALA A 80 -9.03 -5.87 1.26
N THR A 81 -7.88 -6.23 1.82
CA THR A 81 -7.83 -7.06 3.02
C THR A 81 -8.39 -6.27 4.20
N GLU A 82 -8.19 -4.96 4.18
CA GLU A 82 -8.78 -4.08 5.19
C GLU A 82 -10.30 -4.10 5.09
N THR A 83 -10.79 -4.18 3.86
CA THR A 83 -12.23 -4.32 3.61
C THR A 83 -12.76 -5.59 4.27
N GLY A 84 -11.94 -6.63 4.25
CA GLY A 84 -12.31 -7.91 4.85
C GLY A 84 -12.37 -7.83 6.36
N LYS A 85 -11.61 -6.91 6.94
CA LYS A 85 -11.57 -6.71 8.38
C LYS A 85 -12.97 -6.36 8.90
N LEU A 86 -13.70 -5.54 8.14
CA LEU A 86 -15.06 -5.17 8.48
C LEU A 86 -15.97 -6.37 8.42
N LEU A 87 -15.77 -7.20 7.40
CA LEU A 87 -16.59 -8.39 7.20
C LEU A 87 -16.56 -9.28 8.43
N SER A 88 -15.39 -9.48 8.98
CA SER A 88 -15.23 -10.27 10.19
C SER A 88 -16.03 -9.69 11.35
N GLY A 89 -15.89 -8.39 11.56
CA GLY A 89 -16.56 -7.74 12.68
C GLY A 89 -18.06 -7.66 12.50
N LEU A 90 -18.51 -7.28 11.30
CA LEU A 90 -19.93 -7.11 11.03
C LEU A 90 -20.67 -8.43 11.11
N ALA A 91 -20.08 -9.48 10.52
CA ALA A 91 -20.68 -10.81 10.54
C ALA A 91 -20.75 -11.34 11.96
N ASP A 92 -19.69 -11.10 12.73
CA ASP A 92 -19.60 -11.56 14.11
C ASP A 92 -20.67 -10.89 14.98
N SER A 93 -21.17 -9.76 14.51
CA SER A 93 -22.18 -9.00 15.24
C SER A 93 -23.57 -9.58 15.00
N ARG A 94 -23.67 -10.55 14.09
CA ARG A 94 -24.95 -11.20 13.79
C ARG A 94 -24.84 -12.71 13.98
N ASP A 95 -23.68 -13.25 13.60
CA ASP A 95 -23.41 -14.67 13.72
C ASP A 95 -22.04 -14.88 14.35
N SER A 96 -22.03 -15.29 15.60
CA SER A 96 -20.78 -15.50 16.32
C SER A 96 -20.69 -16.96 16.79
N LYS A 97 -21.82 -17.51 17.18
CA LYS A 97 -21.90 -18.91 17.59
C LYS A 97 -22.93 -19.63 16.73
N LYS A 98 -24.10 -19.05 16.65
CA LYS A 98 -25.20 -19.59 15.86
C LYS A 98 -25.95 -18.44 15.22
N LYS A 99 -26.52 -18.66 14.05
CA LYS A 99 -27.33 -17.62 13.41
C LYS A 99 -28.53 -17.30 14.29
N ASP A 100 -28.67 -16.03 14.64
CA ASP A 100 -29.79 -15.61 15.49
C ASP A 100 -31.10 -15.80 14.74
N ARG A 101 -32.09 -16.32 15.44
CA ARG A 101 -33.38 -16.63 14.82
C ARG A 101 -34.12 -15.37 14.39
N GLU A 102 -33.70 -14.22 14.94
CA GLU A 102 -34.31 -12.94 14.61
C GLU A 102 -35.82 -12.99 14.80
N ASP A 103 -36.22 -13.34 16.01
CA ASP A 103 -37.62 -13.50 16.35
C ASP A 103 -38.30 -12.14 16.47
N GLY A 104 -39.53 -12.04 15.98
CA GLY A 104 -40.22 -10.76 15.98
C GLY A 104 -41.20 -10.62 17.12
N GLY A 105 -41.23 -11.60 18.00
CA GLY A 105 -42.18 -11.59 19.11
C GLY A 105 -41.68 -10.74 20.27
N GLY A 106 -40.44 -10.30 20.18
CA GLY A 106 -39.87 -9.47 21.23
C GLY A 106 -38.36 -9.62 21.31
N SER A 107 -37.81 -9.24 22.44
CA SER A 107 -36.37 -9.35 22.65
C SER A 107 -36.04 -10.57 23.49
N GLY A 108 -35.32 -11.52 22.89
CA GLY A 108 -34.88 -12.68 23.62
C GLY A 108 -33.40 -12.61 23.92
N GLY A 109 -32.66 -12.05 22.98
CA GLY A 109 -31.24 -11.86 23.16
C GLY A 109 -30.78 -10.59 22.46
N SER A 110 -31.60 -9.55 22.56
CA SER A 110 -31.34 -8.30 21.88
C SER A 110 -30.85 -7.23 22.86
N LEU A 111 -30.64 -7.64 24.12
CA LEU A 111 -30.18 -6.72 25.14
C LEU A 111 -28.73 -6.31 24.90
N ARG A 112 -28.55 -5.09 24.44
CA ARG A 112 -27.22 -4.55 24.20
C ARG A 112 -26.78 -3.75 25.42
N LYS A 113 -25.49 -3.45 25.49
CA LYS A 113 -24.96 -2.60 26.54
C LYS A 113 -25.43 -1.16 26.32
N LYS A 114 -25.48 -0.38 27.40
CA LYS A 114 -25.86 1.01 27.28
C LYS A 114 -24.81 1.77 26.47
N ILE A 115 -25.26 2.65 25.61
CA ILE A 115 -24.39 3.33 24.67
C ILE A 115 -24.49 4.84 24.82
N ASN A 116 -23.35 5.48 24.96
CA ASN A 116 -23.31 6.93 25.14
C ASN A 116 -23.11 7.60 23.79
N PRO A 117 -23.90 8.65 23.49
CA PRO A 117 -23.78 9.39 22.23
C PRO A 117 -22.37 9.95 22.03
N LYS A 118 -21.77 10.38 23.14
CA LYS A 118 -20.41 10.93 23.14
C LYS A 118 -19.41 9.95 22.53
N VAL A 119 -19.70 8.65 22.63
CA VAL A 119 -18.89 7.62 22.02
C VAL A 119 -18.81 7.82 20.51
N MET A 120 -19.98 8.04 19.90
CA MET A 120 -20.04 8.28 18.47
C MET A 120 -19.62 9.71 18.12
N ASN A 121 -19.66 10.59 19.12
CA ASN A 121 -19.13 11.94 18.95
C ASN A 121 -17.63 11.86 18.68
N MET A 122 -16.97 10.99 19.43
CA MET A 122 -15.53 10.80 19.34
C MET A 122 -15.12 10.33 17.94
N ILE A 123 -15.97 9.53 17.32
CA ILE A 123 -15.71 9.00 15.98
C ILE A 123 -15.42 10.12 14.97
N ASP A 124 -16.04 11.29 15.18
CA ASP A 124 -15.85 12.44 14.28
C ASP A 124 -14.36 12.76 14.06
N SER A 125 -13.56 12.52 15.09
CA SER A 125 -12.13 12.76 15.05
C SER A 125 -11.42 11.88 14.00
N VAL A 126 -12.02 10.73 13.72
CA VAL A 126 -11.39 9.67 12.93
C VAL A 126 -10.88 10.15 11.57
N GLU A 127 -11.55 11.16 11.01
CA GLU A 127 -11.21 11.69 9.69
C GLU A 127 -9.73 12.06 9.58
N LYS A 128 -9.11 12.44 10.69
CA LYS A 128 -7.69 12.79 10.70
C LYS A 128 -6.81 11.55 10.50
N LYS A 129 -7.30 10.42 10.99
CA LYS A 129 -6.55 9.15 10.96
C LYS A 129 -6.44 8.57 9.56
N GLU A 130 -7.38 8.95 8.68
CA GLU A 130 -7.47 8.41 7.33
C GLU A 130 -6.15 8.55 6.57
N MET A 131 -5.35 9.53 6.95
CA MET A 131 -4.11 9.86 6.24
C MET A 131 -3.18 8.65 6.11
N SER A 132 -3.26 7.71 7.05
CA SER A 132 -2.44 6.50 6.99
C SER A 132 -2.80 5.68 5.76
N LEU A 133 -4.09 5.63 5.43
CA LEU A 133 -4.56 4.93 4.26
C LEU A 133 -4.04 5.64 3.01
N LYS A 134 -4.11 6.97 3.05
CA LYS A 134 -3.61 7.79 1.95
C LYS A 134 -2.11 7.56 1.77
N HIS A 135 -1.40 7.40 2.87
CA HIS A 135 0.02 7.11 2.84
C HIS A 135 0.29 5.78 2.14
N MET A 136 -0.50 4.77 2.47
CA MET A 136 -0.34 3.46 1.87
C MET A 136 -0.74 3.49 0.39
N MET A 137 -1.79 4.23 0.09
CA MET A 137 -2.21 4.44 -1.30
C MET A 137 -1.11 5.15 -2.08
N LYS A 138 -0.47 6.10 -1.41
CA LYS A 138 0.66 6.84 -1.97
C LYS A 138 1.78 5.89 -2.33
N THR A 139 2.00 4.88 -1.48
CA THR A 139 2.98 3.85 -1.75
C THR A 139 2.61 3.09 -3.01
N VAL A 140 1.34 2.68 -3.10
CA VAL A 140 0.83 1.96 -4.25
C VAL A 140 1.01 2.78 -5.52
N LEU A 141 0.55 4.02 -5.49
CA LEU A 141 0.59 4.90 -6.64
C LEU A 141 2.02 5.21 -7.07
N LYS A 142 2.91 5.40 -6.10
CA LYS A 142 4.29 5.74 -6.40
C LYS A 142 4.95 4.66 -7.26
N ASP A 143 4.85 3.41 -6.81
CA ASP A 143 5.39 2.29 -7.58
C ASP A 143 4.72 2.22 -8.94
N LYS A 144 3.40 2.38 -8.96
CA LYS A 144 2.62 2.36 -10.20
C LYS A 144 3.17 3.37 -11.21
N HIS A 145 3.29 4.62 -10.79
CA HIS A 145 3.76 5.69 -11.66
C HIS A 145 5.19 5.41 -12.12
N LYS A 146 6.02 4.95 -11.20
CA LYS A 146 7.40 4.63 -11.51
C LYS A 146 7.49 3.45 -12.47
N ILE A 147 6.54 2.52 -12.39
CA ILE A 147 6.49 1.38 -13.31
C ILE A 147 6.33 1.88 -14.75
N GLU A 148 5.34 2.74 -14.96
CA GLU A 148 5.12 3.33 -16.28
C GLU A 148 6.39 4.01 -16.79
N GLU A 149 7.03 4.75 -15.90
CA GLU A 149 8.26 5.45 -16.21
C GLU A 149 9.36 4.45 -16.60
N THR A 150 9.45 3.36 -15.85
CA THR A 150 10.46 2.34 -16.10
C THR A 150 10.23 1.63 -17.43
N ILE A 151 9.00 1.19 -17.65
CA ILE A 151 8.66 0.47 -18.88
C ILE A 151 8.94 1.35 -20.10
N ALA A 152 8.57 2.62 -20.01
CA ALA A 152 8.84 3.58 -21.07
C ALA A 152 10.33 3.73 -21.32
N THR A 153 11.10 3.76 -20.24
CA THR A 153 12.55 3.87 -20.32
C THR A 153 13.16 2.65 -21.00
N LEU A 154 12.79 1.47 -20.51
CA LEU A 154 13.30 0.21 -21.06
C LEU A 154 12.85 0.03 -22.51
N ASP A 155 11.65 0.53 -22.81
CA ASP A 155 11.13 0.50 -24.17
C ASP A 155 12.02 1.32 -25.10
N GLU A 156 12.40 2.51 -24.64
CA GLU A 156 13.27 3.38 -25.42
C GLU A 156 14.68 2.80 -25.50
N TYR A 157 15.07 2.06 -24.48
CA TYR A 157 16.36 1.36 -24.51
C TYR A 157 16.34 0.27 -25.57
N LYS A 158 15.16 -0.30 -25.80
CA LYS A 158 14.98 -1.28 -26.86
C LYS A 158 15.01 -0.60 -28.23
N ARG A 159 14.67 0.69 -28.26
CA ARG A 159 14.77 1.48 -29.48
C ARG A 159 16.22 1.77 -29.81
N LYS A 160 17.01 2.03 -28.77
CA LYS A 160 18.45 2.20 -28.92
C LYS A 160 19.09 0.88 -29.32
N ALA A 161 18.81 -0.17 -28.54
CA ALA A 161 19.32 -1.49 -28.83
C ALA A 161 18.21 -2.40 -29.33
N SER A 162 17.96 -2.35 -30.62
CA SER A 162 16.91 -3.15 -31.23
C SER A 162 17.47 -4.50 -31.69
N GLY A 163 18.75 -4.71 -31.43
CA GLY A 163 19.37 -5.98 -31.79
C GLY A 163 19.37 -6.95 -30.63
N GLY A 164 20.36 -7.85 -30.62
CA GLY A 164 20.42 -8.87 -29.61
C GLY A 164 21.46 -8.56 -28.55
N SER A 165 21.54 -7.30 -28.15
CA SER A 165 22.44 -6.89 -27.08
C SER A 165 22.01 -7.50 -25.75
N ALA A 166 20.70 -7.65 -25.60
CA ALA A 166 20.12 -8.21 -24.40
C ALA A 166 18.86 -8.99 -24.76
N GLY A 167 18.14 -9.47 -23.75
CA GLY A 167 16.89 -10.17 -24.01
C GLY A 167 15.77 -9.22 -24.39
N THR A 168 15.95 -8.50 -25.48
CA THR A 168 15.02 -7.49 -25.93
C THR A 168 13.68 -8.08 -26.36
N ARG A 169 13.74 -9.09 -27.23
CA ARG A 169 12.51 -9.71 -27.75
C ARG A 169 11.75 -10.42 -26.64
N MET A 170 12.49 -11.11 -25.79
CA MET A 170 11.90 -11.83 -24.67
C MET A 170 11.19 -10.87 -23.72
N PHE A 171 11.78 -9.70 -23.53
CA PHE A 171 11.20 -8.67 -22.67
C PHE A 171 9.89 -8.15 -23.25
N GLU A 172 9.80 -8.10 -24.57
CA GLU A 172 8.61 -7.59 -25.23
C GLU A 172 7.41 -8.50 -24.99
N ASP A 173 7.65 -9.81 -25.14
CA ASP A 173 6.60 -10.80 -24.94
C ASP A 173 6.17 -10.84 -23.48
N ARG A 174 7.14 -10.78 -22.58
CA ARG A 174 6.86 -10.81 -21.16
C ARG A 174 6.20 -9.52 -20.70
N LYS A 175 6.56 -8.41 -21.35
CA LYS A 175 5.99 -7.10 -21.04
C LYS A 175 4.49 -7.11 -21.17
N GLU A 176 3.99 -7.51 -22.34
CA GLU A 176 2.56 -7.50 -22.61
C GLU A 176 1.81 -8.42 -21.66
N LYS A 177 2.45 -9.52 -21.28
CA LYS A 177 1.84 -10.49 -20.36
C LYS A 177 1.82 -9.94 -18.95
N ALA A 178 2.92 -9.31 -18.54
CA ALA A 178 2.99 -8.67 -17.23
C ALA A 178 1.96 -7.55 -17.13
N LEU A 179 1.85 -6.77 -18.20
CA LEU A 179 0.87 -5.68 -18.26
C LEU A 179 -0.54 -6.21 -18.13
N LYS A 180 -0.80 -7.35 -18.76
CA LYS A 180 -2.13 -7.95 -18.72
C LYS A 180 -2.51 -8.33 -17.29
N THR A 181 -1.57 -8.95 -16.57
CA THR A 181 -1.79 -9.33 -15.19
C THR A 181 -1.89 -8.08 -14.31
N MET A 182 -1.06 -7.09 -14.58
CA MET A 182 -1.05 -5.84 -13.84
C MET A 182 -2.39 -5.13 -13.98
N ALA A 183 -2.89 -5.05 -15.21
CA ALA A 183 -4.14 -4.36 -15.50
C ALA A 183 -5.31 -4.97 -14.75
N LYS A 184 -5.29 -6.29 -14.58
CA LYS A 184 -6.35 -7.00 -13.86
C LYS A 184 -6.53 -6.43 -12.46
N LYS A 185 -5.43 -6.34 -11.72
CA LYS A 185 -5.47 -5.81 -10.36
C LYS A 185 -5.57 -4.28 -10.38
N ASP A 186 -5.06 -3.68 -11.45
CA ASP A 186 -5.11 -2.22 -11.61
C ASP A 186 -6.54 -1.73 -11.77
N LEU A 187 -7.36 -2.53 -12.43
CA LEU A 187 -8.78 -2.22 -12.55
C LEU A 187 -9.40 -2.20 -11.16
N LYS A 188 -9.03 -3.17 -10.33
CA LYS A 188 -9.48 -3.21 -8.95
C LYS A 188 -8.92 -2.02 -8.18
N LEU A 189 -7.66 -1.68 -8.44
CA LEU A 189 -7.01 -0.55 -7.79
C LEU A 189 -7.82 0.73 -7.98
N GLN A 190 -8.30 0.96 -9.18
CA GLN A 190 -9.08 2.14 -9.49
C GLN A 190 -10.41 2.15 -8.73
N GLU A 191 -11.04 0.99 -8.62
CA GLU A 191 -12.31 0.88 -7.88
C GLU A 191 -12.06 1.02 -6.38
N ILE A 192 -11.04 0.33 -5.90
CA ILE A 192 -10.67 0.33 -4.49
C ILE A 192 -10.39 1.74 -3.99
N THR A 193 -9.54 2.46 -4.70
CA THR A 193 -9.19 3.81 -4.30
C THR A 193 -10.43 4.72 -4.29
N GLU A 194 -11.20 4.66 -5.35
CA GLU A 194 -12.35 5.54 -5.52
C GLU A 194 -13.40 5.31 -4.42
N LEU A 195 -13.88 4.08 -4.31
CA LEU A 195 -14.95 3.77 -3.37
C LEU A 195 -14.46 3.67 -1.93
N LEU A 196 -13.44 2.84 -1.71
CA LEU A 196 -13.01 2.51 -0.36
C LEU A 196 -12.35 3.69 0.33
N ARG A 197 -11.45 4.37 -0.37
CA ARG A 197 -10.67 5.45 0.24
C ARG A 197 -11.52 6.69 0.47
N ASP A 198 -12.56 6.85 -0.34
CA ASP A 198 -13.41 8.04 -0.24
C ASP A 198 -14.06 8.15 1.13
N GLU A 199 -14.63 7.05 1.62
CA GLU A 199 -15.36 7.09 2.89
C GLU A 199 -14.86 6.08 3.93
N ILE A 200 -15.00 4.80 3.61
CA ILE A 200 -14.95 3.76 4.65
C ILE A 200 -13.53 3.41 5.14
N GLU A 201 -12.73 2.83 4.25
CA GLU A 201 -11.47 2.19 4.65
C GLU A 201 -10.50 3.10 5.42
N PRO A 202 -10.15 4.29 4.90
CA PRO A 202 -9.11 5.13 5.50
C PRO A 202 -9.35 5.46 6.97
N LYS A 203 -10.54 5.91 7.30
CA LYS A 203 -10.82 6.35 8.65
C LYS A 203 -11.52 5.27 9.48
N LEU A 204 -12.68 4.83 9.05
CA LEU A 204 -13.55 4.01 9.89
C LEU A 204 -12.99 2.63 10.18
N GLU A 205 -12.23 2.06 9.24
CA GLU A 205 -11.70 0.70 9.41
C GLU A 205 -10.94 0.57 10.72
N LYS A 206 -9.95 1.43 10.91
CA LYS A 206 -9.07 1.34 12.06
C LYS A 206 -9.80 1.65 13.37
N LEU A 207 -10.65 2.67 13.35
CA LEU A 207 -11.34 3.10 14.57
C LEU A 207 -12.48 2.16 14.95
N ARG A 208 -13.29 1.78 13.95
CA ARG A 208 -14.49 0.99 14.21
C ARG A 208 -14.13 -0.39 14.77
N GLN A 209 -13.07 -0.98 14.22
CA GLN A 209 -12.67 -2.33 14.61
C GLN A 209 -12.43 -2.43 16.12
N GLU A 210 -11.64 -1.51 16.64
CA GLU A 210 -11.29 -1.52 18.05
C GLU A 210 -12.34 -0.77 18.90
N LYS A 211 -12.62 0.48 18.56
CA LYS A 211 -13.43 1.33 19.41
C LYS A 211 -14.92 1.04 19.28
N ARG A 212 -15.42 0.97 18.06
CA ARG A 212 -16.86 0.82 17.84
C ARG A 212 -17.33 -0.57 18.27
N ALA A 213 -16.48 -1.57 18.08
CA ALA A 213 -16.83 -2.92 18.49
C ALA A 213 -16.65 -3.12 19.99
N PHE A 214 -15.42 -2.93 20.47
CA PHE A 214 -15.11 -3.19 21.87
C PHE A 214 -15.59 -2.08 22.81
N LEU A 215 -15.15 -0.85 22.54
CA LEU A 215 -15.31 0.25 23.49
C LEU A 215 -16.75 0.77 23.56
N ASP A 216 -17.51 0.56 22.50
CA ASP A 216 -18.89 1.03 22.47
C ASP A 216 -19.74 0.29 23.51
N PHE A 217 -19.73 -1.04 23.44
CA PHE A 217 -20.49 -1.85 24.36
C PHE A 217 -19.73 -2.08 25.67
N GLN A 218 -18.44 -2.33 25.56
CA GLN A 218 -17.64 -2.68 26.72
C GLN A 218 -16.76 -1.51 27.13
N GLN A 219 -16.41 -1.45 28.40
CA GLN A 219 -15.57 -0.38 28.91
C GLN A 219 -14.13 -0.59 28.47
N THR A 220 -13.68 -1.83 28.54
CA THR A 220 -12.30 -2.17 28.22
C THR A 220 -12.22 -3.03 26.96
N GLN A 221 -11.29 -2.66 26.08
CA GLN A 221 -11.02 -3.46 24.89
C GLN A 221 -9.95 -4.50 25.19
N GLY A 1 42.05 -17.51 8.24
CA GLY A 1 41.19 -18.56 8.83
C GLY A 1 39.74 -18.13 8.97
N HIS A 2 39.18 -17.57 7.89
CA HIS A 2 37.82 -17.08 7.92
C HIS A 2 37.10 -17.39 6.61
N MET A 3 35.81 -17.69 6.71
CA MET A 3 34.99 -17.94 5.53
C MET A 3 34.40 -16.62 5.04
N ARG A 4 34.46 -15.62 5.90
CA ARG A 4 33.92 -14.30 5.58
C ARG A 4 34.82 -13.22 6.16
N ALA A 5 35.27 -12.30 5.30
CA ALA A 5 36.15 -11.22 5.74
C ALA A 5 35.40 -10.18 6.56
N VAL A 6 36.04 -9.71 7.60
CA VAL A 6 35.44 -8.69 8.46
C VAL A 6 35.61 -7.31 7.86
N THR A 7 34.51 -6.60 7.68
CA THR A 7 34.53 -5.27 7.12
C THR A 7 34.60 -4.21 8.21
N PRO A 8 35.68 -3.42 8.25
CA PRO A 8 35.86 -2.34 9.23
C PRO A 8 35.03 -1.11 8.89
N MET A 9 34.51 -1.10 7.67
CA MET A 9 33.67 0.00 7.20
C MET A 9 32.22 -0.45 7.21
N LYS A 10 31.36 0.37 7.80
CA LYS A 10 29.93 0.10 7.82
C LYS A 10 29.36 0.22 6.41
N ARG A 11 28.98 -0.91 5.84
CA ARG A 11 28.39 -0.96 4.51
C ARG A 11 27.24 -1.95 4.50
N VAL A 12 26.12 -1.51 3.98
CA VAL A 12 24.96 -2.38 3.85
C VAL A 12 24.89 -2.93 2.43
N PRO A 13 24.99 -4.25 2.28
CA PRO A 13 24.89 -4.92 0.98
C PRO A 13 23.49 -4.77 0.40
N ILE A 14 23.37 -3.88 -0.57
CA ILE A 14 22.08 -3.61 -1.20
C ILE A 14 21.56 -4.84 -1.92
N LEU A 15 22.47 -5.65 -2.46
CA LEU A 15 22.08 -6.87 -3.14
C LEU A 15 21.50 -7.86 -2.14
N ALA A 16 21.98 -7.80 -0.90
CA ALA A 16 21.47 -8.66 0.16
C ALA A 16 20.12 -8.16 0.63
N ASN A 17 19.94 -6.85 0.59
CA ASN A 17 18.65 -6.23 0.91
C ASN A 17 17.62 -6.62 -0.15
N PHE A 18 18.03 -6.56 -1.40
CA PHE A 18 17.16 -6.90 -2.52
C PHE A 18 16.66 -8.34 -2.41
N GLU A 19 17.58 -9.28 -2.20
CA GLU A 19 17.21 -10.69 -2.12
C GLU A 19 16.44 -10.95 -0.82
N GLU A 20 16.68 -10.15 0.20
CA GLU A 20 15.94 -10.28 1.46
C GLU A 20 14.47 -9.96 1.22
N TRP A 21 14.24 -8.93 0.43
CA TRP A 21 12.89 -8.54 0.04
C TRP A 21 12.26 -9.64 -0.82
N MET A 22 13.05 -10.18 -1.73
CA MET A 22 12.55 -11.22 -2.62
C MET A 22 12.27 -12.49 -1.83
N LYS A 23 13.12 -12.79 -0.87
CA LYS A 23 12.96 -13.92 0.03
C LYS A 23 11.63 -13.79 0.78
N MET A 24 11.34 -12.57 1.21
CA MET A 24 10.11 -12.27 1.92
C MET A 24 8.90 -12.48 1.01
N ALA A 25 9.00 -11.95 -0.21
CA ALA A 25 7.89 -12.00 -1.16
C ALA A 25 7.63 -13.42 -1.67
N THR A 26 8.68 -14.08 -2.15
CA THR A 26 8.53 -15.38 -2.82
C THR A 26 7.95 -16.45 -1.89
N ASP A 27 8.38 -16.44 -0.63
CA ASP A 27 7.92 -17.45 0.34
C ASP A 27 6.56 -17.06 0.90
N ASN A 28 6.01 -15.95 0.41
CA ASN A 28 4.72 -15.41 0.85
C ASN A 28 4.80 -15.05 2.35
N LYS A 29 6.01 -14.76 2.79
CA LYS A 29 6.26 -14.38 4.17
C LYS A 29 5.91 -12.91 4.37
N ILE A 30 5.81 -12.20 3.25
CA ILE A 30 5.46 -10.80 3.25
C ILE A 30 3.99 -10.60 3.64
N ASN A 31 3.77 -10.33 4.92
CA ASN A 31 2.44 -10.00 5.41
C ASN A 31 2.08 -8.60 4.91
N ALA A 32 0.80 -8.29 4.89
CA ALA A 32 0.35 -7.00 4.38
C ALA A 32 0.90 -5.85 5.22
N ALA A 33 1.03 -6.08 6.53
CA ALA A 33 1.58 -5.07 7.43
C ALA A 33 3.00 -4.71 7.04
N ASN A 34 3.74 -5.67 6.49
CA ASN A 34 5.11 -5.43 6.08
C ASN A 34 5.24 -5.46 4.57
N SER A 35 4.12 -5.39 3.87
CA SER A 35 4.16 -5.19 2.43
C SER A 35 4.58 -3.75 2.16
N TRP A 36 4.48 -2.95 3.20
CA TRP A 36 4.97 -1.59 3.18
C TRP A 36 6.47 -1.59 3.43
N ASN A 37 7.13 -0.58 2.90
CA ASN A 37 8.58 -0.46 2.92
C ASN A 37 9.23 -1.47 1.97
N PHE A 38 8.40 -2.30 1.34
CA PHE A 38 8.87 -3.25 0.34
C PHE A 38 8.44 -2.84 -1.05
N ALA A 39 9.30 -2.12 -1.76
CA ALA A 39 9.04 -1.80 -3.15
C ALA A 39 10.29 -2.00 -3.98
N LEU A 40 10.21 -2.93 -4.92
CA LEU A 40 11.33 -3.20 -5.83
C LEU A 40 11.47 -2.08 -6.85
N ILE A 41 10.42 -1.30 -6.99
CA ILE A 41 10.34 -0.28 -8.03
C ILE A 41 11.41 0.78 -7.85
N ASP A 42 11.82 1.02 -6.61
CA ASP A 42 12.90 1.96 -6.34
C ASP A 42 14.20 1.48 -6.97
N TYR A 43 14.35 0.16 -7.09
CA TYR A 43 15.52 -0.42 -7.71
C TYR A 43 15.50 -0.22 -9.22
N PHE A 44 14.30 -0.19 -9.79
CA PHE A 44 14.14 0.01 -11.23
C PHE A 44 14.60 1.41 -11.63
N HIS A 45 14.25 2.40 -10.82
CA HIS A 45 14.64 3.77 -11.09
C HIS A 45 16.10 3.99 -10.73
N ASP A 46 16.57 3.22 -9.76
CA ASP A 46 17.96 3.26 -9.33
C ASP A 46 18.90 2.81 -10.44
N MET A 47 18.68 1.58 -10.92
CA MET A 47 19.49 0.99 -12.00
C MET A 47 20.99 0.99 -11.68
N SER A 48 21.33 0.70 -10.44
CA SER A 48 22.72 0.45 -10.08
C SER A 48 22.88 -1.02 -9.74
N LEU A 49 21.83 -1.61 -9.17
CA LEU A 49 21.82 -3.01 -8.82
C LEU A 49 21.28 -3.84 -9.98
N LEU A 50 20.11 -3.45 -10.48
CA LEU A 50 19.43 -4.21 -11.53
C LEU A 50 20.12 -4.01 -12.89
N LYS A 51 20.68 -2.83 -13.08
CA LYS A 51 21.37 -2.51 -14.33
C LYS A 51 22.82 -2.95 -14.25
N GLU A 52 23.24 -3.72 -15.24
CA GLU A 52 24.59 -4.26 -15.26
C GLU A 52 25.30 -3.83 -16.54
N GLY A 53 26.15 -2.82 -16.41
CA GLY A 53 26.92 -2.33 -17.53
C GLY A 53 26.20 -1.24 -18.31
N ASP A 54 26.32 -1.29 -19.63
CA ASP A 54 25.82 -0.24 -20.50
C ASP A 54 24.31 -0.30 -20.64
N SER A 55 23.77 -1.50 -20.53
CA SER A 55 22.35 -1.70 -20.71
C SER A 55 21.79 -2.53 -19.56
N VAL A 56 20.59 -3.02 -19.72
CA VAL A 56 19.97 -3.85 -18.71
C VAL A 56 19.36 -5.07 -19.37
N ASN A 57 19.67 -6.22 -18.79
CA ASN A 57 19.19 -7.48 -19.32
C ASN A 57 17.70 -7.59 -19.05
N PHE A 58 16.92 -7.54 -20.11
CA PHE A 58 15.48 -7.56 -20.00
C PHE A 58 14.98 -8.93 -19.56
N GLN A 59 15.90 -9.88 -19.45
CA GLN A 59 15.57 -11.21 -18.95
C GLN A 59 15.29 -11.13 -17.46
N LYS A 60 16.30 -10.67 -16.72
CA LYS A 60 16.15 -10.45 -15.29
C LYS A 60 15.15 -9.34 -15.03
N ALA A 61 15.02 -8.43 -16.00
CA ALA A 61 14.03 -7.35 -15.94
C ALA A 61 12.61 -7.91 -16.02
N SER A 62 12.45 -9.03 -16.72
CA SER A 62 11.17 -9.70 -16.79
C SER A 62 10.83 -10.34 -15.45
N CYS A 63 11.84 -10.93 -14.82
CA CYS A 63 11.65 -11.55 -13.50
C CYS A 63 11.21 -10.50 -12.48
N THR A 64 11.92 -9.38 -12.44
CA THR A 64 11.59 -8.30 -11.52
C THR A 64 10.26 -7.65 -11.90
N LEU A 65 9.90 -7.72 -13.18
CA LEU A 65 8.63 -7.19 -13.66
C LEU A 65 7.48 -7.99 -13.04
N ASP A 66 7.54 -9.31 -13.18
CA ASP A 66 6.51 -10.19 -12.64
C ASP A 66 6.40 -10.01 -11.13
N GLY A 67 7.56 -9.90 -10.49
CA GLY A 67 7.58 -9.66 -9.05
C GLY A 67 7.04 -8.30 -8.69
N CYS A 68 7.29 -7.31 -9.55
CA CYS A 68 6.83 -5.94 -9.33
C CYS A 68 5.31 -5.86 -9.34
N VAL A 69 4.69 -6.38 -10.40
CA VAL A 69 3.24 -6.38 -10.52
C VAL A 69 2.61 -7.18 -9.37
N LYS A 70 3.29 -8.26 -9.01
CA LYS A 70 2.84 -9.13 -7.93
C LYS A 70 2.87 -8.41 -6.58
N ILE A 71 4.00 -7.79 -6.26
CA ILE A 71 4.16 -7.13 -4.98
C ILE A 71 3.34 -5.83 -4.92
N TYR A 72 3.22 -5.16 -6.06
CA TYR A 72 2.42 -3.95 -6.14
C TYR A 72 0.98 -4.23 -5.71
N THR A 73 0.42 -5.30 -6.24
CA THR A 73 -0.98 -5.60 -5.98
C THR A 73 -1.21 -6.17 -4.58
N SER A 74 -0.20 -6.83 -4.01
CA SER A 74 -0.33 -7.33 -2.65
C SER A 74 -0.32 -6.17 -1.66
N ARG A 75 0.42 -5.12 -2.02
CA ARG A 75 0.41 -3.88 -1.26
C ARG A 75 -0.96 -3.20 -1.38
N VAL A 76 -1.59 -3.38 -2.53
CA VAL A 76 -2.95 -2.86 -2.73
C VAL A 76 -3.93 -3.65 -1.83
N ASP A 77 -3.66 -4.94 -1.66
CA ASP A 77 -4.45 -5.75 -0.76
C ASP A 77 -4.28 -5.28 0.68
N SER A 78 -3.11 -4.70 0.97
CA SER A 78 -2.83 -4.16 2.29
C SER A 78 -3.73 -2.96 2.59
N VAL A 79 -3.80 -2.03 1.64
CA VAL A 79 -4.63 -0.85 1.81
C VAL A 79 -6.10 -1.23 1.81
N ALA A 80 -6.43 -2.32 1.12
CA ALA A 80 -7.82 -2.78 1.04
C ALA A 80 -8.39 -3.07 2.42
N THR A 81 -7.65 -3.82 3.23
CA THR A 81 -8.06 -4.09 4.60
C THR A 81 -8.16 -2.79 5.39
N GLU A 82 -7.17 -1.93 5.20
CA GLU A 82 -7.14 -0.66 5.90
C GLU A 82 -8.17 0.33 5.36
N THR A 83 -8.73 0.06 4.19
CA THR A 83 -9.71 0.95 3.59
C THR A 83 -10.89 1.17 4.54
N GLY A 84 -11.29 0.10 5.22
CA GLY A 84 -12.38 0.19 6.18
C GLY A 84 -12.10 1.19 7.28
N LYS A 85 -10.83 1.40 7.56
CA LYS A 85 -10.41 2.30 8.63
C LYS A 85 -10.63 3.76 8.24
N LEU A 86 -10.55 4.05 6.94
CA LEU A 86 -10.59 5.41 6.44
C LEU A 86 -11.90 6.11 6.78
N LEU A 87 -13.01 5.55 6.33
CA LEU A 87 -14.31 6.17 6.56
C LEU A 87 -14.71 6.07 8.03
N SER A 88 -14.02 5.19 8.77
CA SER A 88 -14.21 5.10 10.20
C SER A 88 -13.88 6.44 10.87
N GLY A 89 -12.94 7.18 10.27
CA GLY A 89 -12.62 8.50 10.77
C GLY A 89 -13.74 9.49 10.49
N LEU A 90 -14.47 9.23 9.41
CA LEU A 90 -15.61 10.07 9.02
C LEU A 90 -16.83 9.78 9.89
N ALA A 91 -16.67 8.91 10.88
CA ALA A 91 -17.76 8.56 11.80
C ALA A 91 -18.30 9.81 12.49
N ASP A 92 -17.40 10.73 12.82
CA ASP A 92 -17.76 11.98 13.47
C ASP A 92 -18.72 12.78 12.59
N SER A 93 -18.48 12.74 11.29
CA SER A 93 -19.31 13.47 10.35
C SER A 93 -20.73 12.88 10.30
N ARG A 94 -20.84 11.59 10.56
CA ARG A 94 -22.14 10.93 10.55
C ARG A 94 -22.80 11.00 11.92
N ASP A 95 -22.00 10.85 12.96
CA ASP A 95 -22.52 10.80 14.32
C ASP A 95 -21.58 11.54 15.27
N SER A 96 -22.05 12.64 15.82
CA SER A 96 -21.25 13.41 16.75
C SER A 96 -22.16 14.21 17.69
N LYS A 97 -23.29 14.67 17.16
CA LYS A 97 -24.22 15.45 17.94
C LYS A 97 -25.60 14.80 17.95
N LYS A 98 -25.62 13.49 17.70
CA LYS A 98 -26.86 12.73 17.75
C LYS A 98 -27.22 12.45 19.20
N LYS A 99 -26.17 12.35 20.03
CA LYS A 99 -26.34 12.22 21.46
C LYS A 99 -26.94 13.49 22.06
N ASP A 100 -27.36 13.44 23.30
CA ASP A 100 -27.86 14.62 23.97
C ASP A 100 -26.70 15.51 24.38
N ARG A 101 -26.95 16.82 24.42
CA ARG A 101 -25.94 17.80 24.78
C ARG A 101 -25.34 17.50 26.16
N GLU A 102 -26.11 16.83 27.00
CA GLU A 102 -25.70 16.55 28.37
C GLU A 102 -25.54 15.06 28.59
N ASP A 103 -24.74 14.69 29.57
CA ASP A 103 -24.46 13.28 29.85
C ASP A 103 -24.75 12.97 31.31
N GLY A 104 -25.67 13.72 31.89
CA GLY A 104 -26.07 13.48 33.26
C GLY A 104 -27.20 12.49 33.34
N GLY A 105 -27.88 12.29 32.20
CA GLY A 105 -28.94 11.32 32.12
C GLY A 105 -28.46 9.91 32.37
N GLY A 106 -29.07 9.24 33.34
CA GLY A 106 -28.64 7.92 33.70
C GLY A 106 -27.79 7.94 34.96
N SER A 107 -27.92 9.03 35.72
CA SER A 107 -27.14 9.24 36.93
C SER A 107 -25.65 9.35 36.61
N GLY A 108 -25.17 10.58 36.48
CA GLY A 108 -23.78 10.81 36.20
C GLY A 108 -22.95 10.92 37.47
N GLY A 109 -22.92 9.84 38.24
CA GLY A 109 -22.20 9.84 39.49
C GLY A 109 -20.84 9.18 39.37
N SER A 110 -20.41 8.55 40.45
CA SER A 110 -19.10 7.92 40.50
C SER A 110 -19.08 6.62 39.70
N LEU A 111 -20.23 5.98 39.60
CA LEU A 111 -20.34 4.71 38.90
C LEU A 111 -20.42 4.94 37.39
N ARG A 112 -19.27 4.93 36.74
CA ARG A 112 -19.21 5.11 35.29
C ARG A 112 -19.47 3.80 34.57
N LYS A 113 -20.68 3.28 34.77
CA LYS A 113 -21.11 2.05 34.11
C LYS A 113 -21.76 2.38 32.77
N LYS A 114 -21.81 3.66 32.44
CA LYS A 114 -22.29 4.10 31.16
C LYS A 114 -21.09 4.34 30.24
N ILE A 115 -21.34 4.93 29.08
CA ILE A 115 -20.27 5.22 28.12
C ILE A 115 -19.10 5.93 28.78
N ASN A 116 -17.95 5.28 28.81
CA ASN A 116 -16.75 5.91 29.33
C ASN A 116 -16.03 6.68 28.23
N PRO A 117 -15.50 7.86 28.56
CA PRO A 117 -14.79 8.70 27.59
C PRO A 117 -13.64 7.97 26.90
N LYS A 118 -12.91 7.17 27.68
CA LYS A 118 -11.76 6.44 27.16
C LYS A 118 -12.17 5.44 26.07
N VAL A 119 -13.43 5.02 26.11
CA VAL A 119 -13.96 4.11 25.09
C VAL A 119 -13.94 4.77 23.73
N MET A 120 -14.37 6.02 23.68
CA MET A 120 -14.40 6.77 22.43
C MET A 120 -13.00 7.17 22.02
N ASN A 121 -12.09 7.22 22.99
CA ASN A 121 -10.67 7.44 22.72
C ASN A 121 -10.09 6.23 22.00
N MET A 122 -10.62 5.05 22.30
CA MET A 122 -10.21 3.83 21.61
C MET A 122 -10.69 3.86 20.17
N ILE A 123 -11.90 4.38 19.97
CA ILE A 123 -12.45 4.50 18.63
C ILE A 123 -11.70 5.59 17.86
N ASP A 124 -11.22 6.58 18.59
CA ASP A 124 -10.46 7.68 18.02
C ASP A 124 -9.27 7.15 17.21
N SER A 125 -8.71 6.04 17.66
CA SER A 125 -7.58 5.41 16.99
C SER A 125 -7.93 5.07 15.54
N VAL A 126 -9.13 4.54 15.30
CA VAL A 126 -9.54 4.17 13.95
C VAL A 126 -9.79 5.43 13.12
N GLU A 127 -10.27 6.47 13.78
CA GLU A 127 -10.56 7.74 13.11
C GLU A 127 -9.28 8.39 12.60
N LYS A 128 -8.24 8.34 13.42
CA LYS A 128 -6.95 8.94 13.05
C LYS A 128 -6.32 8.20 11.87
N LYS A 129 -6.60 6.90 11.79
CA LYS A 129 -5.98 6.03 10.79
C LYS A 129 -6.34 6.44 9.36
N GLU A 130 -7.48 7.12 9.19
CA GLU A 130 -7.92 7.53 7.85
C GLU A 130 -6.84 8.33 7.13
N MET A 131 -6.06 9.08 7.92
CA MET A 131 -5.00 9.92 7.38
C MET A 131 -3.96 9.06 6.66
N SER A 132 -3.69 7.90 7.23
CA SER A 132 -2.75 6.96 6.65
C SER A 132 -3.34 6.28 5.42
N LEU A 133 -4.62 5.91 5.49
CA LEU A 133 -5.25 5.16 4.40
C LEU A 133 -5.24 5.96 3.10
N LYS A 134 -5.72 7.20 3.15
CA LYS A 134 -5.80 8.01 1.94
C LYS A 134 -4.41 8.32 1.40
N HIS A 135 -3.44 8.40 2.31
CA HIS A 135 -2.05 8.58 1.94
C HIS A 135 -1.54 7.34 1.21
N MET A 136 -1.88 6.17 1.75
CA MET A 136 -1.49 4.91 1.15
C MET A 136 -2.11 4.75 -0.23
N MET A 137 -3.41 5.03 -0.34
CA MET A 137 -4.10 4.95 -1.62
C MET A 137 -3.40 5.81 -2.67
N LYS A 138 -3.02 7.02 -2.27
CA LYS A 138 -2.28 7.92 -3.14
C LYS A 138 -0.90 7.32 -3.48
N THR A 139 -0.23 6.79 -2.46
CA THR A 139 1.07 6.17 -2.64
C THR A 139 0.99 5.01 -3.64
N VAL A 140 -0.07 4.22 -3.53
CA VAL A 140 -0.30 3.08 -4.42
C VAL A 140 -0.46 3.56 -5.86
N LEU A 141 -1.22 4.62 -6.05
CA LEU A 141 -1.49 5.12 -7.39
C LEU A 141 -0.26 5.80 -7.98
N LYS A 142 0.48 6.52 -7.17
CA LYS A 142 1.71 7.14 -7.61
C LYS A 142 2.78 6.06 -7.85
N ASP A 143 2.67 4.97 -7.12
CA ASP A 143 3.56 3.82 -7.30
C ASP A 143 3.26 3.16 -8.64
N LYS A 144 2.00 3.24 -9.05
CA LYS A 144 1.58 2.80 -10.37
C LYS A 144 2.32 3.63 -11.42
N HIS A 145 2.40 4.93 -11.16
CA HIS A 145 3.10 5.86 -12.04
C HIS A 145 4.59 5.56 -12.06
N LYS A 146 5.10 5.04 -10.95
CA LYS A 146 6.49 4.60 -10.89
C LYS A 146 6.75 3.53 -11.96
N ILE A 147 5.83 2.56 -12.03
CA ILE A 147 5.94 1.48 -13.00
C ILE A 147 5.94 2.03 -14.42
N GLU A 148 5.09 3.03 -14.66
CA GLU A 148 5.04 3.71 -15.95
C GLU A 148 6.42 4.22 -16.35
N GLU A 149 7.09 4.88 -15.41
CA GLU A 149 8.44 5.41 -15.64
C GLU A 149 9.42 4.28 -15.92
N THR A 150 9.27 3.19 -15.18
CA THR A 150 10.13 2.03 -15.33
C THR A 150 10.03 1.46 -16.74
N ILE A 151 8.80 1.21 -17.20
CA ILE A 151 8.58 0.65 -18.52
C ILE A 151 9.14 1.58 -19.60
N ALA A 152 8.92 2.87 -19.42
CA ALA A 152 9.40 3.87 -20.38
C ALA A 152 10.93 3.88 -20.45
N THR A 153 11.59 3.76 -19.31
CA THR A 153 13.04 3.77 -19.27
C THR A 153 13.60 2.53 -19.95
N LEU A 154 13.02 1.36 -19.64
CA LEU A 154 13.45 0.11 -20.28
C LEU A 154 13.14 0.14 -21.77
N ASP A 155 12.06 0.82 -22.12
CA ASP A 155 11.67 0.96 -23.52
C ASP A 155 12.72 1.72 -24.32
N GLU A 156 13.32 2.73 -23.71
CA GLU A 156 14.34 3.50 -24.40
C GLU A 156 15.67 2.74 -24.42
N TYR A 157 15.86 1.85 -23.43
CA TYR A 157 16.99 0.92 -23.46
C TYR A 157 16.82 -0.06 -24.62
N LYS A 158 15.58 -0.48 -24.82
CA LYS A 158 15.21 -1.30 -25.98
C LYS A 158 15.62 -0.60 -27.27
N ARG A 159 15.45 0.72 -27.29
CA ARG A 159 15.82 1.53 -28.44
C ARG A 159 17.32 1.49 -28.68
N LYS A 160 18.10 1.66 -27.60
CA LYS A 160 19.55 1.62 -27.69
C LYS A 160 20.05 0.25 -28.14
N ALA A 161 19.43 -0.80 -27.59
CA ALA A 161 19.82 -2.17 -27.92
C ALA A 161 19.45 -2.52 -29.36
N SER A 162 20.41 -2.36 -30.25
CA SER A 162 20.22 -2.67 -31.66
C SER A 162 20.72 -4.06 -31.99
N GLY A 163 21.34 -4.69 -31.00
CA GLY A 163 21.88 -6.01 -31.18
C GLY A 163 22.69 -6.45 -29.99
N GLY A 164 23.29 -7.63 -30.09
CA GLY A 164 24.08 -8.16 -28.99
C GLY A 164 23.21 -8.58 -27.84
N SER A 165 21.98 -8.98 -28.14
CA SER A 165 21.03 -9.36 -27.12
C SER A 165 19.85 -10.12 -27.75
N ALA A 166 19.46 -11.21 -27.10
CA ALA A 166 18.33 -12.00 -27.55
C ALA A 166 17.08 -11.59 -26.77
N GLY A 167 17.30 -10.82 -25.71
CA GLY A 167 16.22 -10.39 -24.87
C GLY A 167 15.55 -9.12 -25.36
N THR A 168 16.09 -8.55 -26.44
CA THR A 168 15.53 -7.34 -27.00
C THR A 168 14.14 -7.59 -27.58
N ARG A 169 14.02 -8.62 -28.42
CA ARG A 169 12.72 -8.97 -28.99
C ARG A 169 11.83 -9.61 -27.93
N MET A 170 12.45 -10.28 -26.96
CA MET A 170 11.73 -10.89 -25.86
C MET A 170 11.11 -9.81 -24.99
N PHE A 171 11.81 -8.68 -24.88
CA PHE A 171 11.32 -7.54 -24.13
C PHE A 171 10.03 -7.00 -24.73
N GLU A 172 9.89 -7.12 -26.05
CA GLU A 172 8.68 -6.67 -26.72
C GLU A 172 7.46 -7.46 -26.23
N ASP A 173 7.61 -8.78 -26.22
CA ASP A 173 6.58 -9.66 -25.67
C ASP A 173 6.38 -9.36 -24.18
N ARG A 174 7.45 -8.92 -23.55
CA ARG A 174 7.44 -8.59 -22.14
C ARG A 174 6.68 -7.28 -21.90
N LYS A 175 6.68 -6.37 -22.87
CA LYS A 175 5.94 -5.12 -22.75
C LYS A 175 4.46 -5.42 -22.68
N GLU A 176 3.98 -6.13 -23.70
CA GLU A 176 2.56 -6.48 -23.78
C GLU A 176 2.18 -7.41 -22.63
N LYS A 177 3.11 -8.26 -22.22
CA LYS A 177 2.91 -9.12 -21.07
C LYS A 177 2.62 -8.28 -19.84
N ALA A 178 3.50 -7.32 -19.59
CA ALA A 178 3.39 -6.44 -18.42
C ALA A 178 2.13 -5.61 -18.47
N LEU A 179 1.91 -4.94 -19.60
CA LEU A 179 0.76 -4.05 -19.75
C LEU A 179 -0.55 -4.77 -19.51
N LYS A 180 -0.71 -5.93 -20.15
CA LYS A 180 -1.95 -6.70 -20.07
C LYS A 180 -2.16 -7.28 -18.67
N THR A 181 -1.10 -7.75 -18.04
CA THR A 181 -1.19 -8.31 -16.71
C THR A 181 -1.45 -7.21 -15.68
N MET A 182 -0.77 -6.08 -15.85
CA MET A 182 -0.90 -4.96 -14.95
C MET A 182 -2.31 -4.38 -15.00
N ALA A 183 -2.86 -4.27 -16.21
CA ALA A 183 -4.19 -3.71 -16.40
C ALA A 183 -5.27 -4.62 -15.82
N LYS A 184 -5.03 -5.93 -15.87
CA LYS A 184 -6.01 -6.90 -15.41
C LYS A 184 -6.10 -6.88 -13.89
N LYS A 185 -4.94 -6.75 -13.27
CA LYS A 185 -4.85 -6.62 -11.82
C LYS A 185 -5.29 -5.24 -11.36
N ASP A 186 -5.08 -4.25 -12.23
CA ASP A 186 -5.45 -2.87 -11.94
C ASP A 186 -6.97 -2.73 -11.79
N LEU A 187 -7.70 -3.56 -12.51
CA LEU A 187 -9.15 -3.57 -12.42
C LEU A 187 -9.61 -4.02 -11.03
N LYS A 188 -8.85 -4.94 -10.44
CA LYS A 188 -9.14 -5.41 -9.09
C LYS A 188 -8.86 -4.31 -8.07
N LEU A 189 -7.82 -3.53 -8.34
CA LEU A 189 -7.50 -2.36 -7.51
C LEU A 189 -8.69 -1.40 -7.52
N GLN A 190 -9.25 -1.19 -8.71
CA GLN A 190 -10.44 -0.36 -8.86
C GLN A 190 -11.59 -0.92 -8.04
N GLU A 191 -11.77 -2.23 -8.09
CA GLU A 191 -12.85 -2.88 -7.34
C GLU A 191 -12.65 -2.74 -5.84
N ILE A 192 -11.40 -2.69 -5.41
CA ILE A 192 -11.09 -2.46 -4.00
C ILE A 192 -11.73 -1.16 -3.54
N THR A 193 -11.47 -0.09 -4.27
CA THR A 193 -12.06 1.21 -3.93
C THR A 193 -13.57 1.21 -4.19
N GLU A 194 -13.98 0.61 -5.30
CA GLU A 194 -15.37 0.62 -5.73
C GLU A 194 -16.28 -0.08 -4.71
N LEU A 195 -15.94 -1.32 -4.39
CA LEU A 195 -16.77 -2.15 -3.54
C LEU A 195 -16.77 -1.64 -2.11
N LEU A 196 -15.59 -1.28 -1.60
CA LEU A 196 -15.46 -0.79 -0.24
C LEU A 196 -16.31 0.45 0.01
N ARG A 197 -16.57 1.25 -1.02
CA ARG A 197 -17.45 2.40 -0.85
C ARG A 197 -18.80 1.98 -0.24
N ASP A 198 -19.20 0.73 -0.47
CA ASP A 198 -20.38 0.17 0.16
C ASP A 198 -20.00 -0.82 1.26
N GLU A 199 -19.03 -1.68 0.95
CA GLU A 199 -18.64 -2.77 1.85
C GLU A 199 -17.84 -2.28 3.05
N ILE A 200 -17.55 -0.98 3.10
CA ILE A 200 -16.84 -0.40 4.22
C ILE A 200 -17.78 -0.22 5.40
N GLU A 201 -19.06 -0.08 5.08
CA GLU A 201 -20.11 0.28 6.05
C GLU A 201 -20.05 -0.47 7.40
N PRO A 202 -19.79 -1.80 7.43
CA PRO A 202 -19.64 -2.57 8.68
C PRO A 202 -18.63 -1.95 9.66
N LYS A 203 -17.78 -1.03 9.17
CA LYS A 203 -16.71 -0.40 9.97
C LYS A 203 -17.14 -0.04 11.40
N LEU A 204 -17.95 1.01 11.54
CA LEU A 204 -18.33 1.49 12.87
C LEU A 204 -19.35 0.57 13.52
N GLU A 205 -20.15 -0.09 12.69
CA GLU A 205 -21.17 -1.00 13.21
C GLU A 205 -20.53 -2.15 13.97
N LYS A 206 -19.50 -2.74 13.37
CA LYS A 206 -18.74 -3.80 14.02
C LYS A 206 -18.09 -3.30 15.30
N LEU A 207 -17.33 -2.22 15.16
CA LEU A 207 -16.64 -1.61 16.29
C LEU A 207 -17.61 -1.22 17.40
N ARG A 208 -18.78 -0.70 17.03
CA ARG A 208 -19.78 -0.28 17.99
C ARG A 208 -20.37 -1.48 18.72
N GLN A 209 -20.80 -2.48 17.97
CA GLN A 209 -21.44 -3.65 18.56
C GLN A 209 -20.46 -4.49 19.35
N GLU A 210 -19.29 -4.71 18.80
CA GLU A 210 -18.33 -5.62 19.39
C GLU A 210 -17.50 -4.95 20.48
N LYS A 211 -16.84 -3.84 20.14
CA LYS A 211 -15.90 -3.22 21.06
C LYS A 211 -16.63 -2.39 22.13
N ARG A 212 -17.45 -1.44 21.70
CA ARG A 212 -18.10 -0.53 22.65
C ARG A 212 -18.98 -1.29 23.64
N ALA A 213 -19.88 -2.11 23.12
CA ALA A 213 -20.88 -2.78 23.93
C ALA A 213 -20.27 -3.74 24.94
N PHE A 214 -19.51 -4.71 24.45
CA PHE A 214 -19.03 -5.80 25.29
C PHE A 214 -17.92 -5.35 26.23
N LEU A 215 -17.05 -4.47 25.77
CA LEU A 215 -15.90 -4.06 26.57
C LEU A 215 -16.29 -3.04 27.64
N ASP A 216 -16.95 -1.97 27.23
CA ASP A 216 -17.26 -0.87 28.15
C ASP A 216 -18.45 -1.19 29.05
N PHE A 217 -19.62 -1.31 28.43
CA PHE A 217 -20.87 -1.41 29.17
C PHE A 217 -20.93 -2.68 30.00
N GLN A 218 -20.45 -3.78 29.43
CA GLN A 218 -20.47 -5.07 30.11
C GLN A 218 -19.43 -5.12 31.22
N GLN A 219 -19.87 -4.84 32.43
CA GLN A 219 -18.99 -4.89 33.59
C GLN A 219 -19.01 -6.29 34.18
N THR A 220 -20.19 -6.88 34.19
CA THR A 220 -20.37 -8.22 34.69
C THR A 220 -20.90 -9.13 33.59
N GLN A 221 -20.78 -10.43 33.79
CA GLN A 221 -21.29 -11.41 32.84
C GLN A 221 -22.80 -11.32 32.73
N GLY A 1 36.21 22.72 18.16
CA GLY A 1 35.51 21.61 18.85
C GLY A 1 34.69 20.77 17.91
N HIS A 2 34.52 19.51 18.25
CA HIS A 2 33.76 18.58 17.41
C HIS A 2 33.32 17.39 18.26
N MET A 3 32.06 17.38 18.65
CA MET A 3 31.54 16.34 19.52
C MET A 3 30.93 15.21 18.70
N ARG A 4 30.18 15.58 17.67
CA ARG A 4 29.46 14.59 16.87
C ARG A 4 30.15 14.37 15.54
N ALA A 5 30.89 13.27 15.44
CA ALA A 5 31.56 12.90 14.20
C ALA A 5 30.70 11.94 13.41
N VAL A 6 30.23 12.40 12.26
CA VAL A 6 29.37 11.59 11.40
C VAL A 6 30.16 11.07 10.21
N THR A 7 30.29 9.76 10.12
CA THR A 7 31.01 9.14 9.01
C THR A 7 30.03 8.55 8.02
N PRO A 8 30.26 8.79 6.72
CA PRO A 8 29.37 8.32 5.65
C PRO A 8 29.57 6.85 5.32
N MET A 9 30.27 6.13 6.19
CA MET A 9 30.49 4.71 6.01
C MET A 9 29.81 3.91 7.11
N LYS A 10 28.53 3.62 6.89
CA LYS A 10 27.73 2.86 7.84
C LYS A 10 26.29 2.75 7.33
N ARG A 11 26.02 1.68 6.61
CA ARG A 11 24.71 1.44 6.05
C ARG A 11 24.58 -0.02 5.63
N VAL A 12 23.41 -0.61 5.82
CA VAL A 12 23.16 -1.97 5.40
C VAL A 12 23.18 -2.03 3.87
N PRO A 13 24.01 -2.91 3.29
CA PRO A 13 24.15 -3.05 1.84
C PRO A 13 22.81 -3.09 1.11
N ILE A 14 22.60 -2.12 0.23
CA ILE A 14 21.37 -2.00 -0.53
C ILE A 14 21.17 -3.23 -1.40
N LEU A 15 22.28 -3.77 -1.89
CA LEU A 15 22.27 -4.97 -2.70
C LEU A 15 21.72 -6.14 -1.89
N ALA A 16 22.22 -6.29 -0.67
CA ALA A 16 21.81 -7.37 0.21
C ALA A 16 20.33 -7.29 0.52
N ASN A 17 19.83 -6.08 0.73
CA ASN A 17 18.41 -5.86 0.99
C ASN A 17 17.59 -6.35 -0.20
N PHE A 18 18.05 -5.99 -1.39
CA PHE A 18 17.36 -6.38 -2.62
C PHE A 18 17.37 -7.90 -2.79
N GLU A 19 18.50 -8.52 -2.45
CA GLU A 19 18.67 -9.97 -2.58
C GLU A 19 17.63 -10.73 -1.77
N GLU A 20 17.54 -10.43 -0.48
CA GLU A 20 16.61 -11.13 0.40
C GLU A 20 15.16 -10.81 0.01
N TRP A 21 14.95 -9.57 -0.43
CA TRP A 21 13.64 -9.16 -0.92
C TRP A 21 13.20 -10.01 -2.08
N MET A 22 14.11 -10.23 -3.03
CA MET A 22 13.81 -11.02 -4.21
C MET A 22 13.45 -12.45 -3.82
N LYS A 23 14.23 -13.00 -2.89
CA LYS A 23 14.00 -14.35 -2.41
C LYS A 23 12.60 -14.48 -1.80
N MET A 24 12.24 -13.52 -0.97
CA MET A 24 10.96 -13.53 -0.29
C MET A 24 9.81 -13.25 -1.25
N ALA A 25 10.03 -12.32 -2.17
CA ALA A 25 9.00 -11.92 -3.12
C ALA A 25 8.70 -13.03 -4.13
N THR A 26 9.74 -13.66 -4.65
CA THR A 26 9.58 -14.71 -5.65
C THR A 26 8.90 -15.95 -5.05
N ASP A 27 9.21 -16.23 -3.81
CA ASP A 27 8.63 -17.39 -3.13
C ASP A 27 7.24 -17.04 -2.57
N ASN A 28 6.85 -15.77 -2.73
CA ASN A 28 5.52 -15.30 -2.36
C ASN A 28 5.26 -15.44 -0.85
N LYS A 29 6.28 -15.19 -0.06
CA LYS A 29 6.14 -15.24 1.39
C LYS A 29 6.18 -13.85 2.00
N ILE A 30 5.79 -12.87 1.22
CA ILE A 30 5.68 -11.49 1.70
C ILE A 30 4.35 -11.30 2.44
N ASN A 31 4.44 -11.10 3.75
CA ASN A 31 3.25 -10.86 4.56
C ASN A 31 2.67 -9.50 4.23
N ALA A 32 1.35 -9.39 4.30
CA ALA A 32 0.68 -8.14 3.96
C ALA A 32 1.01 -7.05 4.97
N ALA A 33 1.24 -7.45 6.22
CA ALA A 33 1.65 -6.51 7.26
C ALA A 33 2.91 -5.76 6.85
N ASN A 34 3.91 -6.50 6.38
CA ASN A 34 5.18 -5.91 5.97
C ASN A 34 5.23 -5.75 4.46
N SER A 35 4.07 -5.87 3.80
CA SER A 35 3.98 -5.55 2.40
C SER A 35 4.23 -4.05 2.23
N TRP A 36 3.99 -3.33 3.33
CA TRP A 36 4.38 -1.95 3.42
C TRP A 36 5.88 -1.86 3.61
N ASN A 37 6.48 -0.91 2.93
CA ASN A 37 7.92 -0.67 2.95
C ASN A 37 8.68 -1.81 2.25
N PHE A 38 7.96 -2.75 1.67
CA PHE A 38 8.57 -3.84 0.93
C PHE A 38 8.43 -3.62 -0.57
N ALA A 39 8.29 -2.37 -0.97
CA ALA A 39 8.04 -2.06 -2.36
C ALA A 39 9.32 -2.19 -3.19
N LEU A 40 9.28 -3.08 -4.17
CA LEU A 40 10.38 -3.25 -5.12
C LEU A 40 10.45 -2.05 -6.05
N ILE A 41 9.33 -1.35 -6.13
CA ILE A 41 9.14 -0.29 -7.11
C ILE A 41 10.06 0.90 -6.87
N ASP A 42 10.43 1.13 -5.62
CA ASP A 42 11.36 2.22 -5.29
C ASP A 42 12.72 1.99 -5.92
N TYR A 43 13.09 0.72 -6.07
CA TYR A 43 14.40 0.35 -6.59
C TYR A 43 14.50 0.62 -8.09
N PHE A 44 13.38 0.55 -8.80
CA PHE A 44 13.36 0.73 -10.24
C PHE A 44 13.93 2.09 -10.64
N HIS A 45 13.70 3.11 -9.80
CA HIS A 45 14.23 4.45 -10.07
C HIS A 45 15.74 4.46 -10.00
N ASP A 46 16.29 3.85 -8.95
CA ASP A 46 17.74 3.71 -8.83
C ASP A 46 18.27 2.89 -10.00
N MET A 47 17.65 1.74 -10.21
CA MET A 47 17.90 0.89 -11.38
C MET A 47 19.26 0.20 -11.31
N SER A 48 20.14 0.67 -10.42
CA SER A 48 21.50 0.18 -10.32
C SER A 48 21.58 -1.33 -10.06
N LEU A 49 20.54 -1.87 -9.43
CA LEU A 49 20.54 -3.28 -9.03
C LEU A 49 19.98 -4.17 -10.15
N LEU A 50 19.43 -3.55 -11.18
CA LEU A 50 18.90 -4.29 -12.32
C LEU A 50 19.75 -4.02 -13.54
N LYS A 51 20.32 -2.82 -13.59
CA LYS A 51 21.19 -2.43 -14.68
C LYS A 51 22.59 -2.95 -14.45
N GLU A 52 23.21 -3.45 -15.50
CA GLU A 52 24.55 -3.98 -15.43
C GLU A 52 25.46 -3.19 -16.36
N GLY A 53 26.18 -2.23 -15.78
CA GLY A 53 27.01 -1.37 -16.58
C GLY A 53 26.22 -0.24 -17.21
N ASP A 54 26.11 -0.25 -18.54
CA ASP A 54 25.40 0.80 -19.25
C ASP A 54 24.02 0.32 -19.70
N SER A 55 23.79 -0.98 -19.59
CA SER A 55 22.56 -1.57 -20.08
C SER A 55 21.92 -2.39 -18.98
N VAL A 56 20.65 -2.71 -19.14
CA VAL A 56 19.91 -3.40 -18.11
C VAL A 56 19.53 -4.80 -18.53
N ASN A 57 19.78 -5.74 -17.64
CA ASN A 57 19.43 -7.12 -17.89
C ASN A 57 17.93 -7.30 -17.87
N PHE A 58 17.35 -7.38 -19.05
CA PHE A 58 15.91 -7.57 -19.20
C PHE A 58 15.49 -8.91 -18.60
N GLN A 59 16.48 -9.73 -18.26
CA GLN A 59 16.22 -11.02 -17.67
C GLN A 59 15.73 -10.84 -16.24
N LYS A 60 16.56 -10.19 -15.43
CA LYS A 60 16.17 -9.87 -14.06
C LYS A 60 15.13 -8.76 -14.06
N ALA A 61 15.14 -7.92 -15.08
CA ALA A 61 14.18 -6.84 -15.21
C ALA A 61 12.77 -7.38 -15.43
N SER A 62 12.62 -8.37 -16.29
CA SER A 62 11.31 -8.96 -16.54
C SER A 62 10.80 -9.67 -15.29
N CYS A 63 11.71 -10.35 -14.58
CA CYS A 63 11.37 -11.04 -13.35
C CYS A 63 10.89 -10.05 -12.29
N THR A 64 11.61 -8.95 -12.15
CA THR A 64 11.29 -7.94 -11.15
C THR A 64 10.08 -7.11 -11.54
N LEU A 65 9.86 -6.96 -12.85
CA LEU A 65 8.69 -6.25 -13.34
C LEU A 65 7.43 -7.05 -13.04
N ASP A 66 7.50 -8.35 -13.28
CA ASP A 66 6.41 -9.27 -12.96
C ASP A 66 6.16 -9.29 -11.45
N GLY A 67 7.25 -9.41 -10.69
CA GLY A 67 7.17 -9.37 -9.26
C GLY A 67 6.63 -8.05 -8.76
N CYS A 68 6.94 -6.98 -9.48
CA CYS A 68 6.46 -5.64 -9.17
C CYS A 68 4.94 -5.61 -9.18
N VAL A 69 4.34 -6.26 -10.18
CA VAL A 69 2.89 -6.34 -10.28
C VAL A 69 2.31 -7.03 -9.04
N LYS A 70 3.01 -8.06 -8.58
CA LYS A 70 2.61 -8.78 -7.37
C LYS A 70 2.76 -7.88 -6.13
N ILE A 71 3.93 -7.27 -5.98
CA ILE A 71 4.20 -6.42 -4.83
C ILE A 71 3.24 -5.24 -4.78
N TYR A 72 2.95 -4.69 -5.96
CA TYR A 72 2.02 -3.58 -6.10
C TYR A 72 0.66 -3.95 -5.53
N THR A 73 0.09 -5.03 -6.05
CA THR A 73 -1.24 -5.45 -5.65
C THR A 73 -1.26 -6.00 -4.23
N SER A 74 -0.11 -6.51 -3.78
CA SER A 74 0.03 -6.95 -2.40
C SER A 74 -0.23 -5.78 -1.44
N ARG A 75 0.28 -4.61 -1.82
CA ARG A 75 0.07 -3.40 -1.04
C ARG A 75 -1.36 -2.91 -1.18
N VAL A 76 -1.94 -3.12 -2.36
CA VAL A 76 -3.34 -2.79 -2.59
C VAL A 76 -4.24 -3.61 -1.66
N ASP A 77 -3.95 -4.91 -1.59
CA ASP A 77 -4.63 -5.79 -0.65
C ASP A 77 -4.44 -5.31 0.77
N SER A 78 -3.24 -4.84 1.06
CA SER A 78 -2.91 -4.33 2.39
C SER A 78 -3.79 -3.12 2.73
N VAL A 79 -4.06 -2.26 1.76
CA VAL A 79 -4.94 -1.13 1.96
C VAL A 79 -6.34 -1.61 2.33
N ALA A 80 -6.86 -2.56 1.55
CA ALA A 80 -8.19 -3.11 1.79
C ALA A 80 -8.24 -3.80 3.15
N THR A 81 -7.13 -4.40 3.55
CA THR A 81 -7.03 -5.06 4.85
C THR A 81 -7.06 -4.03 5.97
N GLU A 82 -6.48 -2.86 5.71
CA GLU A 82 -6.50 -1.78 6.67
C GLU A 82 -7.89 -1.11 6.67
N THR A 83 -8.52 -1.10 5.50
CA THR A 83 -9.87 -0.59 5.36
C THR A 83 -10.84 -1.40 6.23
N GLY A 84 -10.68 -2.72 6.18
CA GLY A 84 -11.52 -3.61 6.94
C GLY A 84 -11.45 -3.36 8.43
N LYS A 85 -10.28 -2.96 8.92
CA LYS A 85 -10.10 -2.71 10.35
C LYS A 85 -10.99 -1.56 10.83
N LEU A 86 -11.12 -0.52 10.00
CA LEU A 86 -11.97 0.61 10.35
C LEU A 86 -13.45 0.23 10.23
N LEU A 87 -13.77 -0.57 9.23
CA LEU A 87 -15.14 -1.02 9.02
C LEU A 87 -15.55 -2.00 10.11
N SER A 88 -14.62 -2.87 10.50
CA SER A 88 -14.86 -3.82 11.57
C SER A 88 -14.99 -3.08 12.90
N GLY A 89 -14.28 -1.95 13.01
CA GLY A 89 -14.36 -1.13 14.21
C GLY A 89 -15.77 -0.60 14.47
N LEU A 90 -16.54 -0.46 13.40
CA LEU A 90 -17.93 -0.01 13.53
C LEU A 90 -18.79 -1.12 14.13
N ALA A 91 -18.54 -2.34 13.70
CA ALA A 91 -19.29 -3.50 14.16
C ALA A 91 -18.73 -4.03 15.48
N ASP A 92 -17.59 -3.49 15.88
CA ASP A 92 -16.92 -3.91 17.11
C ASP A 92 -17.78 -3.55 18.33
N SER A 93 -18.50 -2.45 18.21
CA SER A 93 -19.43 -2.03 19.24
C SER A 93 -20.76 -1.61 18.61
N ARG A 94 -21.71 -2.54 18.57
CA ARG A 94 -22.99 -2.30 17.91
C ARG A 94 -24.06 -1.87 18.89
N ASP A 95 -23.85 -2.15 20.17
CA ASP A 95 -24.82 -1.82 21.20
C ASP A 95 -24.34 -0.64 22.03
N SER A 96 -25.02 0.48 21.89
CA SER A 96 -24.67 1.69 22.62
C SER A 96 -25.61 1.92 23.78
N LYS A 97 -26.48 0.93 24.04
CA LYS A 97 -27.41 1.03 25.14
C LYS A 97 -26.72 0.75 26.46
N LYS A 98 -26.03 1.76 26.95
CA LYS A 98 -25.30 1.65 28.20
C LYS A 98 -25.72 2.74 29.17
N LYS A 99 -25.88 2.37 30.44
CA LYS A 99 -26.15 3.34 31.47
C LYS A 99 -24.83 3.79 32.10
N ASP A 100 -24.64 5.09 32.19
CA ASP A 100 -23.41 5.63 32.77
C ASP A 100 -23.67 6.03 34.20
N ARG A 101 -22.66 5.90 35.05
CA ARG A 101 -22.75 6.34 36.43
C ARG A 101 -22.86 7.85 36.46
N GLU A 102 -22.15 8.49 35.55
CA GLU A 102 -22.22 9.93 35.38
C GLU A 102 -23.50 10.29 34.63
N ASP A 103 -24.42 10.92 35.32
CA ASP A 103 -25.67 11.35 34.71
C ASP A 103 -25.45 12.63 33.93
N GLY A 104 -24.54 13.45 34.41
CA GLY A 104 -24.24 14.71 33.77
C GLY A 104 -24.33 15.86 34.74
N GLY A 105 -23.20 16.50 34.98
CA GLY A 105 -23.17 17.63 35.91
C GLY A 105 -24.08 18.75 35.49
N GLY A 106 -24.72 19.38 36.48
CA GLY A 106 -25.58 20.51 36.19
C GLY A 106 -24.77 21.76 35.88
N SER A 107 -23.64 21.88 36.57
CA SER A 107 -22.68 22.97 36.35
C SER A 107 -23.18 24.29 36.95
N GLY A 108 -24.45 24.61 36.72
CA GLY A 108 -24.99 25.87 37.21
C GLY A 108 -25.13 26.87 36.09
N GLY A 109 -26.03 26.60 35.18
CA GLY A 109 -26.23 27.45 34.03
C GLY A 109 -26.23 26.65 32.74
N SER A 110 -26.73 25.42 32.82
CA SER A 110 -26.75 24.52 31.68
C SER A 110 -28.13 23.89 31.54
N LEU A 111 -28.96 24.50 30.70
CA LEU A 111 -30.30 23.98 30.45
C LEU A 111 -30.22 22.71 29.62
N ARG A 112 -29.81 22.85 28.36
CA ARG A 112 -29.55 21.70 27.52
C ARG A 112 -28.06 21.42 27.47
N LYS A 113 -27.67 20.30 28.07
CA LYS A 113 -26.27 19.92 28.11
C LYS A 113 -25.88 19.30 26.77
N LYS A 114 -25.63 20.15 25.80
CA LYS A 114 -25.40 19.73 24.43
C LYS A 114 -24.09 18.99 24.25
N ILE A 115 -23.74 18.76 23.00
CA ILE A 115 -22.56 17.97 22.66
C ILE A 115 -21.31 18.81 22.82
N ASN A 116 -20.43 18.37 23.71
CA ASN A 116 -19.14 19.00 23.88
C ASN A 116 -18.24 18.64 22.70
N PRO A 117 -17.61 19.64 22.08
CA PRO A 117 -16.70 19.41 20.95
C PRO A 117 -15.54 18.48 21.32
N LYS A 118 -15.28 18.40 22.62
CA LYS A 118 -14.21 17.55 23.15
C LYS A 118 -14.53 16.08 22.92
N VAL A 119 -15.82 15.76 22.82
CA VAL A 119 -16.25 14.39 22.55
C VAL A 119 -15.78 13.97 21.15
N MET A 120 -15.84 14.92 20.22
CA MET A 120 -15.42 14.69 18.85
C MET A 120 -13.92 14.49 18.75
N ASN A 121 -13.20 14.82 19.81
CA ASN A 121 -11.76 14.61 19.86
C ASN A 121 -11.47 13.11 19.95
N MET A 122 -12.43 12.37 20.50
CA MET A 122 -12.35 10.91 20.56
C MET A 122 -12.59 10.32 19.17
N ILE A 123 -13.52 10.94 18.44
CA ILE A 123 -13.84 10.51 17.08
C ILE A 123 -12.66 10.74 16.15
N ASP A 124 -11.83 11.75 16.48
CA ASP A 124 -10.68 12.12 15.67
C ASP A 124 -9.80 10.91 15.32
N SER A 125 -9.81 9.91 16.20
CA SER A 125 -9.07 8.68 15.99
C SER A 125 -9.45 8.02 14.65
N VAL A 126 -10.74 7.88 14.40
CA VAL A 126 -11.21 7.25 13.17
C VAL A 126 -11.00 8.16 11.97
N GLU A 127 -11.06 9.47 12.22
CA GLU A 127 -10.85 10.47 11.17
C GLU A 127 -9.41 10.42 10.65
N LYS A 128 -8.45 10.49 11.57
CA LYS A 128 -7.04 10.52 11.20
C LYS A 128 -6.62 9.21 10.56
N LYS A 129 -7.17 8.10 11.04
CA LYS A 129 -6.83 6.79 10.51
C LYS A 129 -7.37 6.63 9.10
N GLU A 130 -8.53 7.22 8.85
CA GLU A 130 -9.16 7.19 7.53
C GLU A 130 -8.29 7.90 6.51
N MET A 131 -7.69 9.00 6.92
CA MET A 131 -6.79 9.77 6.07
C MET A 131 -5.60 8.91 5.63
N SER A 132 -5.18 8.01 6.50
CA SER A 132 -4.05 7.13 6.21
C SER A 132 -4.40 6.17 5.08
N LEU A 133 -5.67 5.78 4.99
CA LEU A 133 -6.13 4.89 3.93
C LEU A 133 -6.01 5.59 2.57
N LYS A 134 -6.47 6.83 2.52
CA LYS A 134 -6.38 7.64 1.31
C LYS A 134 -4.91 7.94 1.01
N HIS A 135 -4.15 8.21 2.06
CA HIS A 135 -2.71 8.44 1.94
C HIS A 135 -2.01 7.25 1.29
N MET A 136 -2.27 6.04 1.79
CA MET A 136 -1.65 4.83 1.26
C MET A 136 -2.05 4.60 -0.19
N MET A 137 -3.31 4.90 -0.51
CA MET A 137 -3.78 4.83 -1.90
C MET A 137 -2.94 5.75 -2.79
N LYS A 138 -2.80 7.00 -2.37
CA LYS A 138 -2.00 7.96 -3.11
C LYS A 138 -0.56 7.46 -3.28
N THR A 139 -0.06 6.79 -2.25
CA THR A 139 1.29 6.26 -2.26
C THR A 139 1.45 5.15 -3.30
N VAL A 140 0.58 4.14 -3.24
CA VAL A 140 0.71 2.98 -4.11
C VAL A 140 0.50 3.36 -5.59
N LEU A 141 -0.46 4.23 -5.87
CA LEU A 141 -0.66 4.72 -7.22
C LEU A 141 0.55 5.54 -7.70
N LYS A 142 1.26 6.16 -6.76
CA LYS A 142 2.48 6.88 -7.10
C LYS A 142 3.55 5.89 -7.54
N ASP A 143 3.53 4.70 -6.94
CA ASP A 143 4.44 3.64 -7.34
C ASP A 143 4.12 3.15 -8.75
N LYS A 144 2.84 3.21 -9.11
CA LYS A 144 2.42 2.91 -10.46
C LYS A 144 3.13 3.83 -11.45
N HIS A 145 3.24 5.10 -11.07
CA HIS A 145 3.94 6.08 -11.89
C HIS A 145 5.41 5.70 -12.05
N LYS A 146 6.00 5.20 -10.98
CA LYS A 146 7.40 4.73 -11.01
C LYS A 146 7.54 3.61 -12.04
N ILE A 147 6.55 2.73 -12.09
CA ILE A 147 6.52 1.64 -13.04
C ILE A 147 6.50 2.17 -14.47
N GLU A 148 5.61 3.13 -14.71
CA GLU A 148 5.47 3.75 -16.03
C GLU A 148 6.81 4.27 -16.54
N GLU A 149 7.50 5.01 -15.68
CA GLU A 149 8.77 5.62 -16.04
C GLU A 149 9.81 4.55 -16.37
N THR A 150 9.90 3.54 -15.52
CA THR A 150 10.88 2.48 -15.69
C THR A 150 10.63 1.69 -16.98
N ILE A 151 9.37 1.35 -17.25
CA ILE A 151 9.02 0.60 -18.44
C ILE A 151 9.45 1.35 -19.70
N ALA A 152 9.16 2.65 -19.75
CA ALA A 152 9.54 3.48 -20.89
C ALA A 152 11.05 3.52 -21.05
N THR A 153 11.76 3.51 -19.92
CA THR A 153 13.21 3.54 -19.94
C THR A 153 13.78 2.25 -20.51
N LEU A 154 13.29 1.11 -20.00
CA LEU A 154 13.74 -0.20 -20.46
C LEU A 154 13.37 -0.41 -21.92
N ASP A 155 12.17 0.03 -22.29
CA ASP A 155 11.69 -0.10 -23.66
C ASP A 155 12.56 0.70 -24.61
N GLU A 156 13.14 1.79 -24.11
CA GLU A 156 13.99 2.64 -24.91
C GLU A 156 15.34 1.97 -25.15
N TYR A 157 15.84 1.24 -24.15
CA TYR A 157 17.04 0.43 -24.33
C TYR A 157 16.78 -0.62 -25.39
N LYS A 158 15.63 -1.28 -25.28
CA LYS A 158 15.20 -2.29 -26.24
C LYS A 158 15.07 -1.69 -27.64
N ARG A 159 14.62 -0.43 -27.69
CA ARG A 159 14.43 0.27 -28.96
C ARG A 159 15.76 0.49 -29.68
N LYS A 160 16.76 0.98 -28.95
CA LYS A 160 18.08 1.20 -29.54
C LYS A 160 18.78 -0.12 -29.81
N ALA A 161 18.47 -1.13 -29.01
CA ALA A 161 19.08 -2.44 -29.15
C ALA A 161 18.60 -3.13 -30.43
N SER A 162 19.36 -4.13 -30.86
CA SER A 162 19.04 -4.88 -32.05
C SER A 162 17.91 -5.86 -31.77
N GLY A 163 16.93 -5.90 -32.67
CA GLY A 163 15.79 -6.79 -32.50
C GLY A 163 16.16 -8.25 -32.64
N GLY A 164 17.20 -8.52 -33.41
CA GLY A 164 17.63 -9.88 -33.64
C GLY A 164 18.47 -10.43 -32.49
N SER A 165 18.75 -9.58 -31.51
CA SER A 165 19.51 -9.98 -30.35
C SER A 165 18.61 -10.69 -29.34
N ALA A 166 19.19 -11.61 -28.58
CA ALA A 166 18.44 -12.33 -27.57
C ALA A 166 18.15 -11.43 -26.37
N GLY A 167 16.92 -11.47 -25.89
CA GLY A 167 16.54 -10.62 -24.79
C GLY A 167 15.58 -9.54 -25.23
N THR A 168 15.81 -9.00 -26.42
CA THR A 168 14.97 -7.98 -26.99
C THR A 168 13.53 -8.47 -27.16
N ARG A 169 13.39 -9.65 -27.74
CA ARG A 169 12.08 -10.24 -27.98
C ARG A 169 11.48 -10.72 -26.65
N MET A 170 12.35 -11.17 -25.75
CA MET A 170 11.91 -11.63 -24.44
C MET A 170 11.29 -10.47 -23.66
N PHE A 171 11.95 -9.32 -23.71
CA PHE A 171 11.45 -8.13 -23.03
C PHE A 171 10.17 -7.62 -23.69
N GLU A 172 10.17 -7.59 -25.02
CA GLU A 172 9.00 -7.13 -25.77
C GLU A 172 7.78 -7.97 -25.42
N ASP A 173 7.99 -9.28 -25.39
CA ASP A 173 6.95 -10.24 -25.05
C ASP A 173 6.49 -10.07 -23.61
N ARG A 174 7.44 -9.89 -22.71
CA ARG A 174 7.13 -9.74 -21.30
C ARG A 174 6.40 -8.43 -21.03
N LYS A 175 6.80 -7.38 -21.74
CA LYS A 175 6.22 -6.06 -21.52
C LYS A 175 4.73 -6.07 -21.83
N GLU A 176 4.35 -6.57 -23.00
CA GLU A 176 2.94 -6.60 -23.40
C GLU A 176 2.12 -7.45 -22.44
N LYS A 177 2.71 -8.53 -21.94
CA LYS A 177 2.04 -9.38 -20.97
C LYS A 177 1.91 -8.68 -19.63
N ALA A 178 2.98 -8.00 -19.23
CA ALA A 178 2.99 -7.23 -17.99
C ALA A 178 1.95 -6.11 -18.05
N LEU A 179 1.90 -5.41 -19.16
CA LEU A 179 0.93 -4.32 -19.35
C LEU A 179 -0.49 -4.89 -19.41
N LYS A 180 -0.62 -6.07 -20.01
CA LYS A 180 -1.90 -6.73 -20.12
C LYS A 180 -2.44 -7.12 -18.74
N THR A 181 -1.61 -7.80 -17.97
CA THR A 181 -2.02 -8.24 -16.65
C THR A 181 -2.12 -7.06 -15.69
N MET A 182 -1.27 -6.05 -15.89
CA MET A 182 -1.29 -4.85 -15.05
C MET A 182 -2.64 -4.15 -15.15
N ALA A 183 -3.19 -4.13 -16.36
CA ALA A 183 -4.51 -3.52 -16.58
C ALA A 183 -5.59 -4.27 -15.80
N LYS A 184 -5.45 -5.59 -15.76
CA LYS A 184 -6.42 -6.44 -15.05
C LYS A 184 -6.32 -6.20 -13.54
N LYS A 185 -5.11 -6.07 -13.04
CA LYS A 185 -4.90 -5.78 -11.62
C LYS A 185 -5.34 -4.35 -11.31
N ASP A 186 -5.13 -3.45 -12.26
CA ASP A 186 -5.53 -2.05 -12.13
C ASP A 186 -7.04 -1.93 -11.97
N LEU A 187 -7.77 -2.82 -12.64
CA LEU A 187 -9.22 -2.85 -12.56
C LEU A 187 -9.69 -3.05 -11.12
N LYS A 188 -9.11 -4.04 -10.45
CA LYS A 188 -9.48 -4.31 -9.06
C LYS A 188 -8.81 -3.31 -8.12
N LEU A 189 -7.63 -2.83 -8.52
CA LEU A 189 -6.93 -1.79 -7.77
C LEU A 189 -7.81 -0.56 -7.59
N GLN A 190 -8.19 0.05 -8.70
CA GLN A 190 -9.00 1.26 -8.67
C GLN A 190 -10.40 0.96 -8.15
N GLU A 191 -10.84 -0.27 -8.32
CA GLU A 191 -12.11 -0.71 -7.74
C GLU A 191 -12.06 -0.58 -6.22
N ILE A 192 -10.94 -1.02 -5.64
CA ILE A 192 -10.73 -0.91 -4.21
C ILE A 192 -10.58 0.56 -3.80
N THR A 193 -9.89 1.33 -4.62
CA THR A 193 -9.71 2.75 -4.37
C THR A 193 -11.06 3.47 -4.33
N GLU A 194 -11.93 3.15 -5.30
CA GLU A 194 -13.26 3.75 -5.35
C GLU A 194 -14.12 3.25 -4.21
N LEU A 195 -14.12 1.94 -4.00
CA LEU A 195 -14.88 1.33 -2.92
C LEU A 195 -14.50 1.92 -1.57
N LEU A 196 -13.20 2.10 -1.37
CA LEU A 196 -12.68 2.71 -0.15
C LEU A 196 -13.31 4.07 0.09
N ARG A 197 -13.17 4.97 -0.88
CA ARG A 197 -13.62 6.34 -0.72
C ARG A 197 -15.13 6.41 -0.48
N ASP A 198 -15.88 5.49 -1.08
CA ASP A 198 -17.33 5.51 -0.98
C ASP A 198 -17.82 4.88 0.32
N GLU A 199 -17.12 3.85 0.80
CA GLU A 199 -17.59 3.09 1.95
C GLU A 199 -16.94 3.58 3.25
N ILE A 200 -15.71 4.07 3.17
CA ILE A 200 -15.00 4.52 4.37
C ILE A 200 -15.48 5.91 4.81
N GLU A 201 -16.02 6.68 3.87
CA GLU A 201 -16.48 8.04 4.14
C GLU A 201 -17.68 8.06 5.11
N PRO A 202 -18.79 7.34 4.79
CA PRO A 202 -19.99 7.32 5.64
C PRO A 202 -19.70 6.79 7.05
N LYS A 203 -18.55 6.12 7.21
CA LYS A 203 -18.11 5.64 8.51
C LYS A 203 -18.05 6.78 9.52
N LEU A 204 -17.69 7.97 9.05
CA LEU A 204 -17.57 9.13 9.91
C LEU A 204 -18.94 9.60 10.36
N GLU A 205 -19.87 9.74 9.41
CA GLU A 205 -21.24 10.14 9.74
C GLU A 205 -21.88 9.09 10.62
N LYS A 206 -21.54 7.83 10.36
CA LYS A 206 -22.07 6.71 11.11
C LYS A 206 -21.64 6.77 12.56
N LEU A 207 -20.34 6.77 12.80
CA LEU A 207 -19.82 6.74 14.16
C LEU A 207 -20.04 8.07 14.89
N ARG A 208 -19.71 9.17 14.24
CA ARG A 208 -19.73 10.47 14.92
C ARG A 208 -21.15 10.95 15.23
N GLN A 209 -22.00 10.96 14.22
CA GLN A 209 -23.35 11.50 14.39
C GLN A 209 -24.22 10.61 15.26
N GLU A 210 -24.23 9.32 14.93
CA GLU A 210 -25.12 8.36 15.59
C GLU A 210 -24.78 8.22 17.07
N LYS A 211 -23.49 8.26 17.39
CA LYS A 211 -23.04 8.11 18.77
C LYS A 211 -23.67 9.19 19.65
N ARG A 212 -23.64 10.43 19.18
CA ARG A 212 -24.19 11.53 19.94
C ARG A 212 -25.70 11.63 19.76
N ALA A 213 -26.21 11.13 18.64
CA ALA A 213 -27.64 11.14 18.40
C ALA A 213 -28.35 10.18 19.35
N PHE A 214 -27.77 9.00 19.52
CA PHE A 214 -28.34 7.97 20.37
C PHE A 214 -28.19 8.32 21.85
N LEU A 215 -26.96 8.65 22.25
CA LEU A 215 -26.66 8.92 23.65
C LEU A 215 -27.09 10.32 24.07
N ASP A 216 -26.59 11.32 23.37
CA ASP A 216 -26.76 12.72 23.76
C ASP A 216 -28.16 13.23 23.43
N PHE A 217 -28.51 13.18 22.15
CA PHE A 217 -29.81 13.65 21.67
C PHE A 217 -30.95 12.83 22.26
N GLN A 218 -31.00 11.56 21.90
CA GLN A 218 -32.09 10.69 22.29
C GLN A 218 -31.91 10.19 23.73
N GLN A 219 -32.17 11.07 24.68
CA GLN A 219 -32.12 10.71 26.09
C GLN A 219 -33.33 9.85 26.44
N THR A 220 -34.45 10.17 25.83
CA THR A 220 -35.68 9.45 26.04
C THR A 220 -36.02 8.62 24.81
N GLN A 221 -36.49 7.40 25.04
CA GLN A 221 -36.86 6.51 23.95
C GLN A 221 -38.24 6.86 23.41
N GLY A 1 38.51 18.66 3.60
CA GLY A 1 39.73 18.69 4.45
C GLY A 1 39.55 17.95 5.75
N HIS A 2 40.67 17.63 6.41
CA HIS A 2 40.68 16.88 7.67
C HIS A 2 40.19 15.46 7.48
N MET A 3 38.88 15.28 7.43
CA MET A 3 38.27 13.95 7.29
C MET A 3 36.83 14.10 6.86
N ARG A 4 36.21 13.00 6.46
CA ARG A 4 34.81 13.02 6.03
C ARG A 4 33.99 12.02 6.84
N ALA A 5 32.82 12.45 7.27
CA ALA A 5 31.92 11.60 8.04
C ALA A 5 31.33 10.49 7.16
N VAL A 6 31.20 9.31 7.74
CA VAL A 6 30.64 8.17 7.06
C VAL A 6 29.19 7.96 7.49
N THR A 7 28.38 7.38 6.59
CA THR A 7 27.00 7.06 6.89
C THR A 7 26.91 5.99 7.99
N PRO A 8 26.23 6.32 9.10
CA PRO A 8 26.10 5.40 10.23
C PRO A 8 25.34 4.14 9.88
N MET A 9 24.29 4.30 9.11
CA MET A 9 23.45 3.18 8.73
C MET A 9 23.71 2.74 7.30
N LYS A 10 24.73 1.92 7.13
CA LYS A 10 25.06 1.32 5.85
C LYS A 10 26.17 0.28 6.06
N ARG A 11 25.77 -0.97 6.15
CA ARG A 11 26.74 -2.05 6.31
C ARG A 11 26.57 -3.09 5.22
N VAL A 12 25.32 -3.41 4.91
CA VAL A 12 25.01 -4.36 3.87
C VAL A 12 24.89 -3.65 2.52
N PRO A 13 25.41 -4.26 1.45
CA PRO A 13 25.26 -3.72 0.10
C PRO A 13 23.80 -3.55 -0.30
N ILE A 14 23.51 -2.46 -1.00
CA ILE A 14 22.13 -2.12 -1.38
C ILE A 14 21.48 -3.25 -2.17
N LEU A 15 22.25 -3.88 -3.04
CA LEU A 15 21.75 -4.98 -3.87
C LEU A 15 21.21 -6.13 -3.01
N ALA A 16 21.77 -6.31 -1.83
CA ALA A 16 21.39 -7.43 -0.97
C ALA A 16 20.03 -7.21 -0.33
N ASN A 17 19.68 -5.96 -0.12
CA ASN A 17 18.39 -5.62 0.48
C ASN A 17 17.26 -5.93 -0.50
N PHE A 18 17.51 -5.70 -1.77
CA PHE A 18 16.51 -5.97 -2.79
C PHE A 18 16.42 -7.47 -3.06
N GLU A 19 17.52 -8.17 -2.81
CA GLU A 19 17.58 -9.61 -3.00
C GLU A 19 16.68 -10.36 -2.02
N GLU A 20 16.70 -9.95 -0.76
CA GLU A 20 15.83 -10.58 0.25
C GLU A 20 14.37 -10.30 -0.09
N TRP A 21 14.11 -9.14 -0.67
CA TRP A 21 12.77 -8.77 -1.11
C TRP A 21 12.28 -9.73 -2.18
N MET A 22 13.19 -10.13 -3.06
CA MET A 22 12.84 -11.05 -4.13
C MET A 22 12.50 -12.42 -3.56
N LYS A 23 13.25 -12.84 -2.56
CA LYS A 23 13.02 -14.14 -1.92
C LYS A 23 11.64 -14.16 -1.26
N MET A 24 11.25 -13.04 -0.68
CA MET A 24 9.94 -12.93 -0.06
C MET A 24 8.84 -12.83 -1.12
N ALA A 25 9.12 -12.10 -2.19
CA ALA A 25 8.14 -11.87 -3.25
C ALA A 25 7.84 -13.14 -4.04
N THR A 26 8.86 -13.95 -4.32
CA THR A 26 8.68 -15.16 -5.10
C THR A 26 7.70 -16.12 -4.43
N ASP A 27 7.87 -16.30 -3.14
CA ASP A 27 7.04 -17.23 -2.38
C ASP A 27 5.82 -16.52 -1.80
N ASN A 28 5.74 -15.22 -2.08
CA ASN A 28 4.61 -14.39 -1.67
C ASN A 28 4.39 -14.45 -0.16
N LYS A 29 5.48 -14.47 0.58
CA LYS A 29 5.42 -14.51 2.04
C LYS A 29 5.43 -13.09 2.61
N ILE A 30 5.08 -12.13 1.76
CA ILE A 30 5.03 -10.74 2.16
C ILE A 30 3.74 -10.44 2.91
N ASN A 31 3.87 -10.11 4.19
CA ASN A 31 2.72 -9.79 5.02
C ASN A 31 2.30 -8.35 4.80
N ALA A 32 1.00 -8.10 4.87
CA ALA A 32 0.44 -6.79 4.55
C ALA A 32 0.96 -5.70 5.47
N ALA A 33 1.25 -6.06 6.71
CA ALA A 33 1.80 -5.12 7.68
C ALA A 33 3.14 -4.55 7.19
N ASN A 34 3.92 -5.38 6.50
CA ASN A 34 5.21 -4.95 6.00
C ASN A 34 5.22 -4.88 4.48
N SER A 35 4.05 -4.90 3.86
CA SER A 35 3.96 -4.63 2.43
C SER A 35 4.39 -3.21 2.17
N TRP A 36 4.21 -2.38 3.19
CA TRP A 36 4.65 -1.01 3.15
C TRP A 36 6.08 -0.95 3.64
N ASN A 37 6.88 -0.18 2.90
CA ASN A 37 8.33 -0.11 3.06
C ASN A 37 9.00 -1.31 2.37
N PHE A 38 8.17 -2.16 1.76
CA PHE A 38 8.66 -3.24 0.93
C PHE A 38 8.43 -2.90 -0.54
N ALA A 39 8.32 -1.61 -0.84
CA ALA A 39 7.99 -1.17 -2.19
C ALA A 39 9.17 -1.42 -3.14
N LEU A 40 8.92 -2.23 -4.16
CA LEU A 40 9.95 -2.56 -5.13
C LEU A 40 10.29 -1.35 -5.99
N ILE A 41 9.34 -0.44 -6.11
CA ILE A 41 9.46 0.71 -6.99
C ILE A 41 10.68 1.58 -6.63
N ASP A 42 11.05 1.57 -5.36
CA ASP A 42 12.18 2.35 -4.88
C ASP A 42 13.45 1.92 -5.61
N TYR A 43 13.67 0.62 -5.66
CA TYR A 43 14.82 0.05 -6.34
C TYR A 43 14.56 -0.11 -7.83
N PHE A 44 13.29 -0.35 -8.19
CA PHE A 44 12.91 -0.58 -9.58
C PHE A 44 13.26 0.64 -10.45
N HIS A 45 13.18 1.82 -9.85
CA HIS A 45 13.53 3.05 -10.54
C HIS A 45 15.01 3.07 -10.90
N ASP A 46 15.81 2.30 -10.16
CA ASP A 46 17.24 2.20 -10.39
C ASP A 46 17.54 0.92 -11.16
N MET A 47 16.48 0.18 -11.48
CA MET A 47 16.55 -1.10 -12.18
C MET A 47 17.09 -2.21 -11.26
N SER A 48 17.13 -3.43 -11.79
CA SER A 48 17.58 -4.59 -11.04
C SER A 48 18.95 -4.34 -10.42
N LEU A 49 19.05 -4.63 -9.12
CA LEU A 49 20.28 -4.40 -8.38
C LEU A 49 21.41 -5.31 -8.87
N LEU A 50 21.04 -6.38 -9.54
CA LEU A 50 22.01 -7.30 -10.12
C LEU A 50 22.31 -6.93 -11.57
N LYS A 51 22.07 -5.69 -11.93
CA LYS A 51 22.40 -5.20 -13.27
C LYS A 51 23.92 -5.12 -13.43
N GLU A 52 24.38 -4.91 -14.65
CA GLU A 52 25.82 -4.90 -14.90
C GLU A 52 26.31 -3.48 -15.11
N GLY A 53 26.84 -2.89 -14.05
CA GLY A 53 27.25 -1.51 -14.09
C GLY A 53 26.06 -0.58 -14.25
N ASP A 54 25.92 0.00 -15.42
CA ASP A 54 24.76 0.82 -15.74
C ASP A 54 23.91 0.12 -16.80
N SER A 55 24.41 -1.03 -17.26
CA SER A 55 23.70 -1.83 -18.24
C SER A 55 22.77 -2.79 -17.52
N VAL A 56 21.66 -3.12 -18.15
CA VAL A 56 20.64 -3.92 -17.51
C VAL A 56 20.30 -5.13 -18.35
N ASN A 57 20.28 -6.27 -17.70
CA ASN A 57 19.91 -7.52 -18.35
C ASN A 57 18.40 -7.58 -18.41
N PHE A 58 17.87 -7.54 -19.63
CA PHE A 58 16.43 -7.52 -19.82
C PHE A 58 15.79 -8.81 -19.31
N GLN A 59 16.61 -9.80 -19.00
CA GLN A 59 16.12 -11.07 -18.50
C GLN A 59 15.64 -10.91 -17.06
N LYS A 60 16.54 -10.46 -16.20
CA LYS A 60 16.21 -10.23 -14.81
C LYS A 60 15.28 -9.03 -14.68
N ALA A 61 15.41 -8.07 -15.60
CA ALA A 61 14.53 -6.92 -15.63
C ALA A 61 13.10 -7.36 -15.96
N SER A 62 13.00 -8.32 -16.86
CA SER A 62 11.72 -8.92 -17.22
C SER A 62 11.04 -9.51 -15.98
N CYS A 63 11.80 -10.29 -15.22
CA CYS A 63 11.29 -10.88 -13.98
C CYS A 63 10.94 -9.80 -12.96
N THR A 64 11.78 -8.78 -12.87
CA THR A 64 11.55 -7.68 -11.93
C THR A 64 10.27 -6.93 -12.27
N LEU A 65 10.06 -6.66 -13.56
CA LEU A 65 8.85 -5.98 -14.02
C LEU A 65 7.60 -6.79 -13.67
N ASP A 66 7.63 -8.08 -14.02
CA ASP A 66 6.53 -8.98 -13.72
C ASP A 66 6.26 -9.06 -12.21
N GLY A 67 7.35 -9.09 -11.44
CA GLY A 67 7.24 -9.15 -10.00
C GLY A 67 6.65 -7.89 -9.40
N CYS A 68 6.97 -6.75 -10.00
CA CYS A 68 6.43 -5.48 -9.53
C CYS A 68 4.92 -5.43 -9.66
N VAL A 69 4.40 -5.97 -10.75
CA VAL A 69 2.96 -6.02 -10.97
C VAL A 69 2.29 -6.88 -9.89
N LYS A 70 2.92 -8.01 -9.59
CA LYS A 70 2.41 -8.95 -8.58
C LYS A 70 2.32 -8.28 -7.21
N ILE A 71 3.43 -7.68 -6.78
CA ILE A 71 3.48 -7.08 -5.46
C ILE A 71 2.65 -5.79 -5.41
N TYR A 72 2.61 -5.06 -6.51
CA TYR A 72 1.86 -3.81 -6.58
C TYR A 72 0.40 -4.03 -6.18
N THR A 73 -0.23 -4.98 -6.84
CA THR A 73 -1.64 -5.26 -6.58
C THR A 73 -1.85 -5.90 -5.22
N SER A 74 -0.84 -6.64 -4.75
CA SER A 74 -0.90 -7.22 -3.42
C SER A 74 -0.77 -6.13 -2.35
N ARG A 75 -0.12 -5.03 -2.71
CA ARG A 75 -0.04 -3.87 -1.83
C ARG A 75 -1.39 -3.16 -1.77
N VAL A 76 -2.14 -3.28 -2.87
CA VAL A 76 -3.51 -2.79 -2.89
C VAL A 76 -4.38 -3.65 -1.96
N ASP A 77 -4.14 -4.96 -1.99
CA ASP A 77 -4.76 -5.86 -1.03
C ASP A 77 -4.41 -5.43 0.39
N SER A 78 -3.18 -4.96 0.55
CA SER A 78 -2.66 -4.56 1.85
C SER A 78 -3.34 -3.29 2.36
N VAL A 79 -3.61 -2.34 1.47
CA VAL A 79 -4.22 -1.08 1.89
C VAL A 79 -5.61 -1.32 2.46
N ALA A 80 -6.37 -2.23 1.84
CA ALA A 80 -7.70 -2.57 2.37
C ALA A 80 -7.57 -3.37 3.66
N THR A 81 -6.51 -4.15 3.77
CA THR A 81 -6.26 -4.93 4.97
C THR A 81 -6.12 -4.02 6.18
N GLU A 82 -5.61 -2.82 5.94
CA GLU A 82 -5.45 -1.83 6.99
C GLU A 82 -6.81 -1.29 7.43
N THR A 83 -7.62 -0.90 6.45
CA THR A 83 -8.92 -0.29 6.72
C THR A 83 -9.82 -1.22 7.51
N GLY A 84 -9.84 -2.49 7.12
CA GLY A 84 -10.69 -3.47 7.79
C GLY A 84 -10.43 -3.55 9.28
N LYS A 85 -9.17 -3.41 9.66
CA LYS A 85 -8.79 -3.50 11.06
C LYS A 85 -9.23 -2.24 11.82
N LEU A 86 -9.20 -1.10 11.15
CA LEU A 86 -9.66 0.14 11.74
C LEU A 86 -11.18 0.15 11.86
N LEU A 87 -11.85 -0.26 10.79
CA LEU A 87 -13.32 -0.32 10.76
C LEU A 87 -13.83 -1.30 11.82
N SER A 88 -13.08 -2.38 12.02
CA SER A 88 -13.41 -3.36 13.04
C SER A 88 -13.49 -2.70 14.41
N GLY A 89 -12.60 -1.74 14.65
CA GLY A 89 -12.60 -1.02 15.91
C GLY A 89 -13.65 0.08 15.93
N LEU A 90 -13.92 0.67 14.78
CA LEU A 90 -14.91 1.74 14.66
C LEU A 90 -16.32 1.23 14.94
N ALA A 91 -16.55 -0.04 14.64
CA ALA A 91 -17.83 -0.67 14.93
C ALA A 91 -18.14 -0.62 16.41
N ASP A 92 -17.10 -0.69 17.23
CA ASP A 92 -17.24 -0.60 18.68
C ASP A 92 -17.70 0.80 19.10
N SER A 93 -17.32 1.80 18.30
CA SER A 93 -17.66 3.18 18.59
C SER A 93 -19.12 3.47 18.25
N ARG A 94 -19.77 2.52 17.59
CA ARG A 94 -21.18 2.65 17.26
C ARG A 94 -22.06 2.29 18.44
N ASP A 95 -21.55 1.42 19.29
CA ASP A 95 -22.28 0.99 20.47
C ASP A 95 -22.00 1.91 21.64
N SER A 96 -22.99 2.70 22.02
CA SER A 96 -22.86 3.60 23.15
C SER A 96 -22.98 2.81 24.44
N LYS A 97 -21.84 2.54 25.07
CA LYS A 97 -21.81 1.77 26.29
C LYS A 97 -22.43 2.56 27.44
N LYS A 98 -22.03 3.82 27.57
CA LYS A 98 -22.63 4.70 28.56
C LYS A 98 -24.06 5.03 28.18
N LYS A 99 -24.99 4.66 29.04
CA LYS A 99 -26.41 4.89 28.79
C LYS A 99 -26.71 6.38 28.72
N ASP A 100 -27.16 6.82 27.55
CA ASP A 100 -27.49 8.22 27.32
C ASP A 100 -28.84 8.55 27.95
N ARG A 101 -28.97 9.75 28.47
CA ARG A 101 -30.22 10.21 29.03
C ARG A 101 -31.22 10.52 27.92
N GLU A 102 -30.91 11.53 27.12
CA GLU A 102 -31.78 11.95 26.03
C GLU A 102 -30.96 12.58 24.91
N ASP A 103 -31.05 11.99 23.72
CA ASP A 103 -30.35 12.47 22.52
C ASP A 103 -28.84 12.24 22.61
N GLY A 104 -28.21 12.93 23.53
CA GLY A 104 -26.77 12.82 23.68
C GLY A 104 -26.13 14.19 23.81
N GLY A 105 -26.68 15.16 23.09
CA GLY A 105 -26.19 16.52 23.16
C GLY A 105 -27.11 17.40 23.95
N GLY A 106 -26.87 18.70 23.90
CA GLY A 106 -27.69 19.63 24.64
C GLY A 106 -28.62 20.40 23.73
N SER A 107 -28.54 21.72 23.79
CA SER A 107 -29.38 22.58 22.99
C SER A 107 -28.60 23.81 22.53
N GLY A 108 -28.87 24.26 21.31
CA GLY A 108 -28.22 25.44 20.79
C GLY A 108 -29.11 26.65 20.85
N GLY A 109 -30.40 26.43 20.58
CA GLY A 109 -31.35 27.52 20.58
C GLY A 109 -31.44 28.20 19.24
N SER A 110 -31.30 29.52 19.23
CA SER A 110 -31.27 30.27 18.00
C SER A 110 -29.88 30.20 17.38
N LEU A 111 -28.89 30.05 18.25
CA LEU A 111 -27.50 29.86 17.82
C LEU A 111 -27.30 28.43 17.36
N ARG A 112 -27.40 28.22 16.06
CA ARG A 112 -27.21 26.90 15.49
C ARG A 112 -25.90 26.83 14.73
N LYS A 113 -25.27 27.98 14.53
CA LYS A 113 -23.91 28.03 14.03
C LYS A 113 -22.96 27.82 15.20
N LYS A 114 -22.73 26.57 15.54
CA LYS A 114 -22.02 26.23 16.76
C LYS A 114 -20.72 25.48 16.46
N ILE A 115 -19.79 25.56 17.39
CA ILE A 115 -18.59 24.75 17.33
C ILE A 115 -18.42 24.03 18.66
N ASN A 116 -18.75 22.76 18.67
CA ASN A 116 -18.61 21.94 19.87
C ASN A 116 -17.14 21.75 20.19
N PRO A 117 -16.75 21.89 21.47
CA PRO A 117 -15.35 21.72 21.90
C PRO A 117 -14.77 20.38 21.47
N LYS A 118 -15.63 19.38 21.32
CA LYS A 118 -15.20 18.05 20.96
C LYS A 118 -15.17 17.87 19.43
N VAL A 119 -15.61 18.88 18.68
CA VAL A 119 -15.64 18.78 17.22
C VAL A 119 -14.24 18.50 16.67
N MET A 120 -13.25 19.14 17.28
CA MET A 120 -11.87 18.99 16.90
C MET A 120 -11.38 17.58 17.20
N ASN A 121 -11.73 17.11 18.39
CA ASN A 121 -11.27 15.82 18.87
C ASN A 121 -11.93 14.68 18.11
N MET A 122 -13.21 14.85 17.79
CA MET A 122 -13.93 13.84 17.04
C MET A 122 -13.33 13.65 15.66
N ILE A 123 -13.02 14.75 14.98
CA ILE A 123 -12.37 14.66 13.69
C ILE A 123 -10.91 14.22 13.85
N ASP A 124 -10.31 14.58 14.97
CA ASP A 124 -8.93 14.16 15.26
C ASP A 124 -8.84 12.63 15.21
N SER A 125 -9.93 11.97 15.58
CA SER A 125 -10.03 10.51 15.50
C SER A 125 -9.95 10.03 14.05
N VAL A 126 -10.72 10.65 13.16
CA VAL A 126 -10.70 10.26 11.76
C VAL A 126 -9.39 10.69 11.10
N GLU A 127 -8.86 11.82 11.54
CA GLU A 127 -7.63 12.38 10.97
C GLU A 127 -6.44 11.44 11.20
N LYS A 128 -6.34 10.87 12.39
CA LYS A 128 -5.21 10.00 12.69
C LYS A 128 -5.29 8.70 11.90
N LYS A 129 -6.50 8.21 11.69
CA LYS A 129 -6.72 6.97 10.95
C LYS A 129 -6.47 7.15 9.46
N GLU A 130 -6.94 8.27 8.90
CA GLU A 130 -6.82 8.54 7.46
C GLU A 130 -5.36 8.65 7.05
N MET A 131 -4.51 9.03 8.00
CA MET A 131 -3.10 9.28 7.72
C MET A 131 -2.45 8.12 7.01
N SER A 132 -2.70 6.91 7.49
CA SER A 132 -2.13 5.72 6.88
C SER A 132 -2.82 5.42 5.56
N LEU A 133 -4.16 5.38 5.58
CA LEU A 133 -4.94 4.99 4.40
C LEU A 133 -4.69 5.91 3.21
N LYS A 134 -4.72 7.22 3.44
CA LYS A 134 -4.51 8.18 2.38
C LYS A 134 -3.11 8.04 1.80
N HIS A 135 -2.12 8.04 2.70
CA HIS A 135 -0.73 7.82 2.33
C HIS A 135 -0.55 6.53 1.53
N MET A 136 -1.14 5.45 2.01
CA MET A 136 -1.00 4.14 1.38
C MET A 136 -1.63 4.11 -0.01
N MET A 137 -2.84 4.65 -0.14
CA MET A 137 -3.49 4.75 -1.45
C MET A 137 -2.66 5.62 -2.39
N LYS A 138 -2.25 6.78 -1.89
CA LYS A 138 -1.46 7.72 -2.67
C LYS A 138 -0.16 7.08 -3.14
N THR A 139 0.50 6.36 -2.23
CA THR A 139 1.78 5.74 -2.52
C THR A 139 1.69 4.76 -3.70
N VAL A 140 0.69 3.88 -3.69
CA VAL A 140 0.56 2.91 -4.76
C VAL A 140 0.11 3.56 -6.08
N LEU A 141 -0.67 4.63 -5.99
CA LEU A 141 -1.05 5.36 -7.19
C LEU A 141 0.19 6.02 -7.82
N LYS A 142 0.97 6.70 -6.99
CA LYS A 142 2.23 7.29 -7.43
C LYS A 142 3.18 6.20 -7.89
N ASP A 143 3.03 5.02 -7.30
CA ASP A 143 3.83 3.85 -7.64
C ASP A 143 3.61 3.48 -9.09
N LYS A 144 2.35 3.43 -9.50
CA LYS A 144 1.99 3.10 -10.88
C LYS A 144 2.63 4.10 -11.84
N HIS A 145 2.63 5.37 -11.46
CA HIS A 145 3.24 6.41 -12.27
C HIS A 145 4.73 6.16 -12.45
N LYS A 146 5.38 5.69 -11.39
CA LYS A 146 6.80 5.37 -11.44
C LYS A 146 7.04 4.11 -12.26
N ILE A 147 6.13 3.15 -12.14
CA ILE A 147 6.22 1.90 -12.91
C ILE A 147 6.23 2.21 -14.40
N GLU A 148 5.25 2.98 -14.86
CA GLU A 148 5.14 3.35 -16.27
C GLU A 148 6.40 4.08 -16.73
N GLU A 149 6.93 4.92 -15.85
CA GLU A 149 8.14 5.66 -16.12
C GLU A 149 9.32 4.71 -16.38
N THR A 150 9.44 3.73 -15.51
CA THR A 150 10.51 2.75 -15.62
C THR A 150 10.32 1.86 -16.84
N ILE A 151 9.06 1.53 -17.14
CA ILE A 151 8.74 0.72 -18.32
C ILE A 151 9.24 1.41 -19.58
N ALA A 152 8.89 2.69 -19.74
CA ALA A 152 9.30 3.46 -20.90
C ALA A 152 10.82 3.61 -20.94
N THR A 153 11.41 3.81 -19.77
CA THR A 153 12.85 3.95 -19.67
C THR A 153 13.57 2.66 -20.05
N LEU A 154 13.05 1.52 -19.62
CA LEU A 154 13.65 0.25 -19.96
C LEU A 154 13.39 -0.08 -21.42
N ASP A 155 12.27 0.44 -21.94
CA ASP A 155 11.90 0.27 -23.34
C ASP A 155 12.88 1.02 -24.24
N GLU A 156 13.35 2.18 -23.78
CA GLU A 156 14.29 2.97 -24.56
C GLU A 156 15.68 2.33 -24.50
N TYR A 157 15.95 1.58 -23.44
CA TYR A 157 17.15 0.74 -23.38
C TYR A 157 17.03 -0.37 -24.41
N LYS A 158 15.84 -0.97 -24.45
CA LYS A 158 15.52 -2.00 -25.44
C LYS A 158 15.73 -1.45 -26.85
N ARG A 159 15.39 -0.19 -27.04
CA ARG A 159 15.54 0.47 -28.32
C ARG A 159 17.01 0.50 -28.76
N LYS A 160 17.89 0.85 -27.83
CA LYS A 160 19.32 0.92 -28.11
C LYS A 160 19.84 -0.43 -28.59
N ALA A 161 19.53 -1.49 -27.86
CA ALA A 161 19.97 -2.82 -28.20
C ALA A 161 19.13 -3.38 -29.36
N SER A 162 19.65 -3.27 -30.56
CA SER A 162 18.93 -3.73 -31.74
C SER A 162 19.35 -5.15 -32.13
N GLY A 163 18.55 -5.78 -32.99
CA GLY A 163 18.86 -7.12 -33.43
C GLY A 163 18.67 -8.14 -32.33
N GLY A 164 19.36 -9.27 -32.45
CA GLY A 164 19.28 -10.30 -31.43
C GLY A 164 20.49 -10.28 -30.53
N SER A 165 21.02 -9.09 -30.29
CA SER A 165 22.21 -8.92 -29.48
C SER A 165 21.90 -9.07 -28.00
N ALA A 166 20.65 -8.79 -27.63
CA ALA A 166 20.22 -8.88 -26.25
C ALA A 166 18.79 -9.39 -26.18
N GLY A 167 18.20 -9.39 -24.99
CA GLY A 167 16.83 -9.83 -24.83
C GLY A 167 15.82 -8.77 -25.23
N THR A 168 16.12 -8.10 -26.34
CA THR A 168 15.32 -7.01 -26.85
C THR A 168 13.87 -7.44 -27.10
N ARG A 169 13.69 -8.52 -27.84
CA ARG A 169 12.36 -8.99 -28.19
C ARG A 169 11.68 -9.60 -26.97
N MET A 170 12.46 -10.24 -26.13
CA MET A 170 11.94 -10.95 -24.96
C MET A 170 11.31 -9.96 -23.98
N PHE A 171 11.97 -8.83 -23.78
CA PHE A 171 11.44 -7.79 -22.91
C PHE A 171 10.20 -7.15 -23.53
N GLU A 172 10.19 -7.04 -24.85
CA GLU A 172 9.03 -6.49 -25.55
C GLU A 172 7.84 -7.44 -25.40
N ASP A 173 8.11 -8.73 -25.56
CA ASP A 173 7.10 -9.76 -25.31
C ASP A 173 6.58 -9.64 -23.89
N ARG A 174 7.50 -9.42 -22.95
CA ARG A 174 7.17 -9.28 -21.55
C ARG A 174 6.28 -8.06 -21.30
N LYS A 175 6.63 -6.93 -21.92
CA LYS A 175 5.91 -5.69 -21.70
C LYS A 175 4.42 -5.85 -22.00
N GLU A 176 4.11 -6.48 -23.14
CA GLU A 176 2.73 -6.76 -23.51
C GLU A 176 2.03 -7.51 -22.38
N LYS A 177 2.67 -8.56 -21.92
CA LYS A 177 2.11 -9.43 -20.91
C LYS A 177 2.02 -8.71 -19.57
N ALA A 178 2.99 -7.88 -19.28
CA ALA A 178 3.02 -7.11 -18.03
C ALA A 178 1.85 -6.13 -17.97
N LEU A 179 1.70 -5.34 -19.03
CA LEU A 179 0.62 -4.37 -19.11
C LEU A 179 -0.74 -5.07 -19.15
N LYS A 180 -0.76 -6.26 -19.73
CA LYS A 180 -1.98 -7.05 -19.82
C LYS A 180 -2.36 -7.58 -18.44
N THR A 181 -1.40 -8.21 -17.77
CA THR A 181 -1.62 -8.75 -16.43
C THR A 181 -1.93 -7.63 -15.45
N MET A 182 -1.31 -6.47 -15.66
CA MET A 182 -1.55 -5.31 -14.82
C MET A 182 -2.99 -4.82 -14.99
N ALA A 183 -3.52 -4.96 -16.20
CA ALA A 183 -4.90 -4.60 -16.49
C ALA A 183 -5.85 -5.65 -15.92
N LYS A 184 -5.38 -6.89 -15.86
CA LYS A 184 -6.16 -7.98 -15.28
C LYS A 184 -6.27 -7.78 -13.77
N LYS A 185 -5.15 -7.49 -13.13
CA LYS A 185 -5.12 -7.24 -11.70
C LYS A 185 -5.64 -5.85 -11.38
N ASP A 186 -5.80 -5.04 -12.42
CA ASP A 186 -6.31 -3.67 -12.29
C ASP A 186 -7.70 -3.64 -11.66
N LEU A 187 -8.50 -4.65 -11.94
CA LEU A 187 -9.85 -4.74 -11.38
C LEU A 187 -9.78 -4.87 -9.86
N LYS A 188 -8.65 -5.36 -9.35
CA LYS A 188 -8.45 -5.47 -7.92
C LYS A 188 -8.21 -4.10 -7.29
N LEU A 189 -7.47 -3.26 -8.01
CA LEU A 189 -7.19 -1.90 -7.55
C LEU A 189 -8.49 -1.10 -7.48
N GLN A 190 -9.31 -1.24 -8.51
CA GLN A 190 -10.59 -0.56 -8.55
C GLN A 190 -11.59 -1.20 -7.59
N GLU A 191 -11.41 -2.49 -7.34
CA GLU A 191 -12.23 -3.20 -6.36
C GLU A 191 -11.93 -2.66 -4.96
N ILE A 192 -10.65 -2.54 -4.63
CA ILE A 192 -10.24 -2.07 -3.32
C ILE A 192 -10.77 -0.66 -3.06
N THR A 193 -10.78 0.18 -4.09
CA THR A 193 -11.30 1.54 -3.94
C THR A 193 -12.84 1.52 -3.91
N GLU A 194 -13.44 0.57 -4.60
CA GLU A 194 -14.88 0.34 -4.51
C GLU A 194 -15.25 -0.09 -3.09
N LEU A 195 -14.36 -0.86 -2.47
CA LEU A 195 -14.52 -1.27 -1.08
C LEU A 195 -14.23 -0.08 -0.16
N LEU A 196 -13.32 0.79 -0.60
CA LEU A 196 -13.00 2.04 0.09
C LEU A 196 -14.25 2.91 0.23
N ARG A 197 -15.21 2.72 -0.65
CA ARG A 197 -16.53 3.34 -0.51
C ARG A 197 -17.12 3.07 0.89
N ASP A 198 -16.82 1.90 1.46
CA ASP A 198 -17.24 1.57 2.82
C ASP A 198 -16.05 1.67 3.76
N GLU A 199 -14.88 1.35 3.21
CA GLU A 199 -13.57 1.55 3.85
C GLU A 199 -13.19 3.03 3.89
N ILE A 200 -14.23 3.85 3.89
CA ILE A 200 -14.24 5.31 3.65
C ILE A 200 -13.03 6.12 4.14
N GLU A 201 -12.27 5.60 5.09
CA GLU A 201 -11.35 6.38 5.94
C GLU A 201 -10.70 7.64 5.26
N PRO A 202 -10.11 7.54 4.04
CA PRO A 202 -9.59 8.72 3.31
C PRO A 202 -10.62 9.84 3.12
N LYS A 203 -11.89 9.54 3.37
CA LYS A 203 -12.97 10.51 3.26
C LYS A 203 -12.82 11.61 4.30
N LEU A 204 -11.80 11.51 5.15
CA LEU A 204 -11.48 12.60 6.08
C LEU A 204 -11.19 13.89 5.30
N GLU A 205 -10.59 13.75 4.12
CA GLU A 205 -10.37 14.89 3.23
C GLU A 205 -11.70 15.60 2.99
N LYS A 206 -12.75 14.80 2.83
CA LYS A 206 -14.10 15.32 2.67
C LYS A 206 -14.61 15.83 4.01
N LEU A 207 -14.58 14.92 5.00
CA LEU A 207 -15.19 15.16 6.32
C LEU A 207 -14.65 16.41 6.99
N ARG A 208 -13.36 16.67 6.84
CA ARG A 208 -12.75 17.87 7.42
C ARG A 208 -13.49 19.11 6.95
N GLN A 209 -13.65 19.24 5.65
CA GLN A 209 -14.36 20.38 5.08
C GLN A 209 -15.86 20.27 5.36
N GLU A 210 -16.39 19.08 5.13
CA GLU A 210 -17.83 18.83 5.18
C GLU A 210 -18.42 19.10 6.55
N LYS A 211 -17.88 18.47 7.59
CA LYS A 211 -18.45 18.62 8.92
C LYS A 211 -18.20 20.01 9.47
N ARG A 212 -16.97 20.48 9.32
CA ARG A 212 -16.61 21.80 9.83
C ARG A 212 -17.43 22.90 9.17
N ALA A 213 -17.30 23.03 7.87
CA ALA A 213 -17.93 24.14 7.16
C ALA A 213 -19.44 23.95 7.01
N PHE A 214 -19.83 22.87 6.36
CA PHE A 214 -21.23 22.65 6.01
C PHE A 214 -22.10 22.42 7.24
N LEU A 215 -21.69 21.48 8.08
CA LEU A 215 -22.49 21.07 9.23
C LEU A 215 -22.37 22.05 10.41
N ASP A 216 -21.16 22.21 10.93
CA ASP A 216 -20.96 22.96 12.16
C ASP A 216 -20.97 24.48 11.98
N PHE A 217 -20.13 24.99 11.07
CA PHE A 217 -20.05 26.43 10.84
C PHE A 217 -21.39 26.98 10.38
N GLN A 218 -21.91 26.41 9.32
CA GLN A 218 -23.18 26.84 8.77
C GLN A 218 -24.34 26.35 9.64
N GLN A 219 -25.55 26.83 9.35
CA GLN A 219 -26.70 26.46 10.15
C GLN A 219 -27.40 25.24 9.52
N THR A 220 -28.56 25.46 8.89
CA THR A 220 -29.34 24.40 8.27
C THR A 220 -29.48 23.18 9.17
N GLN A 221 -29.73 23.44 10.45
CA GLN A 221 -29.85 22.38 11.44
C GLN A 221 -31.28 21.88 11.53
#